data_3H9G
#
_entry.id   3H9G
#
_cell.length_a   55.929
_cell.length_b   138.217
_cell.length_c   80.799
_cell.angle_alpha   90.00
_cell.angle_beta   92.38
_cell.angle_gamma   90.00
#
_symmetry.space_group_name_H-M   'P 1 21 1'
#
loop_
_entity.id
_entity.type
_entity.pdbx_description
1 polymer 'MccB protein'
2 polymer 'Microcin C7 analog'
3 non-polymer 'ZINC ION'
4 non-polymer 'SULFATE ION'
5 water water
#
loop_
_entity_poly.entity_id
_entity_poly.type
_entity_poly.pdbx_seq_one_letter_code
_entity_poly.pdbx_strand_id
1 'polypeptide(L)'
;GSHMDYILGRYVKIARYGSGGLVGGGGKEQYVENLVLWENIIKTAYCFITPSSYTAALETANIPEKDFSNCFRFLKENFF
IIPGEYNNSTENNRYSRNFLHYQSYGANPVLVQDKLKNAKVVILGCGGIGNHVSVILATSGIGEIILIDNDQIENTNLTR
QVLFSEDDVGKNKTEVIKRELLKRNSEISVSEIALNINDYTDLHKVPEADIWVVSADHPFNLINWVNKYCVRANQPYINA
GYVNDIAVFGPLYVPGKTGCYECQKVVADLYGSEKENIDHKIKLINSRFKPATFAPVNNVAAALCAADVIKFIGKYSEPL
SLNKRIGIWSDEIKIHSQNMGRSPVCSVCGNRM
;
A,B,C,D
2 'polypeptide(L)' MRTGNA(XSN) E,F,G,H
#
loop_
_chem_comp.id
_chem_comp.type
_chem_comp.name
_chem_comp.formula
SO4 non-polymer 'SULFATE ION' 'O4 S -2'
ZN non-polymer 'ZINC ION' 'Zn 2'
#
# COMPACT_ATOMS: atom_id res chain seq x y z
N MET A 4 36.79 36.31 5.06
CA MET A 4 35.64 37.09 5.60
C MET A 4 34.47 37.14 4.61
N ASP A 5 34.17 35.98 4.01
CA ASP A 5 33.08 35.87 3.05
C ASP A 5 31.71 35.64 3.71
N TYR A 6 30.70 36.23 3.08
CA TYR A 6 29.31 35.96 3.41
C TYR A 6 28.65 35.34 2.20
N ILE A 7 27.62 34.55 2.44
CA ILE A 7 26.85 33.89 1.40
C ILE A 7 25.34 33.90 1.72
N LEU A 8 24.54 34.13 0.69
CA LEU A 8 23.10 34.05 0.85
C LEU A 8 22.65 32.61 1.11
N GLY A 9 21.86 32.40 2.16
CA GLY A 9 21.39 31.05 2.49
C GLY A 9 20.42 30.49 1.46
N ARG A 10 20.52 29.20 1.16
CA ARG A 10 19.61 28.55 0.19
C ARG A 10 18.14 28.67 0.60
N TYR A 11 17.90 28.80 1.91
CA TYR A 11 16.57 28.80 2.51
C TYR A 11 15.88 30.18 2.45
N VAL A 12 16.46 31.12 1.73
CA VAL A 12 15.83 32.43 1.62
C VAL A 12 15.10 32.52 0.29
N LYS A 13 13.84 32.94 0.39
CA LYS A 13 13.02 33.19 -0.78
C LYS A 13 12.37 34.55 -0.58
N ILE A 14 11.98 35.16 -1.69
CA ILE A 14 11.41 36.50 -1.66
C ILE A 14 10.20 36.50 -2.57
N ALA A 15 9.33 37.49 -2.41
CA ALA A 15 8.16 37.57 -3.28
C ALA A 15 7.58 38.98 -3.27
N ARG A 16 7.15 39.42 -4.45
CA ARG A 16 6.39 40.65 -4.57
C ARG A 16 5.04 40.44 -3.88
N TYR A 17 4.64 41.44 -3.11
CA TYR A 17 3.49 41.34 -2.23
C TYR A 17 3.19 42.73 -1.71
N GLY A 18 1.91 43.08 -1.70
CA GLY A 18 1.46 44.39 -1.23
C GLY A 18 2.14 45.52 -1.98
N SER A 19 2.56 46.55 -1.24
CA SER A 19 3.21 47.71 -1.81
C SER A 19 4.72 47.50 -2.01
N GLY A 20 5.23 46.34 -1.56
CA GLY A 20 6.66 46.03 -1.64
C GLY A 20 6.86 44.55 -1.85
N GLY A 21 7.35 43.86 -0.82
CA GLY A 21 7.44 42.40 -0.88
C GLY A 21 7.91 41.69 0.36
N LEU A 22 7.91 40.36 0.29
CA LEU A 22 8.35 39.52 1.41
C LEU A 22 9.81 39.11 1.26
N VAL A 23 10.50 38.97 2.39
CA VAL A 23 11.88 38.47 2.43
C VAL A 23 12.01 37.28 3.40
N GLY A 24 12.32 36.10 2.86
CA GLY A 24 12.53 34.92 3.68
C GLY A 24 11.25 34.12 3.89
N GLY A 25 11.41 32.88 4.32
CA GLY A 25 10.29 31.98 4.55
C GLY A 25 10.32 31.44 5.96
N GLY A 26 9.15 31.25 6.56
CA GLY A 26 9.06 30.70 7.90
C GLY A 26 8.93 31.81 8.91
N GLY A 27 9.38 31.53 10.13
CA GLY A 27 9.29 32.45 11.25
C GLY A 27 9.93 33.80 11.00
N LYS A 28 11.03 33.81 10.23
CA LYS A 28 11.77 35.05 9.97
C LYS A 28 11.19 35.90 8.83
N GLU A 29 10.18 35.39 8.12
CA GLU A 29 9.54 36.13 7.02
C GLU A 29 9.21 37.58 7.38
N GLN A 30 9.72 38.51 6.58
CA GLN A 30 9.49 39.94 6.79
C GLN A 30 8.76 40.54 5.59
N TYR A 31 7.78 41.39 5.88
CA TYR A 31 7.12 42.17 4.85
C TYR A 31 7.65 43.59 4.91
N VAL A 32 8.40 43.98 3.88
CA VAL A 32 8.89 45.34 3.76
C VAL A 32 7.92 46.10 2.85
N GLU A 33 7.34 47.16 3.40
CA GLU A 33 6.28 47.96 2.77
C GLU A 33 6.75 48.76 1.55
N ASN A 34 7.89 49.45 1.70
CA ASN A 34 8.50 50.24 0.65
C ASN A 34 9.00 49.39 -0.51
N LEU A 35 8.67 49.79 -1.73
CA LEU A 35 9.10 49.05 -2.92
C LEU A 35 10.59 49.27 -3.19
N VAL A 36 11.04 50.51 -3.01
CA VAL A 36 12.44 50.88 -3.24
C VAL A 36 13.39 50.18 -2.27
N LEU A 37 12.95 50.01 -1.03
CA LEU A 37 13.77 49.30 -0.04
C LEU A 37 13.81 47.81 -0.34
N TRP A 38 12.66 47.25 -0.68
CA TRP A 38 12.56 45.82 -0.91
C TRP A 38 13.41 45.39 -2.10
N GLU A 39 13.31 46.16 -3.19
CA GLU A 39 14.10 45.93 -4.39
C GLU A 39 15.60 46.09 -4.10
N ASN A 40 15.96 47.05 -3.26
CA ASN A 40 17.33 47.20 -2.79
C ASN A 40 17.84 46.00 -1.98
N ILE A 41 16.96 45.39 -1.20
CA ILE A 41 17.31 44.20 -0.42
C ILE A 41 17.58 43.02 -1.35
N ILE A 42 16.78 42.91 -2.42
CA ILE A 42 16.98 41.89 -3.44
C ILE A 42 18.33 42.09 -4.14
N LYS A 43 18.67 43.36 -4.41
CA LYS A 43 19.90 43.67 -5.13
C LYS A 43 21.13 43.30 -4.32
N THR A 44 21.14 43.66 -3.05
CA THR A 44 22.26 43.35 -2.17
C THR A 44 22.41 41.84 -1.93
N ALA A 45 21.28 41.16 -1.64
CA ALA A 45 21.24 39.69 -1.46
C ALA A 45 21.75 38.93 -2.70
N TYR A 46 21.40 39.44 -3.87
CA TYR A 46 21.89 38.93 -5.16
C TYR A 46 23.43 38.97 -5.22
N CYS A 47 24.03 40.02 -4.65
CA CYS A 47 25.49 40.14 -4.58
C CYS A 47 26.19 39.12 -3.69
N PHE A 48 25.43 38.40 -2.87
CA PHE A 48 26.01 37.41 -1.96
C PHE A 48 25.69 35.97 -2.35
N ILE A 49 25.10 35.81 -3.53
CA ILE A 49 24.82 34.48 -4.04
C ILE A 49 26.08 33.63 -4.02
N THR A 50 27.22 34.23 -4.38
CA THR A 50 28.51 33.56 -4.37
C THR A 50 29.20 34.03 -3.09
N PRO A 51 30.05 33.18 -2.49
CA PRO A 51 30.69 33.57 -1.22
C PRO A 51 31.57 34.79 -1.43
N SER A 52 31.18 35.90 -0.81
CA SER A 52 31.76 37.22 -1.07
C SER A 52 31.94 38.01 0.23
N SER A 53 33.03 38.76 0.30
CA SER A 53 33.21 39.70 1.38
C SER A 53 32.31 40.89 1.10
N TYR A 54 32.03 41.66 2.14
CA TYR A 54 31.21 42.86 2.04
C TYR A 54 31.71 43.79 0.92
N THR A 55 33.02 44.01 0.88
CA THR A 55 33.62 44.91 -0.10
C THR A 55 33.50 44.36 -1.52
N ALA A 56 33.80 43.08 -1.69
CA ALA A 56 33.68 42.41 -3.00
C ALA A 56 32.25 42.39 -3.54
N ALA A 57 31.27 42.15 -2.65
CA ALA A 57 29.85 42.18 -3.02
C ALA A 57 29.39 43.59 -3.36
N LEU A 58 29.85 44.56 -2.56
CA LEU A 58 29.53 45.98 -2.76
C LEU A 58 29.98 46.45 -4.14
N GLU A 59 31.16 45.97 -4.55
CA GLU A 59 31.73 46.33 -5.85
C GLU A 59 30.86 45.93 -7.02
N THR A 60 30.02 44.92 -6.82
CA THR A 60 29.10 44.47 -7.86
C THR A 60 27.69 45.06 -7.72
N ALA A 61 27.45 45.81 -6.64
CA ALA A 61 26.15 46.44 -6.43
C ALA A 61 26.02 47.70 -7.29
N ASN A 62 24.81 47.97 -7.76
CA ASN A 62 24.52 49.23 -8.47
C ASN A 62 23.59 50.14 -7.65
N ILE A 63 23.79 50.13 -6.33
CA ILE A 63 23.03 50.97 -5.40
C ILE A 63 24.01 51.76 -4.53
N PRO A 64 23.57 52.92 -3.98
CA PRO A 64 24.44 53.68 -3.07
C PRO A 64 24.89 52.87 -1.87
N GLU A 65 26.14 53.08 -1.45
CA GLU A 65 26.77 52.32 -0.37
C GLU A 65 26.03 52.35 0.98
N LYS A 66 25.41 53.48 1.30
CA LYS A 66 24.61 53.61 2.53
C LYS A 66 23.42 52.64 2.52
N ASP A 67 22.78 52.51 1.36
CA ASP A 67 21.69 51.55 1.16
C ASP A 67 22.15 50.09 1.24
N PHE A 68 23.17 49.75 0.44
CA PHE A 68 23.82 48.44 0.52
C PHE A 68 24.16 48.07 1.96
N SER A 69 24.62 49.07 2.73
CA SER A 69 25.03 48.82 4.11
C SER A 69 23.86 48.46 5.02
N ASN A 70 22.72 49.12 4.83
CA ASN A 70 21.53 48.87 5.65
C ASN A 70 20.90 47.53 5.31
N CYS A 71 20.85 47.22 4.02
CA CYS A 71 20.35 45.93 3.54
C CYS A 71 21.23 44.78 4.00
N PHE A 72 22.54 44.94 3.89
CA PHE A 72 23.50 43.97 4.43
C PHE A 72 23.27 43.71 5.91
N ARG A 73 23.00 44.79 6.64
CA ARG A 73 22.73 44.69 8.07
C ARG A 73 21.43 43.97 8.33
N PHE A 74 20.40 44.31 7.56
CA PHE A 74 19.12 43.62 7.60
C PHE A 74 19.29 42.11 7.37
N LEU A 75 19.96 41.76 6.27
CA LEU A 75 20.15 40.37 5.84
C LEU A 75 20.93 39.54 6.84
N LYS A 76 21.99 40.14 7.38
CA LYS A 76 22.83 39.52 8.37
C LYS A 76 22.12 39.27 9.72
N GLU A 77 21.36 40.26 10.21
CA GLU A 77 20.76 40.11 11.54
C GLU A 77 19.73 38.96 11.53
N ASN A 78 19.08 38.78 10.39
CA ASN A 78 18.10 37.70 10.19
C ASN A 78 18.71 36.37 9.71
N PHE A 79 20.04 36.33 9.62
CA PHE A 79 20.75 35.13 9.12
C PHE A 79 20.29 34.68 7.73
N PHE A 80 19.91 35.65 6.89
CA PHE A 80 19.64 35.40 5.48
C PHE A 80 20.96 35.28 4.73
N ILE A 81 21.98 36.00 5.20
CA ILE A 81 23.37 35.77 4.79
C ILE A 81 24.15 35.29 6.01
N ILE A 82 25.05 34.34 5.78
CA ILE A 82 25.82 33.69 6.83
C ILE A 82 27.30 33.66 6.45
N PRO A 83 28.19 33.52 7.45
CA PRO A 83 29.60 33.24 7.18
C PRO A 83 29.78 32.19 6.08
N GLY A 84 30.58 32.53 5.06
CA GLY A 84 30.81 31.66 3.91
C GLY A 84 31.12 30.22 4.28
N GLU A 85 31.97 30.03 5.30
CA GLU A 85 32.36 28.71 5.80
C GLU A 85 31.20 27.82 6.29
N TYR A 86 30.11 28.43 6.74
CA TYR A 86 28.98 27.68 7.29
C TYR A 86 28.34 26.80 6.23
N ASN A 87 28.69 27.05 4.97
CA ASN A 87 28.12 26.32 3.84
C ASN A 87 29.03 25.22 3.26
N ASN A 88 30.15 24.95 3.94
CA ASN A 88 31.11 23.93 3.50
C ASN A 88 30.74 22.49 3.89
N SER A 89 30.01 21.81 2.99
CA SER A 89 29.64 20.39 3.17
C SER A 89 29.53 19.63 1.84
N ASN A 92 26.49 16.74 0.70
CA ASN A 92 26.73 15.30 0.48
C ASN A 92 26.54 14.52 1.79
N ASN A 93 26.76 15.22 2.90
CA ASN A 93 26.59 14.65 4.23
C ASN A 93 25.14 14.23 4.48
N ARG A 94 24.95 13.15 5.23
CA ARG A 94 23.62 12.62 5.55
C ARG A 94 22.73 13.60 6.31
N TYR A 95 23.35 14.48 7.10
CA TYR A 95 22.61 15.44 7.93
C TYR A 95 22.49 16.80 7.26
N SER A 96 22.75 16.87 5.95
CA SER A 96 22.78 18.14 5.20
C SER A 96 21.50 18.99 5.21
N ARG A 97 20.33 18.35 5.21
CA ARG A 97 19.07 19.10 5.19
C ARG A 97 18.76 19.80 6.53
N ASN A 98 19.24 19.22 7.64
CA ASN A 98 19.19 19.87 8.94
C ASN A 98 20.09 21.09 9.00
N PHE A 99 21.08 21.14 8.11
CA PHE A 99 22.11 22.17 8.11
C PHE A 99 21.55 23.52 7.73
N LEU A 100 20.63 23.52 6.76
CA LEU A 100 19.95 24.75 6.35
C LEU A 100 19.09 25.28 7.49
N HIS A 101 18.51 24.37 8.28
CA HIS A 101 17.71 24.73 9.45
C HIS A 101 18.64 25.38 10.47
N TYR A 102 19.75 24.72 10.79
CA TYR A 102 20.78 25.31 11.68
C TYR A 102 21.30 26.65 11.17
N GLN A 103 21.68 26.73 9.90
CA GLN A 103 22.10 28.02 9.31
C GLN A 103 21.07 29.15 9.54
N SER A 104 19.78 28.84 9.36
CA SER A 104 18.70 29.84 9.41
C SER A 104 18.54 30.51 10.77
N TYR A 105 19.09 29.88 11.81
CA TYR A 105 19.10 30.39 13.19
C TYR A 105 20.46 30.96 13.56
N GLY A 106 21.28 31.22 12.55
CA GLY A 106 22.57 31.87 12.75
C GLY A 106 23.60 30.99 13.42
N ALA A 107 23.44 29.67 13.29
CA ALA A 107 24.37 28.73 13.88
C ALA A 107 25.33 28.14 12.85
N ASN A 108 26.47 27.66 13.35
CA ASN A 108 27.42 26.88 12.56
C ASN A 108 26.97 25.42 12.51
N PRO A 109 26.54 24.95 11.32
CA PRO A 109 25.98 23.61 11.22
C PRO A 109 26.90 22.53 11.82
N VAL A 110 28.18 22.55 11.44
CA VAL A 110 29.18 21.59 11.92
C VAL A 110 29.27 21.55 13.44
N LEU A 111 29.10 22.71 14.09
CA LEU A 111 29.17 22.77 15.54
C LEU A 111 27.94 22.17 16.24
N VAL A 112 26.76 22.40 15.67
CA VAL A 112 25.54 21.79 16.21
C VAL A 112 25.63 20.27 16.05
N GLN A 113 26.05 19.83 14.87
CA GLN A 113 26.17 18.41 14.61
C GLN A 113 27.16 17.75 15.58
N ASP A 114 28.27 18.43 15.82
CA ASP A 114 29.29 17.92 16.75
C ASP A 114 28.75 17.80 18.18
N LYS A 115 27.95 18.78 18.62
CA LYS A 115 27.27 18.70 19.92
C LYS A 115 26.28 17.53 20.01
N LEU A 116 25.59 17.22 18.90
CA LEU A 116 24.68 16.09 18.84
C LEU A 116 25.40 14.74 18.91
N LYS A 117 26.49 14.60 18.16
CA LYS A 117 27.32 13.39 18.15
C LYS A 117 27.76 12.99 19.56
N ASN A 118 28.10 13.99 20.36
CA ASN A 118 28.63 13.78 21.70
C ASN A 118 27.55 13.71 22.77
N ALA A 119 26.29 13.66 22.36
CA ALA A 119 25.19 13.64 23.31
C ALA A 119 24.72 12.24 23.66
N LYS A 120 24.15 12.12 24.84
CA LYS A 120 23.63 10.87 25.33
C LYS A 120 22.19 11.16 25.78
N VAL A 121 21.24 10.42 25.23
CA VAL A 121 19.82 10.65 25.55
C VAL A 121 19.16 9.39 26.05
N VAL A 122 18.50 9.48 27.20
CA VAL A 122 17.71 8.40 27.76
C VAL A 122 16.26 8.51 27.28
N ILE A 123 15.79 7.48 26.59
CA ILE A 123 14.38 7.33 26.23
C ILE A 123 13.68 6.50 27.33
N LEU A 124 13.07 7.20 28.28
CA LEU A 124 12.37 6.54 29.39
C LEU A 124 10.91 6.33 29.00
N GLY A 125 10.57 5.09 28.66
CA GLY A 125 9.30 4.73 28.04
C GLY A 125 9.47 4.67 26.53
N CYS A 126 9.21 3.50 25.95
CA CYS A 126 9.37 3.28 24.52
C CYS A 126 8.05 3.00 23.79
N GLY A 127 6.96 3.58 24.30
CA GLY A 127 5.66 3.51 23.64
C GLY A 127 5.63 4.37 22.41
N GLY A 128 4.46 4.95 22.12
CA GLY A 128 4.27 5.78 20.92
C GLY A 128 5.11 7.04 20.84
N ILE A 129 5.26 7.72 21.98
CA ILE A 129 6.12 8.90 22.03
C ILE A 129 7.58 8.51 21.82
N GLY A 130 8.05 7.54 22.61
CA GLY A 130 9.44 7.05 22.59
C GLY A 130 9.93 6.58 21.25
N ASN A 131 9.05 5.87 20.53
CA ASN A 131 9.23 5.49 19.14
C ASN A 131 9.55 6.69 18.23
N HIS A 132 8.65 7.68 18.20
CA HIS A 132 8.82 8.84 17.33
C HIS A 132 10.00 9.71 17.74
N VAL A 133 10.21 9.90 19.03
CA VAL A 133 11.33 10.72 19.50
C VAL A 133 12.69 10.05 19.17
N SER A 134 12.81 8.77 19.48
CA SER A 134 14.04 8.04 19.26
C SER A 134 14.47 8.08 17.79
N VAL A 135 13.52 7.90 16.88
CA VAL A 135 13.84 7.88 15.46
C VAL A 135 14.21 9.26 14.94
N ILE A 136 13.52 10.30 15.43
CA ILE A 136 13.94 11.66 15.10
C ILE A 136 15.38 11.90 15.61
N LEU A 137 15.61 11.60 16.88
CA LEU A 137 16.94 11.82 17.46
C LEU A 137 18.03 10.97 16.80
N ALA A 138 17.69 9.72 16.46
CA ALA A 138 18.62 8.82 15.82
C ALA A 138 19.06 9.38 14.46
N THR A 139 18.10 9.71 13.60
CA THR A 139 18.38 10.15 12.24
C THR A 139 18.88 11.61 12.16
N SER A 140 18.86 12.31 13.28
CA SER A 140 19.44 13.65 13.40
C SER A 140 20.86 13.61 13.96
N GLY A 141 21.31 12.43 14.37
CA GLY A 141 22.70 12.24 14.74
C GLY A 141 23.05 12.35 16.20
N ILE A 142 22.10 12.07 17.09
CA ILE A 142 22.39 11.96 18.51
C ILE A 142 23.30 10.73 18.70
N GLY A 143 24.43 10.91 19.37
CA GLY A 143 25.47 9.87 19.44
C GLY A 143 25.11 8.63 20.22
N GLU A 144 24.34 8.81 21.28
CA GLU A 144 23.98 7.69 22.11
C GLU A 144 22.54 7.80 22.62
N ILE A 145 21.79 6.74 22.38
CA ILE A 145 20.39 6.64 22.76
C ILE A 145 20.23 5.41 23.63
N ILE A 146 19.69 5.60 24.83
CA ILE A 146 19.49 4.50 25.77
C ILE A 146 18.00 4.27 25.94
N LEU A 147 17.55 3.08 25.55
CA LEU A 147 16.13 2.75 25.57
C LEU A 147 15.77 2.06 26.85
N ILE A 148 14.71 2.52 27.50
CA ILE A 148 14.30 1.94 28.77
C ILE A 148 12.80 1.63 28.79
N ASP A 149 12.51 0.33 28.88
CA ASP A 149 11.17 -0.23 28.80
C ASP A 149 11.27 -1.74 29.02
N ASN A 150 10.28 -2.31 29.70
CA ASN A 150 10.26 -3.74 29.97
C ASN A 150 9.04 -4.42 29.37
N ASP A 151 8.22 -3.63 28.67
CA ASP A 151 7.02 -4.14 28.01
C ASP A 151 7.34 -4.92 26.73
N GLN A 152 6.34 -5.63 26.22
CA GLN A 152 6.44 -6.38 24.97
C GLN A 152 5.51 -5.78 23.93
N ILE A 153 5.89 -5.92 22.67
CA ILE A 153 5.09 -5.42 21.54
C ILE A 153 3.78 -6.20 21.41
N GLU A 154 2.67 -5.47 21.26
CA GLU A 154 1.35 -6.04 20.98
C GLU A 154 0.87 -5.63 19.60
N ASN A 155 -0.27 -6.21 19.17
CA ASN A 155 -0.88 -5.85 17.88
C ASN A 155 -1.56 -4.48 17.93
N THR A 156 -2.01 -4.08 19.12
CA THR A 156 -2.66 -2.80 19.34
C THR A 156 -1.67 -1.64 19.27
N ASN A 157 -0.38 -1.95 19.40
CA ASN A 157 0.69 -0.94 19.39
C ASN A 157 0.86 -0.27 18.04
N LEU A 158 0.46 -0.98 16.98
CA LEU A 158 0.79 -0.62 15.59
C LEU A 158 0.23 0.71 15.11
N THR A 159 -0.69 1.27 15.89
CA THR A 159 -1.30 2.57 15.61
C THR A 159 -0.30 3.74 15.57
N ARG A 160 0.48 3.89 16.64
CA ARG A 160 1.39 5.03 16.81
C ARG A 160 2.85 4.64 16.72
N GLN A 161 3.15 3.39 17.10
CA GLN A 161 4.52 2.93 17.25
C GLN A 161 5.12 2.53 15.90
N VAL A 162 5.53 3.54 15.17
CA VAL A 162 5.89 3.49 13.75
C VAL A 162 7.08 2.58 13.38
N LEU A 163 7.87 2.21 14.38
CA LEU A 163 9.03 1.37 14.10
C LEU A 163 8.65 -0.10 14.08
N PHE A 164 7.55 -0.42 14.76
CA PHE A 164 7.10 -1.77 14.98
C PHE A 164 6.30 -2.27 13.79
N SER A 165 6.42 -3.58 13.52
CA SER A 165 5.69 -4.28 12.47
C SER A 165 4.91 -5.46 13.05
N GLU A 166 4.03 -6.05 12.25
CA GLU A 166 3.23 -7.21 12.70
C GLU A 166 4.08 -8.36 13.22
N ASP A 167 5.19 -8.65 12.53
CA ASP A 167 6.10 -9.75 12.89
C ASP A 167 6.83 -9.53 14.21
N ASP A 168 6.75 -8.30 14.73
CA ASP A 168 7.47 -7.92 15.95
C ASP A 168 6.71 -8.27 17.22
N VAL A 169 5.43 -8.60 17.06
CA VAL A 169 4.58 -9.01 18.18
C VAL A 169 5.29 -10.05 19.05
N GLY A 170 5.24 -9.86 20.37
CA GLY A 170 5.87 -10.79 21.31
C GLY A 170 7.27 -10.42 21.73
N LYS A 171 8.02 -9.79 20.83
CA LYS A 171 9.37 -9.30 21.14
C LYS A 171 9.36 -8.10 22.11
N ASN A 172 10.51 -7.85 22.72
CA ASN A 172 10.70 -6.69 23.56
C ASN A 172 10.74 -5.42 22.74
N LYS A 173 10.14 -4.35 23.27
CA LYS A 173 10.09 -3.06 22.59
C LYS A 173 11.49 -2.49 22.36
N THR A 174 12.30 -2.45 23.41
CA THR A 174 13.66 -1.89 23.34
C THR A 174 14.50 -2.61 22.29
N GLU A 175 14.32 -3.93 22.20
CA GLU A 175 15.03 -4.76 21.23
C GLU A 175 14.71 -4.39 19.79
N VAL A 176 13.43 -4.26 19.47
CA VAL A 176 13.03 -3.89 18.09
C VAL A 176 13.35 -2.43 17.76
N ILE A 177 13.11 -1.51 18.69
CA ILE A 177 13.48 -0.11 18.45
C ILE A 177 14.97 -0.02 18.13
N LYS A 178 15.81 -0.59 19.01
CA LYS A 178 17.28 -0.59 18.78
C LYS A 178 17.62 -1.08 17.37
N ARG A 179 17.07 -2.24 17.00
CA ARG A 179 17.24 -2.79 15.65
C ARG A 179 16.83 -1.78 14.57
N GLU A 180 15.67 -1.16 14.75
CA GLU A 180 15.12 -0.27 13.72
C GLU A 180 15.86 1.06 13.64
N LEU A 181 16.36 1.52 14.79
CA LEU A 181 17.20 2.70 14.85
C LEU A 181 18.54 2.48 14.14
N LEU A 182 19.18 1.34 14.41
CA LEU A 182 20.50 1.06 13.82
C LEU A 182 20.47 0.92 12.30
N LYS A 183 19.37 0.40 11.76
CA LYS A 183 19.17 0.31 10.32
C LYS A 183 19.02 1.66 9.65
N ARG A 184 18.58 2.65 10.43
CA ARG A 184 18.43 4.03 9.98
C ARG A 184 19.72 4.82 10.19
N ASN A 185 20.32 4.67 11.36
CA ASN A 185 21.58 5.33 11.63
C ASN A 185 22.55 4.38 12.32
N SER A 186 23.36 3.69 11.51
CA SER A 186 24.37 2.75 12.02
C SER A 186 25.58 3.47 12.60
N GLU A 187 25.68 4.78 12.38
CA GLU A 187 26.76 5.58 12.92
C GLU A 187 26.63 5.90 14.42
N ILE A 188 25.44 5.65 14.99
CA ILE A 188 25.18 5.96 16.41
C ILE A 188 25.17 4.72 17.32
N SER A 189 25.30 4.96 18.62
CA SER A 189 25.28 3.89 19.61
C SER A 189 23.90 3.82 20.30
N VAL A 190 23.35 2.61 20.38
CA VAL A 190 22.06 2.37 21.01
C VAL A 190 22.17 1.24 22.04
N SER A 191 21.76 1.53 23.27
CA SER A 191 21.66 0.52 24.32
C SER A 191 20.23 0.43 24.85
N GLU A 192 19.96 -0.63 25.59
CA GLU A 192 18.64 -0.90 26.13
C GLU A 192 18.73 -1.45 27.54
N ILE A 193 17.76 -1.05 28.36
CA ILE A 193 17.71 -1.41 29.77
C ILE A 193 16.31 -1.92 30.09
N ALA A 194 16.22 -3.19 30.47
CA ALA A 194 14.93 -3.83 30.71
C ALA A 194 14.40 -3.43 32.09
N LEU A 195 13.67 -2.32 32.10
CA LEU A 195 13.13 -1.77 33.34
C LEU A 195 11.89 -0.91 33.10
N ASN A 196 10.86 -1.17 33.90
CA ASN A 196 9.72 -0.27 34.05
C ASN A 196 9.75 0.27 35.46
N ILE A 197 9.43 1.56 35.61
CA ILE A 197 9.46 2.20 36.92
C ILE A 197 8.23 1.78 37.74
N ASN A 198 8.41 0.74 38.55
CA ASN A 198 7.36 0.25 39.43
C ASN A 198 7.34 1.03 40.74
N ASP A 199 8.52 1.49 41.16
CA ASP A 199 8.66 2.29 42.38
C ASP A 199 9.64 3.44 42.15
N TYR A 200 9.56 4.46 42.99
CA TYR A 200 10.51 5.57 42.95
C TYR A 200 11.96 5.06 42.91
N THR A 201 12.28 4.15 43.82
CA THR A 201 13.61 3.52 43.93
C THR A 201 14.19 3.04 42.59
N ASP A 202 13.35 2.50 41.72
CA ASP A 202 13.77 2.04 40.38
C ASP A 202 14.51 3.11 39.56
N LEU A 203 14.20 4.38 39.82
CA LEU A 203 14.78 5.49 39.08
C LEU A 203 16.31 5.53 39.18
N HIS A 204 16.84 5.01 40.28
CA HIS A 204 18.28 4.92 40.50
C HIS A 204 18.97 4.04 39.47
N LYS A 205 18.21 3.15 38.84
CA LYS A 205 18.75 2.26 37.81
C LYS A 205 18.85 2.93 36.43
N VAL A 206 18.28 4.13 36.29
CA VAL A 206 18.36 4.87 35.04
C VAL A 206 19.65 5.70 34.98
N PRO A 207 20.48 5.48 33.94
CA PRO A 207 21.75 6.17 33.80
C PRO A 207 21.62 7.68 33.58
N GLU A 208 22.67 8.41 33.99
CA GLU A 208 22.82 9.83 33.71
C GLU A 208 22.95 10.02 32.20
N ALA A 209 22.40 11.12 31.69
CA ALA A 209 22.56 11.50 30.28
C ALA A 209 22.42 13.01 30.12
N ASP A 210 22.61 13.51 28.90
CA ASP A 210 22.38 14.92 28.62
C ASP A 210 20.95 15.35 28.94
N ILE A 211 20.01 14.43 28.72
CA ILE A 211 18.59 14.66 29.04
C ILE A 211 17.83 13.32 29.06
N TRP A 212 16.80 13.24 29.90
CA TRP A 212 15.84 12.16 29.82
C TRP A 212 14.58 12.59 29.06
N VAL A 213 14.17 11.77 28.08
CA VAL A 213 12.88 11.94 27.41
C VAL A 213 11.90 11.04 28.16
N VAL A 214 10.98 11.66 28.91
CA VAL A 214 10.05 10.92 29.76
C VAL A 214 8.63 10.88 29.19
N SER A 215 8.21 9.70 28.75
CA SER A 215 6.85 9.53 28.20
C SER A 215 6.08 8.32 28.71
N ALA A 216 6.68 7.54 29.60
CA ALA A 216 5.95 6.45 30.26
C ALA A 216 4.89 7.03 31.20
N ASP A 217 3.71 6.42 31.22
CA ASP A 217 2.59 6.92 32.02
C ASP A 217 2.19 5.97 33.16
N HIS A 218 3.13 5.13 33.59
CA HIS A 218 2.85 4.17 34.65
C HIS A 218 3.95 4.11 35.73
N PRO A 219 3.57 4.35 37.00
CA PRO A 219 2.20 4.66 37.43
C PRO A 219 1.75 6.08 37.07
N PHE A 220 0.58 6.47 37.55
CA PHE A 220 -0.04 7.76 37.21
C PHE A 220 0.75 8.95 37.76
N ASN A 221 1.53 8.73 38.81
CA ASN A 221 2.35 9.79 39.39
C ASN A 221 3.82 9.61 38.99
N LEU A 222 4.02 8.99 37.84
CA LEU A 222 5.34 8.72 37.32
C LEU A 222 6.15 10.00 37.13
N ILE A 223 5.51 11.04 36.59
CA ILE A 223 6.22 12.30 36.33
C ILE A 223 6.59 12.99 37.64
N ASN A 224 5.82 12.72 38.70
CA ASN A 224 6.11 13.29 40.03
C ASN A 224 7.35 12.65 40.62
N TRP A 225 7.48 11.34 40.43
CA TRP A 225 8.67 10.64 40.83
C TRP A 225 9.89 11.13 40.05
N VAL A 226 9.78 11.10 38.72
CA VAL A 226 10.87 11.49 37.82
C VAL A 226 11.36 12.90 38.13
N ASN A 227 10.42 13.82 38.34
CA ASN A 227 10.76 15.20 38.70
C ASN A 227 11.56 15.26 39.98
N LYS A 228 10.99 14.73 41.07
CA LYS A 228 11.63 14.71 42.40
C LYS A 228 13.03 14.11 42.30
N TYR A 229 13.13 12.93 41.71
CA TYR A 229 14.40 12.28 41.50
C TYR A 229 15.35 13.22 40.74
N CYS A 230 14.91 13.72 39.58
CA CYS A 230 15.75 14.52 38.69
C CYS A 230 16.22 15.82 39.29
N VAL A 231 15.36 16.45 40.10
CA VAL A 231 15.78 17.63 40.86
C VAL A 231 16.96 17.26 41.77
N ARG A 232 16.82 16.16 42.49
CA ARG A 232 17.87 15.70 43.42
C ARG A 232 19.09 15.10 42.71
N ALA A 233 18.91 14.61 41.49
CA ALA A 233 20.03 14.06 40.74
C ALA A 233 20.69 15.08 39.81
N ASN A 234 20.16 16.31 39.79
CA ASN A 234 20.64 17.34 38.87
C ASN A 234 20.54 16.89 37.40
N GLN A 235 19.42 16.25 37.07
CA GLN A 235 19.23 15.63 35.76
C GLN A 235 18.15 16.36 34.92
N PRO A 236 18.55 16.94 33.76
CA PRO A 236 17.58 17.51 32.82
C PRO A 236 16.64 16.45 32.22
N TYR A 237 15.36 16.80 32.09
CA TYR A 237 14.39 15.91 31.49
C TYR A 237 13.32 16.68 30.72
N ILE A 238 12.67 16.00 29.80
CA ILE A 238 11.53 16.55 29.10
C ILE A 238 10.36 15.58 29.15
N ASN A 239 9.18 16.10 29.48
CA ASN A 239 7.94 15.31 29.48
C ASN A 239 7.16 15.54 28.17
N ALA A 240 6.53 14.47 27.68
CA ALA A 240 5.72 14.54 26.48
C ALA A 240 4.70 13.43 26.53
N GLY A 241 3.50 13.74 26.04
CA GLY A 241 2.45 12.74 25.96
C GLY A 241 1.22 13.37 25.37
N TYR A 242 0.08 13.09 26.00
CA TYR A 242 -1.21 13.56 25.54
C TYR A 242 -2.23 13.35 26.66
N VAL A 243 -3.30 14.13 26.59
CA VAL A 243 -4.46 13.94 27.46
C VAL A 243 -5.60 13.77 26.47
N ASN A 244 -5.81 12.53 26.02
CA ASN A 244 -6.71 12.23 24.90
C ASN A 244 -6.35 13.01 23.61
N ASP A 245 -7.22 13.92 23.19
CA ASP A 245 -7.05 14.63 21.91
C ASP A 245 -6.08 15.83 21.93
N ILE A 246 -5.54 16.14 23.09
CA ILE A 246 -4.57 17.23 23.22
C ILE A 246 -3.15 16.65 23.36
N ALA A 247 -2.30 17.05 22.40
CA ALA A 247 -0.88 16.74 22.38
C ALA A 247 -0.15 17.59 23.43
N VAL A 248 0.67 16.96 24.26
CA VAL A 248 1.35 17.68 25.34
C VAL A 248 2.86 17.43 25.32
N PHE A 249 3.62 18.49 25.48
CA PHE A 249 5.06 18.38 25.60
C PHE A 249 5.59 19.49 26.50
N GLY A 250 6.62 19.14 27.27
CA GLY A 250 7.10 20.01 28.32
C GLY A 250 6.51 19.57 29.65
N PRO A 251 7.07 20.06 30.77
CA PRO A 251 8.20 21.00 30.81
C PRO A 251 9.54 20.36 30.40
N LEU A 252 10.49 21.21 30.05
CA LEU A 252 11.88 20.79 29.94
C LEU A 252 12.61 21.35 31.16
N TYR A 253 12.92 20.46 32.09
CA TYR A 253 13.57 20.84 33.34
C TYR A 253 15.09 20.91 33.21
N VAL A 254 15.63 22.07 33.57
CA VAL A 254 17.08 22.32 33.63
C VAL A 254 17.44 22.78 35.04
N PRO A 255 18.17 21.94 35.80
CA PRO A 255 18.54 22.24 37.19
C PRO A 255 19.13 23.65 37.35
N GLY A 256 18.48 24.45 38.21
CA GLY A 256 18.95 25.79 38.57
C GLY A 256 18.63 26.91 37.58
N LYS A 257 18.01 26.55 36.47
CA LYS A 257 17.72 27.51 35.41
C LYS A 257 16.23 27.60 35.15
N THR A 258 15.48 26.60 35.62
CA THR A 258 14.09 26.46 35.25
C THR A 258 13.25 25.97 36.43
N GLY A 259 11.93 26.14 36.35
CA GLY A 259 11.03 25.58 37.35
C GLY A 259 10.93 24.08 37.19
N CYS A 260 10.55 23.39 38.27
CA CYS A 260 10.30 21.95 38.20
C CYS A 260 8.81 21.72 38.01
N TYR A 261 8.43 20.45 37.85
CA TYR A 261 7.05 20.06 37.62
C TYR A 261 6.14 20.55 38.75
N GLU A 262 6.65 20.51 39.98
CA GLU A 262 5.86 20.86 41.17
C GLU A 262 5.71 22.36 41.46
N CYS A 263 6.60 23.20 40.92
CA CYS A 263 6.63 24.63 41.28
C CYS A 263 5.28 25.35 41.29
N GLN A 264 4.59 25.29 40.15
CA GLN A 264 3.38 26.08 39.94
C GLN A 264 2.08 25.34 40.31
N LYS A 265 2.19 24.03 40.51
CA LYS A 265 1.04 23.18 40.82
C LYS A 265 -0.10 23.42 39.83
N VAL A 266 0.13 23.04 38.58
CA VAL A 266 -0.78 23.34 37.46
C VAL A 266 -1.78 22.21 37.18
N VAL A 267 -1.37 20.97 37.42
CA VAL A 267 -2.22 19.79 37.20
C VAL A 267 -2.85 19.30 38.51
N ALA A 268 -4.10 18.86 38.42
CA ALA A 268 -4.84 18.34 39.57
C ALA A 268 -4.55 16.85 39.82
N ASP A 269 -4.46 16.47 41.09
CA ASP A 269 -4.23 15.07 41.48
C ASP A 269 -5.51 14.24 41.36
N LEU A 270 -5.49 13.28 40.44
CA LEU A 270 -6.66 12.46 40.06
C LEU A 270 -7.44 11.91 41.27
N TYR A 271 -6.80 10.99 41.98
CA TYR A 271 -7.44 10.31 43.11
C TYR A 271 -7.34 11.16 44.36
N GLY A 272 -8.49 11.45 44.97
CA GLY A 272 -8.52 12.17 46.25
C GLY A 272 -9.62 13.20 46.40
N SER A 273 -10.42 13.02 47.44
CA SER A 273 -11.47 13.98 47.81
C SER A 273 -11.54 14.14 49.33
N GLU A 274 -12.67 14.63 49.82
CA GLU A 274 -12.92 14.71 51.25
C GLU A 274 -13.74 13.50 51.69
N LYS A 275 -14.94 13.36 51.15
CA LYS A 275 -15.88 12.29 51.52
C LYS A 275 -15.47 10.95 50.94
N GLU A 276 -15.37 9.92 51.79
CA GLU A 276 -14.95 8.58 51.38
C GLU A 276 -15.89 7.95 50.35
N ASN A 277 -17.20 8.07 50.57
CA ASN A 277 -18.21 7.59 49.63
C ASN A 277 -17.94 8.08 48.21
N ILE A 278 -17.61 9.36 48.10
CA ILE A 278 -17.29 10.03 46.83
C ILE A 278 -15.88 9.68 46.35
N ASP A 279 -14.95 9.56 47.31
CA ASP A 279 -13.56 9.25 47.03
C ASP A 279 -13.36 7.87 46.42
N HIS A 280 -14.10 6.87 46.92
CA HIS A 280 -14.03 5.52 46.35
C HIS A 280 -14.44 5.49 44.88
N LYS A 281 -15.48 6.27 44.55
CA LYS A 281 -16.02 6.32 43.19
C LYS A 281 -15.07 7.02 42.23
N ILE A 282 -14.52 8.15 42.67
CA ILE A 282 -13.47 8.86 41.95
C ILE A 282 -12.32 7.91 41.62
N LYS A 283 -11.83 7.21 42.64
CA LYS A 283 -10.75 6.26 42.50
C LYS A 283 -11.04 5.10 41.54
N LEU A 284 -12.28 4.62 41.53
CA LEU A 284 -12.65 3.57 40.58
C LEU A 284 -12.79 4.09 39.15
N ILE A 285 -13.44 5.25 38.98
CA ILE A 285 -13.58 5.85 37.65
C ILE A 285 -12.18 6.07 37.06
N ASN A 286 -11.29 6.69 37.83
CA ASN A 286 -9.93 6.94 37.37
C ASN A 286 -9.08 5.69 37.12
N SER A 287 -9.30 4.65 37.93
CA SER A 287 -8.52 3.42 37.83
C SER A 287 -8.82 2.69 36.52
N ARG A 288 -9.97 2.98 35.94
CA ARG A 288 -10.36 2.36 34.69
C ARG A 288 -10.02 3.24 33.48
N PHE A 289 -9.23 4.29 33.70
CA PHE A 289 -8.91 5.23 32.61
C PHE A 289 -8.00 4.60 31.57
N LYS A 290 -8.39 4.72 30.31
CA LYS A 290 -7.55 4.31 29.18
C LYS A 290 -7.59 5.46 28.16
N PRO A 291 -6.42 6.03 27.83
CA PRO A 291 -6.35 7.24 26.96
C PRO A 291 -6.89 6.99 25.57
N ALA A 292 -7.58 7.97 25.01
CA ALA A 292 -8.08 7.87 23.64
C ALA A 292 -6.95 8.20 22.65
N THR A 293 -6.02 7.26 22.52
CA THR A 293 -4.86 7.38 21.63
C THR A 293 -5.25 7.60 20.16
N PHE A 294 -4.42 8.36 19.47
CA PHE A 294 -4.67 8.76 18.09
C PHE A 294 -3.32 9.19 17.54
N ALA A 295 -2.78 8.42 16.59
CA ALA A 295 -1.43 8.67 16.03
C ALA A 295 -1.12 10.17 15.80
N PRO A 296 -1.99 10.90 15.07
CA PRO A 296 -1.70 12.33 14.83
C PRO A 296 -1.36 13.15 16.09
N VAL A 297 -1.99 12.84 17.22
CA VAL A 297 -1.77 13.53 18.49
C VAL A 297 -0.42 13.15 19.13
N ASN A 298 -0.24 11.83 19.27
CA ASN A 298 1.03 11.25 19.67
C ASN A 298 2.19 11.82 18.83
N ASN A 299 2.00 11.86 17.51
CA ASN A 299 3.05 12.32 16.60
C ASN A 299 3.44 13.78 16.78
N VAL A 300 2.45 14.64 16.96
CA VAL A 300 2.70 16.05 17.22
C VAL A 300 3.48 16.26 18.51
N ALA A 301 3.05 15.56 19.57
CA ALA A 301 3.68 15.64 20.87
C ALA A 301 5.13 15.18 20.78
N ALA A 302 5.34 14.00 20.20
CA ALA A 302 6.67 13.44 19.99
C ALA A 302 7.54 14.34 19.12
N ALA A 303 6.98 14.90 18.05
CA ALA A 303 7.76 15.75 17.15
C ALA A 303 8.27 17.02 17.83
N LEU A 304 7.41 17.72 18.56
CA LEU A 304 7.83 18.97 19.19
C LEU A 304 8.79 18.77 20.38
N CYS A 305 8.66 17.59 21.02
CA CYS A 305 9.54 17.16 22.09
C CYS A 305 10.95 16.96 21.55
N ALA A 306 11.07 16.24 20.44
CA ALA A 306 12.35 15.98 19.79
C ALA A 306 13.02 17.27 19.32
N ALA A 307 12.22 18.18 18.74
CA ALA A 307 12.74 19.51 18.38
C ALA A 307 13.36 20.21 19.57
N ASP A 308 12.70 20.16 20.73
CA ASP A 308 13.23 20.77 21.94
C ASP A 308 14.52 20.12 22.45
N VAL A 309 14.60 18.79 22.39
CA VAL A 309 15.82 18.05 22.75
C VAL A 309 17.00 18.42 21.84
N ILE A 310 16.72 18.51 20.54
CA ILE A 310 17.74 18.86 19.53
C ILE A 310 18.28 20.27 19.75
N LYS A 311 17.40 21.21 20.11
CA LYS A 311 17.81 22.59 20.39
C LYS A 311 18.45 22.73 21.76
N PHE A 312 17.99 21.91 22.70
CA PHE A 312 18.59 21.88 24.03
C PHE A 312 20.07 21.46 23.92
N ILE A 313 20.34 20.44 23.10
CA ILE A 313 21.69 19.89 22.95
C ILE A 313 22.51 20.66 21.92
N GLY A 314 21.84 21.10 20.85
CA GLY A 314 22.50 21.87 19.80
C GLY A 314 22.83 23.30 20.19
N LYS A 315 22.02 23.86 21.08
CA LYS A 315 22.19 25.22 21.62
C LYS A 315 22.01 26.35 20.61
N TYR A 316 21.24 26.12 19.55
CA TYR A 316 21.10 27.13 18.47
C TYR A 316 19.82 27.98 18.51
N SER A 317 18.84 27.52 19.29
CA SER A 317 17.58 28.22 19.46
C SER A 317 17.05 27.76 20.81
N GLU A 318 16.18 28.55 21.42
CA GLU A 318 15.67 28.19 22.74
C GLU A 318 14.61 27.10 22.66
N PRO A 319 14.76 26.03 23.47
CA PRO A 319 13.67 25.07 23.59
C PRO A 319 12.37 25.79 23.92
N LEU A 320 11.27 25.35 23.31
CA LEU A 320 9.96 25.97 23.54
C LEU A 320 9.41 25.76 24.93
N SER A 321 9.65 24.56 25.50
CA SER A 321 8.99 24.13 26.74
C SER A 321 9.80 24.40 28.01
N LEU A 322 10.82 25.23 27.90
CA LEU A 322 11.51 25.76 29.07
C LEU A 322 10.46 26.53 29.86
N ASN A 323 10.27 26.13 31.13
CA ASN A 323 9.35 26.78 32.07
C ASN A 323 7.89 26.69 31.68
N LYS A 324 7.54 25.75 30.80
CA LYS A 324 6.19 25.67 30.24
C LYS A 324 5.80 24.25 29.92
N ARG A 325 4.51 23.96 30.13
CA ARG A 325 3.90 22.72 29.69
C ARG A 325 2.92 23.09 28.58
N ILE A 326 3.19 22.66 27.35
CA ILE A 326 2.47 23.15 26.18
C ILE A 326 1.46 22.12 25.65
N GLY A 327 0.24 22.59 25.40
CA GLY A 327 -0.79 21.75 24.82
C GLY A 327 -1.20 22.22 23.43
N ILE A 328 -1.37 21.28 22.51
CA ILE A 328 -1.88 21.57 21.17
C ILE A 328 -3.13 20.73 20.92
N TRP A 329 -4.23 21.42 20.64
CA TRP A 329 -5.53 20.77 20.41
C TRP A 329 -5.58 20.10 19.03
N SER A 330 -6.42 19.08 18.91
CA SER A 330 -6.66 18.42 17.63
C SER A 330 -8.07 18.63 17.05
N ASP A 331 -9.05 18.99 17.88
CA ASP A 331 -10.39 19.25 17.39
C ASP A 331 -10.74 20.73 17.30
N GLU A 332 -9.78 21.58 17.65
CA GLU A 332 -9.88 23.00 17.34
C GLU A 332 -8.48 23.55 17.08
N ILE A 333 -8.41 24.72 16.48
CA ILE A 333 -7.15 25.41 16.23
C ILE A 333 -6.77 26.16 17.49
N LYS A 334 -5.97 25.51 18.34
CA LYS A 334 -5.67 26.03 19.67
C LYS A 334 -4.35 25.49 20.23
N ILE A 335 -3.54 26.40 20.75
CA ILE A 335 -2.31 26.04 21.43
C ILE A 335 -2.29 26.78 22.76
N HIS A 336 -1.96 26.09 23.84
CA HIS A 336 -1.94 26.69 25.18
C HIS A 336 -0.73 26.24 25.98
N SER A 337 -0.03 27.19 26.59
CA SER A 337 1.07 26.87 27.48
C SER A 337 0.78 27.16 28.96
N GLN A 338 1.02 26.16 29.81
CA GLN A 338 0.86 26.33 31.25
C GLN A 338 2.19 26.75 31.87
N ASN A 339 2.17 27.84 32.64
CA ASN A 339 3.38 28.34 33.31
C ASN A 339 3.98 27.33 34.29
N MET A 340 5.27 27.06 34.13
CA MET A 340 5.97 26.13 35.00
C MET A 340 7.33 26.71 35.41
N GLY A 341 7.36 28.01 35.62
CA GLY A 341 8.56 28.70 36.09
C GLY A 341 8.83 28.42 37.56
N ARG A 342 10.03 28.76 38.01
CA ARG A 342 10.45 28.45 39.39
C ARG A 342 9.60 29.14 40.45
N SER A 343 9.37 28.42 41.54
CA SER A 343 8.77 28.98 42.73
C SER A 343 9.72 28.85 43.91
N PRO A 344 10.07 29.99 44.56
CA PRO A 344 10.96 29.96 45.72
C PRO A 344 10.36 29.12 46.85
N VAL A 345 9.02 29.08 46.88
CA VAL A 345 8.23 28.36 47.87
C VAL A 345 8.20 26.84 47.64
N CYS A 346 8.53 26.40 46.43
CA CYS A 346 8.44 24.98 46.08
C CYS A 346 9.10 24.09 47.12
N SER A 347 8.44 23.01 47.49
CA SER A 347 8.94 22.09 48.50
C SER A 347 9.82 21.01 47.89
N VAL A 348 9.94 21.03 46.57
CA VAL A 348 10.73 20.04 45.85
C VAL A 348 12.10 20.59 45.45
N CYS A 349 12.11 21.80 44.89
CA CYS A 349 13.36 22.40 44.43
C CYS A 349 13.68 23.74 45.10
N GLY A 350 12.81 24.17 46.01
CA GLY A 350 12.93 25.47 46.66
C GLY A 350 13.65 25.45 48.01
N ASN A 351 13.47 26.53 48.77
CA ASN A 351 14.01 26.72 50.13
C ASN A 351 15.46 26.23 50.35
N MET B 4 -31.99 -0.07 25.85
CA MET B 4 -30.72 0.58 25.39
C MET B 4 -29.82 0.86 26.60
N ASP B 5 -28.72 0.10 26.68
CA ASP B 5 -27.70 0.33 27.69
C ASP B 5 -26.77 1.48 27.32
N TYR B 6 -26.23 2.14 28.34
CA TYR B 6 -25.18 3.12 28.16
C TYR B 6 -23.95 2.68 28.95
N ILE B 7 -22.78 3.09 28.47
CA ILE B 7 -21.53 2.77 29.16
C ILE B 7 -20.62 4.01 29.30
N LEU B 8 -19.93 4.09 30.42
CA LEU B 8 -18.93 5.14 30.65
C LEU B 8 -17.70 4.86 29.79
N GLY B 9 -17.30 5.85 28.98
CA GLY B 9 -16.10 5.73 28.15
C GLY B 9 -14.85 5.62 29.03
N ARG B 10 -13.90 4.79 28.62
CA ARG B 10 -12.65 4.61 29.37
C ARG B 10 -11.75 5.83 29.31
N TYR B 11 -11.96 6.67 28.31
CA TYR B 11 -11.21 7.92 28.17
C TYR B 11 -11.65 8.99 29.16
N VAL B 12 -12.66 8.72 29.98
CA VAL B 12 -13.05 9.70 30.98
C VAL B 12 -12.15 9.61 32.21
N LYS B 13 -11.88 10.75 32.80
CA LYS B 13 -11.20 10.84 34.08
C LYS B 13 -11.69 12.08 34.80
N ILE B 14 -11.52 12.12 36.10
CA ILE B 14 -11.99 13.26 36.89
C ILE B 14 -10.94 13.57 37.94
N ALA B 15 -11.05 14.76 38.54
CA ALA B 15 -10.14 15.18 39.60
C ALA B 15 -10.73 16.35 40.39
N ARG B 16 -10.56 16.30 41.70
CA ARG B 16 -10.86 17.43 42.58
C ARG B 16 -10.01 18.60 42.14
N TYR B 17 -10.64 19.77 41.98
CA TYR B 17 -9.96 20.95 41.47
C TYR B 17 -10.74 22.19 41.87
N GLY B 18 -10.06 23.16 42.46
CA GLY B 18 -10.70 24.43 42.83
C GLY B 18 -11.90 24.28 43.74
N SER B 19 -12.99 24.99 43.42
CA SER B 19 -14.21 24.88 44.22
C SER B 19 -14.88 23.51 44.07
N GLY B 20 -14.63 22.82 42.97
CA GLY B 20 -15.28 21.55 42.70
C GLY B 20 -14.36 20.53 42.07
N GLY B 21 -14.46 20.39 40.75
CA GLY B 21 -13.63 19.43 40.05
C GLY B 21 -13.74 19.41 38.53
N LEU B 22 -12.86 18.64 37.92
CA LEU B 22 -12.78 18.51 36.47
C LEU B 22 -13.43 17.22 36.05
N VAL B 23 -14.20 17.27 34.95
CA VAL B 23 -14.78 16.09 34.33
C VAL B 23 -14.24 15.95 32.91
N GLY B 24 -13.53 14.86 32.66
CA GLY B 24 -13.09 14.54 31.30
C GLY B 24 -11.66 14.97 31.03
N GLY B 25 -11.10 14.46 29.95
CA GLY B 25 -9.72 14.72 29.57
C GLY B 25 -9.62 15.21 28.14
N GLY B 26 -8.67 16.11 27.89
CA GLY B 26 -8.50 16.68 26.56
C GLY B 26 -9.43 17.83 26.29
N GLY B 27 -9.88 17.93 25.05
CA GLY B 27 -10.74 19.04 24.61
C GLY B 27 -12.00 19.25 25.42
N LYS B 28 -12.60 18.16 25.90
CA LYS B 28 -13.94 18.19 26.54
C LYS B 28 -13.88 18.40 28.04
N GLU B 29 -12.66 18.55 28.55
CA GLU B 29 -12.46 18.78 29.97
C GLU B 29 -13.26 19.99 30.40
N GLN B 30 -14.05 19.82 31.47
CA GLN B 30 -14.91 20.88 31.99
C GLN B 30 -14.69 21.05 33.48
N TYR B 31 -14.34 22.27 33.87
CA TYR B 31 -14.28 22.61 35.27
C TYR B 31 -15.70 22.83 35.78
N VAL B 32 -16.13 21.95 36.70
CA VAL B 32 -17.40 22.12 37.36
C VAL B 32 -17.12 22.79 38.69
N GLU B 33 -17.63 24.02 38.84
CA GLU B 33 -17.35 24.85 40.01
C GLU B 33 -18.15 24.43 41.23
N ASN B 34 -19.44 24.16 41.01
CA ASN B 34 -20.33 23.73 42.06
C ASN B 34 -20.01 22.31 42.51
N LEU B 35 -19.37 22.19 43.68
CA LEU B 35 -18.98 20.88 44.24
C LEU B 35 -20.14 19.88 44.36
N VAL B 36 -21.30 20.37 44.81
CA VAL B 36 -22.54 19.56 44.83
C VAL B 36 -22.83 18.95 43.46
N LEU B 37 -22.82 19.78 42.41
CA LEU B 37 -23.01 19.32 41.04
C LEU B 37 -21.93 18.36 40.58
N TRP B 38 -20.68 18.69 40.92
CA TRP B 38 -19.54 17.85 40.54
C TRP B 38 -19.70 16.44 41.09
N GLU B 39 -20.17 16.37 42.33
CA GLU B 39 -20.36 15.11 43.03
C GLU B 39 -21.50 14.29 42.45
N ASN B 40 -22.58 14.96 42.06
CA ASN B 40 -23.68 14.28 41.41
C ASN B 40 -23.35 13.73 40.03
N ILE B 41 -22.35 14.35 39.37
CA ILE B 41 -21.89 13.86 38.07
C ILE B 41 -21.11 12.56 38.25
N ILE B 42 -20.26 12.49 39.26
CA ILE B 42 -19.53 11.25 39.55
C ILE B 42 -20.46 10.12 40.01
N LYS B 43 -21.42 10.46 40.86
CA LYS B 43 -22.42 9.47 41.32
C LYS B 43 -23.18 8.86 40.16
N THR B 44 -23.55 9.70 39.20
CA THR B 44 -24.25 9.23 38.00
C THR B 44 -23.32 8.38 37.13
N ALA B 45 -22.10 8.86 36.95
CA ALA B 45 -21.12 8.20 36.08
C ALA B 45 -20.75 6.81 36.60
N TYR B 46 -20.69 6.70 37.93
CA TYR B 46 -20.40 5.46 38.65
C TYR B 46 -21.37 4.32 38.29
N CYS B 47 -22.59 4.68 37.93
CA CYS B 47 -23.62 3.70 37.56
C CYS B 47 -23.40 3.09 36.18
N PHE B 48 -22.45 3.65 35.42
CA PHE B 48 -22.32 3.27 34.01
C PHE B 48 -20.97 2.63 33.69
N ILE B 49 -20.14 2.49 34.72
CA ILE B 49 -18.88 1.76 34.60
C ILE B 49 -19.14 0.41 33.95
N THR B 50 -20.13 -0.30 34.46
CA THR B 50 -20.64 -1.45 33.74
C THR B 50 -21.95 -1.01 33.09
N PRO B 51 -22.20 -1.44 31.84
CA PRO B 51 -23.35 -0.94 31.08
C PRO B 51 -24.66 -0.98 31.87
N SER B 52 -25.46 0.07 31.71
CA SER B 52 -26.73 0.20 32.41
C SER B 52 -27.76 1.00 31.61
N SER B 53 -29.03 0.64 31.76
CA SER B 53 -30.09 1.43 31.14
C SER B 53 -30.29 2.71 31.96
N TYR B 54 -30.94 3.70 31.34
CA TYR B 54 -31.25 4.93 32.05
C TYR B 54 -31.97 4.63 33.36
N THR B 55 -33.09 3.92 33.28
CA THR B 55 -33.93 3.67 34.45
C THR B 55 -33.23 2.86 35.55
N ALA B 56 -32.64 1.72 35.18
CA ALA B 56 -31.82 0.94 36.11
C ALA B 56 -30.86 1.78 36.94
N ALA B 57 -30.10 2.65 36.27
CA ALA B 57 -29.10 3.48 36.91
C ALA B 57 -29.71 4.54 37.83
N LEU B 58 -30.91 5.01 37.46
CA LEU B 58 -31.66 5.97 38.26
C LEU B 58 -31.98 5.43 39.65
N GLU B 59 -32.47 4.19 39.72
CA GLU B 59 -32.70 3.50 40.99
C GLU B 59 -31.38 3.21 41.72
N THR B 60 -30.36 2.84 40.97
CA THR B 60 -29.03 2.57 41.52
C THR B 60 -28.38 3.82 42.13
N ALA B 61 -28.58 4.97 41.49
CA ALA B 61 -28.03 6.22 41.99
C ALA B 61 -28.77 6.70 43.23
N ASN B 62 -28.01 7.27 44.17
CA ASN B 62 -28.56 7.79 45.41
C ASN B 62 -28.81 9.30 45.31
N ILE B 63 -29.48 9.71 44.23
CA ILE B 63 -29.72 11.14 43.95
C ILE B 63 -31.09 11.37 43.29
N PRO B 64 -31.70 12.55 43.53
CA PRO B 64 -33.02 12.90 43.00
C PRO B 64 -33.12 12.81 41.49
N GLU B 65 -34.32 12.53 41.00
CA GLU B 65 -34.57 12.27 39.59
C GLU B 65 -34.18 13.48 38.73
N LYS B 66 -34.47 14.68 39.24
CA LYS B 66 -34.19 15.93 38.54
C LYS B 66 -32.70 16.16 38.34
N ASP B 67 -31.88 15.70 39.29
CA ASP B 67 -30.43 15.86 39.20
C ASP B 67 -29.80 14.77 38.32
N PHE B 68 -30.34 13.56 38.41
CA PHE B 68 -29.85 12.43 37.64
C PHE B 68 -30.08 12.67 36.16
N SER B 69 -31.22 13.26 35.84
CA SER B 69 -31.56 13.66 34.47
C SER B 69 -30.50 14.60 33.90
N ASN B 70 -30.23 15.71 34.60
CA ASN B 70 -29.28 16.73 34.15
C ASN B 70 -27.88 16.19 34.05
N CYS B 71 -27.52 15.31 34.99
CA CYS B 71 -26.18 14.74 35.06
C CYS B 71 -25.98 13.72 33.96
N PHE B 72 -27.00 12.90 33.75
CA PHE B 72 -27.01 11.95 32.67
C PHE B 72 -26.93 12.66 31.32
N ARG B 73 -27.68 13.76 31.18
CA ARG B 73 -27.64 14.56 29.95
C ARG B 73 -26.25 15.16 29.69
N PHE B 74 -25.67 15.76 30.73
CA PHE B 74 -24.30 16.27 30.68
C PHE B 74 -23.28 15.24 30.19
N LEU B 75 -23.31 14.05 30.80
CA LEU B 75 -22.40 12.97 30.43
C LEU B 75 -22.61 12.54 28.99
N LYS B 76 -23.87 12.42 28.59
CA LYS B 76 -24.21 11.93 27.26
C LYS B 76 -23.89 12.95 26.17
N GLU B 77 -24.20 14.22 26.43
CA GLU B 77 -23.99 15.28 25.45
C GLU B 77 -22.49 15.48 25.17
N ASN B 78 -21.67 15.13 26.16
CA ASN B 78 -20.22 15.21 26.06
C ASN B 78 -19.58 13.90 25.62
N PHE B 79 -20.41 12.91 25.34
CA PHE B 79 -19.97 11.55 24.98
C PHE B 79 -19.04 10.90 26.03
N PHE B 80 -19.20 11.35 27.27
CA PHE B 80 -18.57 10.67 28.42
C PHE B 80 -19.24 9.31 28.67
N ILE B 81 -20.56 9.26 28.47
CA ILE B 81 -21.26 7.98 28.36
C ILE B 81 -21.80 7.79 26.95
N ILE B 82 -21.56 6.61 26.39
CA ILE B 82 -22.00 6.27 25.04
C ILE B 82 -22.95 5.05 25.05
N PRO B 83 -23.75 4.87 23.98
CA PRO B 83 -24.48 3.62 23.77
C PRO B 83 -23.62 2.38 23.99
N GLY B 84 -24.13 1.44 24.78
CA GLY B 84 -23.40 0.22 25.13
C GLY B 84 -22.84 -0.55 23.95
N GLU B 85 -23.56 -0.52 22.82
CA GLU B 85 -23.13 -1.18 21.59
C GLU B 85 -21.83 -0.59 21.00
N TYR B 86 -21.55 0.67 21.31
CA TYR B 86 -20.35 1.35 20.81
C TYR B 86 -19.08 0.79 21.47
N ASN B 87 -19.24 -0.04 22.49
CA ASN B 87 -18.09 -0.57 23.23
C ASN B 87 -17.55 -1.89 22.70
N ASN B 88 -18.35 -2.58 21.90
CA ASN B 88 -17.92 -3.82 21.25
C ASN B 88 -16.45 -3.83 20.83
N ASN B 93 -9.38 -6.48 18.43
CA ASN B 93 -9.18 -5.77 17.17
C ASN B 93 -7.81 -5.08 17.07
N ARG B 94 -7.31 -5.02 15.84
CA ARG B 94 -6.13 -4.25 15.47
C ARG B 94 -6.32 -2.77 15.84
N TYR B 95 -7.40 -2.18 15.32
CA TYR B 95 -7.66 -0.74 15.44
C TYR B 95 -8.39 -0.37 16.72
N SER B 96 -8.44 -1.32 17.66
CA SER B 96 -9.18 -1.18 18.90
C SER B 96 -8.63 -0.06 19.77
N ARG B 97 -7.47 0.47 19.39
CA ARG B 97 -6.88 1.63 20.04
C ARG B 97 -7.52 2.94 19.58
N ASN B 98 -7.71 3.09 18.26
CA ASN B 98 -8.42 4.23 17.67
C ASN B 98 -9.92 4.29 18.03
N PHE B 99 -10.44 3.21 18.58
CA PHE B 99 -11.86 3.11 18.90
C PHE B 99 -12.27 4.08 20.00
N LEU B 100 -11.40 4.24 20.99
CA LEU B 100 -11.66 5.14 22.10
C LEU B 100 -11.72 6.57 21.60
N HIS B 101 -10.80 6.91 20.68
CA HIS B 101 -10.80 8.20 20.02
C HIS B 101 -12.14 8.52 19.36
N TYR B 102 -12.61 7.67 18.47
CA TYR B 102 -13.92 7.85 17.82
C TYR B 102 -15.10 7.91 18.79
N GLN B 103 -15.11 7.05 19.82
CA GLN B 103 -16.17 7.04 20.86
C GLN B 103 -16.28 8.40 21.54
N SER B 104 -15.13 9.02 21.79
CA SER B 104 -15.05 10.28 22.51
C SER B 104 -15.69 11.43 21.75
N TYR B 105 -15.98 11.20 20.47
CA TYR B 105 -16.67 12.15 19.57
C TYR B 105 -18.11 11.73 19.25
N GLY B 106 -18.59 10.72 19.97
CA GLY B 106 -19.97 10.24 19.85
C GLY B 106 -20.25 9.47 18.58
N ALA B 107 -19.21 8.83 18.04
CA ALA B 107 -19.37 8.02 16.85
C ALA B 107 -19.32 6.56 17.23
N ASN B 108 -20.05 5.73 16.48
CA ASN B 108 -19.87 4.28 16.53
C ASN B 108 -18.57 3.92 15.83
N PRO B 109 -17.54 3.49 16.60
CA PRO B 109 -16.20 3.16 16.08
C PRO B 109 -16.18 2.18 14.91
N VAL B 110 -17.05 1.17 14.95
CA VAL B 110 -17.17 0.14 13.90
C VAL B 110 -17.59 0.76 12.56
N LEU B 111 -18.50 1.74 12.63
CA LEU B 111 -19.00 2.39 11.42
C LEU B 111 -18.01 3.41 10.87
N VAL B 112 -17.21 4.02 11.74
CA VAL B 112 -16.10 4.86 11.29
C VAL B 112 -15.05 3.98 10.62
N GLN B 113 -14.71 2.88 11.30
CA GLN B 113 -13.70 1.94 10.84
C GLN B 113 -14.06 1.35 9.47
N ASP B 114 -15.33 0.99 9.32
CA ASP B 114 -15.90 0.57 8.05
C ASP B 114 -15.72 1.61 6.94
N LYS B 115 -16.05 2.88 7.22
CA LYS B 115 -15.83 3.95 6.24
C LYS B 115 -14.36 4.04 5.79
N LEU B 116 -13.44 3.95 6.73
CA LEU B 116 -11.99 3.99 6.44
C LEU B 116 -11.58 2.81 5.55
N LYS B 117 -12.06 1.61 5.88
CA LYS B 117 -11.80 0.41 5.07
C LYS B 117 -12.33 0.56 3.65
N ASN B 118 -13.45 1.27 3.49
CA ASN B 118 -14.02 1.50 2.15
C ASN B 118 -13.39 2.66 1.39
N ALA B 119 -12.38 3.30 1.95
CA ALA B 119 -11.81 4.51 1.34
C ALA B 119 -10.61 4.24 0.42
N LYS B 120 -10.42 5.12 -0.57
CA LYS B 120 -9.22 5.15 -1.40
C LYS B 120 -8.51 6.50 -1.22
N VAL B 121 -7.23 6.48 -0.86
CA VAL B 121 -6.44 7.73 -0.71
C VAL B 121 -5.20 7.81 -1.64
N VAL B 122 -5.13 8.89 -2.43
CA VAL B 122 -3.95 9.20 -3.21
C VAL B 122 -2.93 10.01 -2.38
N ILE B 123 -1.71 9.49 -2.28
CA ILE B 123 -0.58 10.19 -1.67
C ILE B 123 0.26 10.81 -2.78
N LEU B 124 -0.01 12.08 -3.10
CA LEU B 124 0.67 12.76 -4.19
C LEU B 124 2.00 13.37 -3.75
N GLY B 125 3.03 12.54 -3.74
CA GLY B 125 4.36 12.95 -3.27
C GLY B 125 4.68 12.07 -2.09
N CYS B 126 5.80 11.34 -2.18
CA CYS B 126 6.16 10.38 -1.15
C CYS B 126 7.45 10.75 -0.42
N GLY B 127 7.72 12.05 -0.30
CA GLY B 127 8.85 12.53 0.49
C GLY B 127 8.61 12.41 1.99
N GLY B 128 8.97 13.44 2.73
CA GLY B 128 8.79 13.47 4.20
C GLY B 128 7.34 13.38 4.63
N ILE B 129 6.50 14.23 4.03
CA ILE B 129 5.06 14.27 4.34
C ILE B 129 4.35 12.96 3.93
N GLY B 130 4.56 12.52 2.69
CA GLY B 130 4.02 11.25 2.20
C GLY B 130 4.41 10.06 3.05
N ASN B 131 5.67 9.99 3.45
CA ASN B 131 6.10 8.94 4.41
C ASN B 131 5.27 8.93 5.70
N HIS B 132 5.15 10.10 6.33
CA HIS B 132 4.46 10.18 7.61
C HIS B 132 2.94 10.01 7.50
N VAL B 133 2.33 10.65 6.51
CA VAL B 133 0.88 10.50 6.27
C VAL B 133 0.48 9.04 5.95
N SER B 134 1.21 8.42 5.03
CA SER B 134 0.87 7.10 4.53
C SER B 134 0.89 6.05 5.63
N VAL B 135 1.87 6.10 6.52
CA VAL B 135 1.91 5.13 7.59
C VAL B 135 0.78 5.28 8.63
N ILE B 136 0.39 6.52 8.94
CA ILE B 136 -0.73 6.78 9.84
C ILE B 136 -2.03 6.24 9.25
N LEU B 137 -2.32 6.60 8.00
CA LEU B 137 -3.50 6.13 7.29
C LEU B 137 -3.55 4.60 7.18
N ALA B 138 -2.43 3.99 6.82
CA ALA B 138 -2.32 2.54 6.73
C ALA B 138 -2.68 1.87 8.05
N THR B 139 -2.02 2.28 9.14
CA THR B 139 -2.23 1.67 10.44
C THR B 139 -3.58 2.04 11.09
N SER B 140 -4.26 3.03 10.52
CA SER B 140 -5.62 3.38 10.95
C SER B 140 -6.70 2.59 10.21
N GLY B 141 -6.29 1.96 9.11
CA GLY B 141 -7.18 1.08 8.34
C GLY B 141 -7.81 1.72 7.14
N ILE B 142 -7.16 2.72 6.56
CA ILE B 142 -7.59 3.23 5.26
C ILE B 142 -7.44 2.08 4.26
N GLY B 143 -8.56 1.71 3.63
CA GLY B 143 -8.63 0.48 2.84
C GLY B 143 -7.66 0.38 1.66
N GLU B 144 -7.60 1.46 0.87
CA GLU B 144 -6.75 1.51 -0.31
C GLU B 144 -5.86 2.74 -0.29
N ILE B 145 -4.57 2.54 -0.52
CA ILE B 145 -3.62 3.66 -0.62
C ILE B 145 -2.85 3.67 -1.97
N ILE B 146 -2.91 4.81 -2.66
CA ILE B 146 -2.23 4.98 -3.94
C ILE B 146 -0.99 5.88 -3.79
N LEU B 147 0.20 5.25 -3.85
CA LEU B 147 1.49 5.93 -3.68
C LEU B 147 2.04 6.43 -5.01
N ILE B 148 2.25 7.74 -5.11
CA ILE B 148 2.63 8.37 -6.37
C ILE B 148 3.95 9.17 -6.25
N ASP B 149 5.00 8.66 -6.89
CA ASP B 149 6.34 9.24 -6.82
C ASP B 149 7.25 8.47 -7.77
N ASN B 150 8.22 9.17 -8.35
CA ASN B 150 9.18 8.51 -9.24
C ASN B 150 10.64 8.61 -8.76
N ASP B 151 10.86 9.40 -7.71
CA ASP B 151 12.19 9.59 -7.14
C ASP B 151 12.71 8.34 -6.42
N GLN B 152 14.03 8.26 -6.27
CA GLN B 152 14.67 7.15 -5.58
C GLN B 152 15.15 7.59 -4.21
N ILE B 153 15.28 6.64 -3.29
CA ILE B 153 15.73 6.91 -1.93
C ILE B 153 17.19 7.34 -1.91
N GLU B 154 17.44 8.47 -1.25
CA GLU B 154 18.80 8.96 -1.02
C GLU B 154 19.08 8.98 0.47
N ASN B 155 20.35 8.86 0.85
CA ASN B 155 20.76 8.82 2.25
C ASN B 155 20.29 10.04 3.03
N THR B 156 20.20 11.16 2.33
CA THR B 156 19.78 12.44 2.86
C THR B 156 18.31 12.44 3.32
N ASN B 157 17.54 11.45 2.86
CA ASN B 157 16.11 11.34 3.13
C ASN B 157 15.83 10.85 4.53
N LEU B 158 16.79 10.12 5.10
CA LEU B 158 16.60 9.35 6.32
C LEU B 158 16.24 10.19 7.52
N THR B 159 16.51 11.48 7.43
CA THR B 159 16.29 12.41 8.53
C THR B 159 14.79 12.66 8.84
N ARG B 160 13.94 12.53 7.82
CA ARG B 160 12.50 12.81 7.91
C ARG B 160 11.65 11.61 7.49
N GLN B 161 12.11 10.92 6.43
CA GLN B 161 11.33 9.90 5.73
C GLN B 161 11.43 8.57 6.46
N VAL B 162 10.53 8.42 7.43
CA VAL B 162 10.68 7.49 8.56
C VAL B 162 10.59 6.01 8.16
N LEU B 163 10.00 5.73 7.01
CA LEU B 163 9.85 4.36 6.53
C LEU B 163 11.15 3.81 5.92
N PHE B 164 12.09 4.73 5.61
CA PHE B 164 13.32 4.39 4.89
C PHE B 164 14.50 4.10 5.80
N SER B 165 15.29 3.09 5.40
CA SER B 165 16.48 2.67 6.13
C SER B 165 17.73 2.78 5.25
N GLU B 166 18.92 2.69 5.86
CA GLU B 166 20.19 2.76 5.10
C GLU B 166 20.27 1.74 3.95
N ASP B 167 19.74 0.54 4.18
CA ASP B 167 19.72 -0.52 3.14
C ASP B 167 18.72 -0.28 2.00
N ASP B 168 17.83 0.70 2.16
CA ASP B 168 16.82 1.05 1.14
C ASP B 168 17.33 2.10 0.14
N VAL B 169 18.46 2.73 0.46
CA VAL B 169 19.02 3.77 -0.40
C VAL B 169 19.23 3.26 -1.83
N GLY B 170 18.81 4.05 -2.80
CA GLY B 170 18.90 3.67 -4.22
C GLY B 170 17.61 3.14 -4.82
N LYS B 171 16.85 2.39 -4.01
CA LYS B 171 15.55 1.78 -4.41
C LYS B 171 14.46 2.84 -4.58
N ASN B 172 13.36 2.45 -5.23
CA ASN B 172 12.22 3.35 -5.46
C ASN B 172 11.41 3.59 -4.19
N LYS B 173 11.09 4.85 -3.91
CA LYS B 173 10.36 5.27 -2.70
C LYS B 173 9.00 4.56 -2.56
N THR B 174 8.19 4.67 -3.61
CA THR B 174 6.92 3.95 -3.72
C THR B 174 7.06 2.46 -3.35
N GLU B 175 8.10 1.81 -3.89
CA GLU B 175 8.38 0.39 -3.62
C GLU B 175 8.60 0.10 -2.14
N VAL B 176 9.37 0.95 -1.48
CA VAL B 176 9.77 0.68 -0.10
C VAL B 176 8.66 1.00 0.92
N ILE B 177 8.00 2.16 0.74
CA ILE B 177 6.79 2.50 1.49
C ILE B 177 5.81 1.32 1.45
N LYS B 178 5.46 0.87 0.24
CA LYS B 178 4.56 -0.27 0.04
C LYS B 178 4.94 -1.49 0.87
N ARG B 179 6.21 -1.87 0.85
CA ARG B 179 6.67 -3.02 1.64
C ARG B 179 6.53 -2.76 3.13
N GLU B 180 6.98 -1.57 3.56
CA GLU B 180 6.94 -1.19 4.97
C GLU B 180 5.52 -1.06 5.51
N LEU B 181 4.60 -0.58 4.67
CA LEU B 181 3.18 -0.52 4.99
C LEU B 181 2.56 -1.89 5.20
N LEU B 182 2.78 -2.81 4.26
CA LEU B 182 2.23 -4.16 4.35
C LEU B 182 2.77 -4.93 5.56
N LYS B 183 4.01 -4.63 5.95
CA LYS B 183 4.61 -5.18 7.18
C LYS B 183 3.85 -4.78 8.43
N ARG B 184 3.27 -3.57 8.39
CA ARG B 184 2.62 -2.97 9.55
C ARG B 184 1.12 -3.21 9.58
N ASN B 185 0.51 -3.19 8.40
CA ASN B 185 -0.90 -3.53 8.26
C ASN B 185 -1.13 -4.37 6.99
N SER B 186 -1.21 -5.68 7.18
CA SER B 186 -1.37 -6.64 6.08
C SER B 186 -2.81 -6.71 5.55
N GLU B 187 -3.73 -6.20 6.36
CA GLU B 187 -5.16 -6.18 6.06
C GLU B 187 -5.58 -5.19 4.97
N ILE B 188 -4.65 -4.34 4.53
CA ILE B 188 -4.99 -3.28 3.56
C ILE B 188 -4.40 -3.58 2.18
N SER B 189 -4.72 -2.72 1.21
CA SER B 189 -4.14 -2.83 -0.12
C SER B 189 -3.44 -1.52 -0.46
N VAL B 190 -2.24 -1.64 -1.01
CA VAL B 190 -1.44 -0.49 -1.41
C VAL B 190 -1.21 -0.54 -2.92
N SER B 191 -1.16 0.63 -3.55
CA SER B 191 -0.90 0.72 -4.98
C SER B 191 0.33 1.58 -5.25
N GLU B 192 0.97 1.34 -6.41
CA GLU B 192 2.16 2.09 -6.84
C GLU B 192 1.95 2.73 -8.20
N ILE B 193 2.36 3.98 -8.32
CA ILE B 193 2.43 4.67 -9.61
C ILE B 193 3.74 5.45 -9.64
N ALA B 194 4.64 5.04 -10.53
CA ALA B 194 5.94 5.68 -10.67
C ALA B 194 5.83 6.94 -11.54
N LEU B 195 5.69 8.10 -10.89
CA LEU B 195 5.33 9.36 -11.56
C LEU B 195 5.57 10.59 -10.67
N ASN B 196 6.35 11.54 -11.19
CA ASN B 196 6.41 12.89 -10.63
C ASN B 196 5.64 13.80 -11.55
N ILE B 197 5.00 14.82 -10.97
CA ILE B 197 4.25 15.78 -11.75
C ILE B 197 5.20 16.88 -12.20
N ASN B 198 5.73 16.71 -13.41
CA ASN B 198 6.53 17.76 -14.05
C ASN B 198 5.67 18.54 -15.03
N ASP B 199 4.57 17.94 -15.44
CA ASP B 199 3.62 18.58 -16.35
C ASP B 199 2.20 18.39 -15.84
N TYR B 200 1.40 19.45 -15.95
CA TYR B 200 0.00 19.40 -15.58
C TYR B 200 -0.70 18.11 -16.04
N THR B 201 -0.51 17.76 -17.32
CA THR B 201 -1.16 16.60 -17.93
C THR B 201 -0.84 15.29 -17.22
N ASP B 202 0.23 15.27 -16.43
CA ASP B 202 0.57 14.09 -15.62
C ASP B 202 -0.51 13.82 -14.57
N LEU B 203 -1.31 14.84 -14.25
CA LEU B 203 -2.39 14.71 -13.25
C LEU B 203 -3.49 13.73 -13.67
N HIS B 204 -3.76 13.66 -14.97
CA HIS B 204 -4.76 12.75 -15.50
C HIS B 204 -4.34 11.29 -15.28
N LYS B 205 -3.06 11.07 -15.00
CA LYS B 205 -2.59 9.74 -14.64
C LYS B 205 -2.80 9.45 -13.15
N VAL B 206 -3.15 10.50 -12.40
CA VAL B 206 -3.53 10.36 -11.00
C VAL B 206 -5.02 9.95 -10.87
N PRO B 207 -5.27 8.74 -10.33
CA PRO B 207 -6.58 8.13 -10.20
C PRO B 207 -7.53 8.87 -9.29
N GLU B 208 -8.83 8.60 -9.49
CA GLU B 208 -9.91 9.11 -8.65
C GLU B 208 -9.78 8.51 -7.26
N ALA B 209 -9.97 9.35 -6.24
CA ALA B 209 -9.94 8.89 -4.84
C ALA B 209 -10.87 9.70 -3.95
N ASP B 210 -11.15 9.18 -2.75
CA ASP B 210 -11.88 9.92 -1.71
C ASP B 210 -11.23 11.29 -1.48
N ILE B 211 -9.88 11.33 -1.50
CA ILE B 211 -9.13 12.57 -1.32
C ILE B 211 -7.69 12.38 -1.79
N TRP B 212 -7.07 13.45 -2.28
CA TRP B 212 -5.63 13.47 -2.56
C TRP B 212 -4.88 14.18 -1.45
N VAL B 213 -3.86 13.53 -0.89
CA VAL B 213 -2.91 14.24 -0.01
C VAL B 213 -1.77 14.80 -0.87
N VAL B 214 -1.72 16.12 -1.00
CA VAL B 214 -0.75 16.77 -1.89
C VAL B 214 0.40 17.41 -1.10
N SER B 215 1.62 16.90 -1.29
CA SER B 215 2.78 17.45 -0.59
C SER B 215 4.05 17.51 -1.43
N ALA B 216 3.93 17.16 -2.71
CA ALA B 216 5.06 17.29 -3.62
C ALA B 216 5.44 18.77 -3.71
N ASP B 217 6.73 19.06 -3.61
CA ASP B 217 7.16 20.46 -3.62
C ASP B 217 7.84 20.93 -4.90
N HIS B 218 7.79 20.11 -5.95
CA HIS B 218 8.13 20.61 -7.27
C HIS B 218 7.20 20.12 -8.39
N PRO B 219 6.92 20.99 -9.39
CA PRO B 219 7.40 22.37 -9.48
C PRO B 219 6.85 23.29 -8.37
N PHE B 220 7.21 24.56 -8.42
CA PHE B 220 6.80 25.54 -7.42
C PHE B 220 5.29 25.79 -7.43
N ASN B 221 4.68 25.64 -8.59
CA ASN B 221 3.26 25.88 -8.75
C ASN B 221 2.48 24.57 -8.85
N LEU B 222 3.01 23.52 -8.23
CA LEU B 222 2.31 22.25 -8.17
C LEU B 222 0.92 22.38 -7.55
N ILE B 223 0.82 23.04 -6.40
CA ILE B 223 -0.48 23.21 -5.72
C ILE B 223 -1.46 24.03 -6.55
N ASN B 224 -0.92 24.86 -7.45
CA ASN B 224 -1.76 25.59 -8.38
C ASN B 224 -2.29 24.68 -9.49
N TRP B 225 -1.47 23.74 -9.95
CA TRP B 225 -1.92 22.72 -10.91
C TRP B 225 -2.92 21.74 -10.30
N VAL B 226 -2.71 21.37 -9.04
CA VAL B 226 -3.61 20.47 -8.35
C VAL B 226 -4.95 21.15 -8.10
N ASN B 227 -4.90 22.40 -7.63
CA ASN B 227 -6.11 23.15 -7.35
C ASN B 227 -7.05 23.19 -8.56
N LYS B 228 -6.59 23.78 -9.66
CA LYS B 228 -7.37 23.86 -10.90
C LYS B 228 -7.90 22.50 -11.38
N TYR B 229 -7.03 21.49 -11.36
CA TYR B 229 -7.43 20.15 -11.81
C TYR B 229 -8.50 19.51 -10.92
N CYS B 230 -8.36 19.67 -9.60
CA CYS B 230 -9.24 19.02 -8.65
C CYS B 230 -10.63 19.65 -8.66
N VAL B 231 -10.69 20.96 -8.85
CA VAL B 231 -11.96 21.65 -9.06
C VAL B 231 -12.70 20.98 -10.25
N ARG B 232 -12.09 21.03 -11.44
CA ARG B 232 -12.69 20.41 -12.64
C ARG B 232 -13.04 18.97 -12.35
N ALA B 233 -12.09 18.22 -11.79
CA ALA B 233 -12.30 16.81 -11.55
C ALA B 233 -13.22 16.49 -10.36
N ASN B 234 -13.83 17.51 -9.75
CA ASN B 234 -14.60 17.35 -8.49
C ASN B 234 -13.88 16.50 -7.44
N GLN B 235 -12.57 16.70 -7.30
CA GLN B 235 -11.74 15.83 -6.48
C GLN B 235 -11.28 16.57 -5.22
N PRO B 236 -11.68 16.06 -4.04
CA PRO B 236 -11.17 16.58 -2.78
C PRO B 236 -9.66 16.39 -2.65
N TYR B 237 -8.99 17.39 -2.09
CA TYR B 237 -7.56 17.27 -1.82
C TYR B 237 -7.23 18.05 -0.56
N ILE B 238 -6.12 17.68 0.06
CA ILE B 238 -5.55 18.46 1.16
C ILE B 238 -4.03 18.67 0.94
N ASN B 239 -3.60 19.92 1.01
CA ASN B 239 -2.17 20.28 0.92
C ASN B 239 -1.54 20.24 2.31
N ALA B 240 -0.32 19.72 2.38
CA ALA B 240 0.46 19.72 3.63
C ALA B 240 1.92 19.98 3.26
N GLY B 241 2.66 20.53 4.21
CA GLY B 241 4.07 20.83 3.99
C GLY B 241 4.59 21.75 5.07
N TYR B 242 5.43 22.69 4.68
CA TYR B 242 6.09 23.57 5.62
C TYR B 242 6.71 24.73 4.85
N VAL B 243 6.75 25.87 5.51
CA VAL B 243 7.51 27.00 5.01
C VAL B 243 8.70 27.14 5.96
N ASN B 244 9.82 26.55 5.57
CA ASN B 244 10.98 26.41 6.44
C ASN B 244 10.57 25.87 7.82
N ASP B 245 10.74 26.68 8.88
CA ASP B 245 10.43 26.28 10.26
C ASP B 245 8.94 26.30 10.68
N ILE B 246 8.05 26.64 9.76
CA ILE B 246 6.61 26.63 10.05
C ILE B 246 5.95 25.44 9.38
N ALA B 247 5.26 24.62 10.18
CA ALA B 247 4.43 23.53 9.68
C ALA B 247 3.12 24.04 9.10
N VAL B 248 2.73 23.48 7.95
CA VAL B 248 1.54 23.95 7.24
C VAL B 248 0.68 22.76 6.82
N PHE B 249 -0.62 22.86 7.08
CA PHE B 249 -1.57 21.92 6.53
C PHE B 249 -2.88 22.66 6.22
N GLY B 250 -3.66 22.12 5.29
CA GLY B 250 -4.76 22.85 4.70
C GLY B 250 -4.33 23.57 3.43
N PRO B 251 -5.30 23.95 2.59
CA PRO B 251 -6.73 23.74 2.85
C PRO B 251 -7.16 22.31 2.55
N LEU B 252 -8.29 21.91 3.12
CA LEU B 252 -8.95 20.69 2.74
C LEU B 252 -10.03 21.11 1.75
N TYR B 253 -9.74 20.98 0.45
CA TYR B 253 -10.68 21.38 -0.58
C TYR B 253 -11.82 20.37 -0.69
N VAL B 254 -13.06 20.86 -0.52
CA VAL B 254 -14.26 20.04 -0.72
C VAL B 254 -15.15 20.69 -1.79
N PRO B 255 -15.28 20.04 -2.97
CA PRO B 255 -16.04 20.60 -4.08
C PRO B 255 -17.43 21.04 -3.62
N GLY B 256 -17.77 22.29 -3.90
CA GLY B 256 -19.09 22.85 -3.61
C GLY B 256 -19.35 23.17 -2.16
N LYS B 257 -18.35 23.02 -1.32
CA LYS B 257 -18.52 23.26 0.11
C LYS B 257 -17.52 24.30 0.60
N THR B 258 -16.29 24.22 0.10
CA THR B 258 -15.24 25.13 0.54
C THR B 258 -14.82 26.07 -0.58
N GLY B 259 -14.07 27.11 -0.21
CA GLY B 259 -13.29 27.85 -1.20
C GLY B 259 -12.16 27.00 -1.74
N CYS B 260 -11.52 27.47 -2.80
CA CYS B 260 -10.35 26.78 -3.30
C CYS B 260 -9.08 27.57 -2.92
N TYR B 261 -7.92 26.98 -3.20
CA TYR B 261 -6.63 27.60 -2.90
C TYR B 261 -6.58 29.02 -3.45
N GLU B 262 -7.11 29.21 -4.66
CA GLU B 262 -7.00 30.48 -5.38
C GLU B 262 -7.95 31.55 -4.88
N CYS B 263 -9.03 31.14 -4.21
CA CYS B 263 -10.12 32.05 -3.86
C CYS B 263 -9.71 33.33 -3.14
N GLN B 264 -9.03 33.18 -2.00
CA GLN B 264 -8.67 34.33 -1.15
C GLN B 264 -7.28 34.89 -1.42
N LYS B 265 -6.49 34.19 -2.23
CA LYS B 265 -5.12 34.60 -2.55
C LYS B 265 -4.35 34.99 -1.29
N VAL B 266 -3.97 33.97 -0.52
CA VAL B 266 -3.33 34.16 0.78
C VAL B 266 -1.80 34.09 0.68
N VAL B 267 -1.33 33.71 -0.51
CA VAL B 267 0.08 33.47 -0.75
C VAL B 267 0.61 34.44 -1.82
N ALA B 268 1.89 34.80 -1.69
CA ALA B 268 2.60 35.57 -2.71
C ALA B 268 3.43 34.66 -3.63
N ASP B 269 3.22 34.79 -4.95
CA ASP B 269 3.93 33.99 -5.95
C ASP B 269 5.43 34.27 -5.97
N LEU B 270 6.21 33.20 -6.09
CA LEU B 270 7.67 33.28 -6.10
C LEU B 270 8.23 34.04 -7.31
N TYR B 271 7.70 33.71 -8.49
CA TYR B 271 8.17 34.27 -9.75
C TYR B 271 7.06 35.07 -10.43
N LYS B 275 9.48 45.79 -14.39
CA LYS B 275 10.88 46.18 -14.20
C LYS B 275 11.87 45.14 -14.75
N GLU B 276 12.81 45.63 -15.56
CA GLU B 276 13.76 44.76 -16.24
C GLU B 276 14.81 44.18 -15.28
N ASN B 277 15.47 45.06 -14.53
CA ASN B 277 16.62 44.67 -13.71
C ASN B 277 16.35 43.74 -12.52
N ILE B 278 15.29 44.02 -11.76
CA ILE B 278 15.05 43.31 -10.49
C ILE B 278 14.43 41.90 -10.62
N ASP B 279 13.40 41.77 -11.46
CA ASP B 279 12.65 40.52 -11.58
C ASP B 279 13.51 39.37 -12.12
N HIS B 280 14.60 39.70 -12.80
CA HIS B 280 15.58 38.71 -13.22
C HIS B 280 16.39 38.23 -12.00
N LYS B 281 16.62 39.14 -11.06
CA LYS B 281 17.39 38.83 -9.85
C LYS B 281 16.57 38.03 -8.85
N ILE B 282 15.28 38.38 -8.73
CA ILE B 282 14.32 37.63 -7.93
C ILE B 282 14.29 36.17 -8.37
N LYS B 283 13.98 35.97 -9.65
CA LYS B 283 13.94 34.63 -10.25
C LYS B 283 15.20 33.83 -9.99
N LEU B 284 16.35 34.48 -10.08
CA LEU B 284 17.62 33.82 -9.81
C LEU B 284 17.69 33.34 -8.35
N ILE B 285 17.37 34.23 -7.41
CA ILE B 285 17.34 33.88 -5.98
C ILE B 285 16.38 32.72 -5.69
N ASN B 286 15.14 32.86 -6.15
CA ASN B 286 14.10 31.85 -5.89
C ASN B 286 14.38 30.48 -6.50
N SER B 287 15.04 30.46 -7.65
CA SER B 287 15.45 29.21 -8.31
C SER B 287 16.54 28.44 -7.54
N ARG B 288 17.30 29.14 -6.70
CA ARG B 288 18.32 28.50 -5.89
C ARG B 288 17.75 28.02 -4.54
N PHE B 289 16.47 28.33 -4.29
CA PHE B 289 15.85 28.06 -3.00
C PHE B 289 15.81 26.58 -2.65
N LYS B 290 16.26 26.25 -1.43
CA LYS B 290 16.09 24.93 -0.87
C LYS B 290 15.50 25.06 0.53
N PRO B 291 14.40 24.32 0.81
CA PRO B 291 13.76 24.38 2.12
C PRO B 291 14.67 23.95 3.26
N ALA B 292 14.63 24.69 4.37
CA ALA B 292 15.35 24.29 5.56
C ALA B 292 14.50 23.27 6.30
N THR B 293 14.51 22.04 5.77
CA THR B 293 13.78 20.88 6.31
C THR B 293 14.24 20.49 7.70
N PHE B 294 13.29 20.02 8.49
CA PHE B 294 13.51 19.65 9.88
C PHE B 294 12.41 18.68 10.26
N ALA B 295 12.79 17.47 10.68
CA ALA B 295 11.82 16.40 10.94
C ALA B 295 10.65 16.79 11.87
N PRO B 296 10.95 17.41 13.02
CA PRO B 296 9.83 17.87 13.87
C PRO B 296 8.74 18.66 13.14
N VAL B 297 9.14 19.56 12.25
CA VAL B 297 8.20 20.38 11.46
C VAL B 297 7.45 19.52 10.44
N ASN B 298 8.21 18.79 9.64
CA ASN B 298 7.64 17.80 8.74
C ASN B 298 6.58 16.93 9.42
N ASN B 299 6.91 16.41 10.60
CA ASN B 299 6.06 15.44 11.32
C ASN B 299 4.74 16.04 11.81
N VAL B 300 4.78 17.29 12.24
CA VAL B 300 3.58 18.01 12.70
C VAL B 300 2.58 18.22 11.56
N ALA B 301 3.09 18.78 10.47
CA ALA B 301 2.26 19.05 9.30
C ALA B 301 1.63 17.75 8.83
N ALA B 302 2.45 16.71 8.73
CA ALA B 302 2.00 15.39 8.33
C ALA B 302 0.94 14.80 9.29
N ALA B 303 1.21 14.87 10.59
CA ALA B 303 0.29 14.33 11.60
C ALA B 303 -1.10 14.97 11.51
N LEU B 304 -1.13 16.29 11.37
CA LEU B 304 -2.41 17.03 11.37
C LEU B 304 -3.12 16.91 10.04
N CYS B 305 -2.31 16.83 8.98
CA CYS B 305 -2.83 16.48 7.68
C CYS B 305 -3.59 15.16 7.78
N ALA B 306 -2.96 14.15 8.37
CA ALA B 306 -3.50 12.79 8.46
C ALA B 306 -4.77 12.77 9.30
N ALA B 307 -4.76 13.50 10.41
CA ALA B 307 -5.96 13.67 11.26
C ALA B 307 -7.17 14.16 10.46
N ASP B 308 -6.94 15.16 9.61
CA ASP B 308 -8.00 15.73 8.80
C ASP B 308 -8.58 14.78 7.75
N VAL B 309 -7.75 13.92 7.17
CA VAL B 309 -8.17 12.92 6.19
C VAL B 309 -9.01 11.83 6.85
N ILE B 310 -8.50 11.31 7.97
CA ILE B 310 -9.24 10.40 8.82
C ILE B 310 -10.64 10.97 9.20
N LYS B 311 -10.70 12.21 9.64
CA LYS B 311 -11.96 12.88 10.00
C LYS B 311 -12.85 13.16 8.81
N PHE B 312 -12.25 13.63 7.71
CA PHE B 312 -13.00 13.84 6.49
C PHE B 312 -13.69 12.56 5.99
N ILE B 313 -12.97 11.45 5.98
CA ILE B 313 -13.52 10.18 5.54
C ILE B 313 -14.37 9.56 6.62
N GLY B 314 -13.87 9.57 7.85
CA GLY B 314 -14.57 9.01 9.01
C GLY B 314 -15.88 9.69 9.37
N LYS B 315 -15.99 10.97 9.01
CA LYS B 315 -17.19 11.79 9.23
C LYS B 315 -17.58 12.04 10.70
N TYR B 316 -16.69 11.70 11.64
CA TYR B 316 -17.02 11.78 13.07
C TYR B 316 -16.74 13.15 13.73
N SER B 317 -15.92 13.97 13.08
CA SER B 317 -15.54 15.30 13.58
C SER B 317 -15.14 16.18 12.41
N GLU B 318 -15.28 17.50 12.54
CA GLU B 318 -14.92 18.42 11.47
C GLU B 318 -13.40 18.55 11.34
N PRO B 319 -12.88 18.27 10.13
CA PRO B 319 -11.48 18.57 9.85
C PRO B 319 -11.19 20.04 10.13
N LEU B 320 -10.02 20.30 10.72
CA LEU B 320 -9.59 21.65 11.07
C LEU B 320 -9.36 22.56 9.84
N SER B 321 -8.89 21.96 8.75
CA SER B 321 -8.45 22.73 7.60
C SER B 321 -9.53 23.01 6.51
N LEU B 322 -10.81 22.72 6.80
CA LEU B 322 -11.89 23.20 5.94
C LEU B 322 -11.88 24.72 5.89
N ASN B 323 -11.82 25.28 4.68
CA ASN B 323 -11.76 26.74 4.46
C ASN B 323 -10.57 27.46 5.12
N LYS B 324 -9.50 26.72 5.42
CA LYS B 324 -8.37 27.26 6.20
C LYS B 324 -7.03 26.64 5.83
N ARG B 325 -6.03 27.50 5.84
CA ARG B 325 -4.65 27.11 5.69
C ARG B 325 -4.02 27.40 7.05
N ILE B 326 -3.50 26.37 7.70
CA ILE B 326 -3.05 26.49 9.09
C ILE B 326 -1.53 26.32 9.23
N GLY B 327 -0.90 27.26 9.93
CA GLY B 327 0.54 27.21 10.22
C GLY B 327 0.80 27.01 11.72
N ILE B 328 1.72 26.09 12.02
CA ILE B 328 2.23 25.95 13.38
C ILE B 328 3.72 26.27 13.39
N TRP B 329 4.10 27.25 14.18
CA TRP B 329 5.48 27.65 14.32
C TRP B 329 6.24 26.61 15.16
N SER B 330 7.54 26.55 14.95
CA SER B 330 8.40 25.70 15.76
C SER B 330 9.39 26.49 16.63
N ASP B 331 9.65 27.75 16.30
CA ASP B 331 10.52 28.59 17.15
C ASP B 331 9.76 29.61 18.01
N GLU B 332 8.43 29.46 18.02
CA GLU B 332 7.55 30.25 18.87
C GLU B 332 6.39 29.35 19.21
N ILE B 333 5.69 29.65 20.29
CA ILE B 333 4.42 29.01 20.62
C ILE B 333 3.33 29.78 19.91
N LYS B 334 2.93 29.27 18.74
CA LYS B 334 2.06 30.02 17.86
C LYS B 334 1.41 29.15 16.81
N ILE B 335 0.10 29.35 16.65
CA ILE B 335 -0.65 28.74 15.59
C ILE B 335 -1.47 29.83 14.90
N HIS B 336 -1.45 29.85 13.58
CA HIS B 336 -2.21 30.84 12.82
C HIS B 336 -2.89 30.22 11.59
N SER B 337 -4.15 30.57 11.38
CA SER B 337 -4.82 30.13 10.17
C SER B 337 -5.15 31.31 9.28
N GLN B 338 -5.09 31.08 7.97
CA GLN B 338 -5.47 32.05 6.94
C GLN B 338 -6.79 31.58 6.33
N ASN B 339 -7.77 32.48 6.29
CA ASN B 339 -9.09 32.20 5.70
C ASN B 339 -9.01 31.88 4.20
N MET B 340 -9.64 30.78 3.82
CA MET B 340 -9.71 30.32 2.44
C MET B 340 -11.17 30.11 2.06
N GLY B 341 -12.02 31.04 2.51
CA GLY B 341 -13.45 30.99 2.21
C GLY B 341 -13.71 31.18 0.72
N ARG B 342 -14.89 30.73 0.29
CA ARG B 342 -15.30 30.78 -1.12
C ARG B 342 -15.30 32.22 -1.69
N SER B 343 -14.90 32.36 -2.95
CA SER B 343 -14.84 33.67 -3.63
C SER B 343 -15.45 33.59 -5.03
N PRO B 344 -16.41 34.49 -5.35
CA PRO B 344 -17.06 34.49 -6.68
C PRO B 344 -16.19 35.08 -7.80
N VAL B 345 -15.08 35.71 -7.41
CA VAL B 345 -14.17 36.38 -8.32
C VAL B 345 -12.98 35.47 -8.68
N CYS B 346 -12.97 34.26 -8.10
CA CYS B 346 -11.86 33.34 -8.29
C CYS B 346 -11.75 32.86 -9.75
N SER B 347 -10.53 32.87 -10.26
CA SER B 347 -10.27 32.56 -11.67
C SER B 347 -10.35 31.06 -11.97
N VAL B 348 -10.66 30.28 -10.94
CA VAL B 348 -10.71 28.82 -11.04
C VAL B 348 -12.11 28.29 -10.78
N CYS B 349 -12.76 28.78 -9.72
CA CYS B 349 -14.07 28.26 -9.33
C CYS B 349 -15.10 29.35 -9.02
N GLY B 350 -14.83 30.58 -9.44
CA GLY B 350 -15.76 31.71 -9.24
C GLY B 350 -17.17 31.45 -9.76
N MET C 4 -38.45 -19.46 5.00
CA MET C 4 -37.28 -19.55 4.07
C MET C 4 -36.18 -20.38 4.73
N ASP C 5 -35.73 -21.41 4.02
CA ASP C 5 -34.59 -22.20 4.49
C ASP C 5 -33.27 -21.48 4.20
N TYR C 6 -32.26 -21.79 5.01
CA TYR C 6 -30.89 -21.37 4.79
C TYR C 6 -30.00 -22.61 4.83
N ILE C 7 -28.86 -22.54 4.15
CA ILE C 7 -27.91 -23.64 4.11
C ILE C 7 -26.49 -23.12 4.19
N LEU C 8 -25.63 -23.89 4.85
CA LEU C 8 -24.21 -23.62 4.88
C LEU C 8 -23.57 -23.98 3.54
N GLY C 9 -22.93 -23.00 2.90
CA GLY C 9 -22.24 -23.21 1.64
C GLY C 9 -21.14 -24.24 1.83
N ARG C 10 -21.01 -25.14 0.87
CA ARG C 10 -19.98 -26.18 0.95
C ARG C 10 -18.56 -25.62 0.79
N TYR C 11 -18.46 -24.42 0.22
CA TYR C 11 -17.19 -23.71 0.04
C TYR C 11 -16.63 -23.12 1.36
N VAL C 12 -17.38 -23.20 2.45
CA VAL C 12 -16.89 -22.69 3.72
C VAL C 12 -16.00 -23.71 4.40
N LYS C 13 -14.86 -23.25 4.89
CA LYS C 13 -13.99 -24.08 5.72
C LYS C 13 -13.46 -23.29 6.90
N ILE C 14 -13.23 -23.99 8.00
CA ILE C 14 -12.87 -23.41 9.29
C ILE C 14 -11.53 -23.98 9.72
N ALA C 15 -10.78 -23.20 10.49
CA ALA C 15 -9.49 -23.63 11.00
C ALA C 15 -9.18 -22.91 12.31
N ARG C 16 -8.70 -23.66 13.30
CA ARG C 16 -8.24 -23.05 14.55
C ARG C 16 -6.99 -22.25 14.26
N TYR C 17 -6.96 -21.00 14.71
CA TYR C 17 -5.86 -20.09 14.41
C TYR C 17 -5.65 -19.08 15.55
N GLY C 18 -4.39 -18.87 15.91
CA GLY C 18 -4.04 -17.92 16.96
C GLY C 18 -4.86 -18.14 18.21
N SER C 19 -5.67 -17.13 18.57
CA SER C 19 -6.51 -17.19 19.76
C SER C 19 -7.92 -17.71 19.47
N GLY C 20 -8.42 -17.42 18.27
CA GLY C 20 -9.77 -17.84 17.87
C GLY C 20 -9.72 -18.83 16.72
N GLY C 21 -9.98 -18.34 15.52
CA GLY C 21 -9.84 -19.16 14.32
C GLY C 21 -10.24 -18.42 13.07
N LEU C 22 -10.03 -19.05 11.93
CA LEU C 22 -10.39 -18.47 10.63
C LEU C 22 -11.73 -19.03 10.18
N VAL C 23 -12.57 -18.17 9.60
CA VAL C 23 -13.80 -18.62 8.98
C VAL C 23 -13.74 -18.30 7.48
N GLY C 24 -13.86 -19.35 6.66
CA GLY C 24 -13.90 -19.20 5.21
C GLY C 24 -12.55 -19.38 4.55
N GLY C 25 -12.58 -19.66 3.25
CA GLY C 25 -11.36 -19.76 2.47
C GLY C 25 -11.44 -18.77 1.32
N GLY C 26 -10.30 -18.23 0.93
CA GLY C 26 -10.23 -17.29 -0.19
C GLY C 26 -10.28 -15.86 0.31
N GLY C 27 -10.64 -14.93 -0.55
CA GLY C 27 -10.67 -13.51 -0.21
C GLY C 27 -11.59 -13.14 0.94
N LYS C 28 -12.60 -13.99 1.19
CA LYS C 28 -13.55 -13.79 2.28
C LYS C 28 -13.05 -14.35 3.61
N GLU C 29 -11.83 -14.86 3.64
CA GLU C 29 -11.22 -15.39 4.87
C GLU C 29 -11.24 -14.36 6.00
N GLN C 30 -11.91 -14.74 7.11
CA GLN C 30 -12.06 -13.90 8.30
C GLN C 30 -11.35 -14.52 9.51
N TYR C 31 -10.41 -13.77 10.10
CA TYR C 31 -9.78 -14.22 11.33
C TYR C 31 -10.45 -13.59 12.56
N VAL C 32 -11.27 -14.37 13.25
CA VAL C 32 -11.91 -13.91 14.49
C VAL C 32 -11.05 -14.30 15.69
N GLU C 33 -10.54 -13.29 16.39
CA GLU C 33 -9.60 -13.48 17.50
C GLU C 33 -10.26 -13.92 18.81
N ASN C 34 -11.55 -13.58 18.99
CA ASN C 34 -12.28 -13.97 20.19
C ASN C 34 -12.79 -15.40 20.13
N LEU C 35 -12.22 -16.24 20.99
CA LEU C 35 -12.52 -17.67 21.05
C LEU C 35 -14.02 -17.95 21.20
N VAL C 36 -14.67 -17.28 22.15
CA VAL C 36 -16.08 -17.54 22.45
C VAL C 36 -16.98 -17.19 21.27
N LEU C 37 -16.58 -16.16 20.52
CA LEU C 37 -17.29 -15.71 19.34
C LEU C 37 -17.06 -16.69 18.18
N TRP C 38 -15.78 -17.03 17.95
CA TRP C 38 -15.42 -18.02 16.94
C TRP C 38 -16.21 -19.33 17.12
N GLU C 39 -16.11 -19.93 18.31
CA GLU C 39 -16.82 -21.18 18.65
C GLU C 39 -18.31 -21.07 18.38
N ASN C 40 -18.89 -19.94 18.78
CA ASN C 40 -20.29 -19.66 18.54
C ASN C 40 -20.67 -19.50 17.05
N ILE C 41 -19.73 -19.03 16.25
CA ILE C 41 -19.94 -18.93 14.80
C ILE C 41 -20.05 -20.34 14.21
N ILE C 42 -19.14 -21.23 14.62
CA ILE C 42 -19.16 -22.59 14.09
C ILE C 42 -20.39 -23.37 14.56
N LYS C 43 -20.79 -23.14 15.82
CA LYS C 43 -21.97 -23.77 16.40
C LYS C 43 -23.21 -23.40 15.61
N THR C 44 -23.30 -22.12 15.25
CA THR C 44 -24.39 -21.60 14.45
C THR C 44 -24.32 -22.16 13.02
N ALA C 45 -23.13 -22.15 12.44
CA ALA C 45 -22.89 -22.74 11.11
C ALA C 45 -23.36 -24.19 11.05
N TYR C 46 -22.91 -24.98 12.03
CA TYR C 46 -23.28 -26.38 12.17
C TYR C 46 -24.79 -26.60 12.03
N CYS C 47 -25.59 -25.71 12.61
CA CYS C 47 -27.05 -25.80 12.57
C CYS C 47 -27.65 -25.65 11.17
N PHE C 48 -26.83 -25.18 10.22
CA PHE C 48 -27.32 -24.98 8.87
C PHE C 48 -26.71 -25.94 7.84
N ILE C 49 -26.07 -27.02 8.30
CA ILE C 49 -25.55 -28.03 7.38
C ILE C 49 -26.68 -28.57 6.49
N THR C 50 -27.85 -28.79 7.11
CA THR C 50 -29.07 -29.17 6.43
C THR C 50 -29.89 -27.90 6.20
N PRO C 51 -30.67 -27.82 5.11
CA PRO C 51 -31.45 -26.62 4.81
C PRO C 51 -32.55 -26.37 5.87
N SER C 52 -32.39 -25.28 6.59
CA SER C 52 -33.21 -24.99 7.77
C SER C 52 -33.54 -23.51 7.82
N SER C 53 -34.78 -23.19 8.16
CA SER C 53 -35.16 -21.83 8.49
C SER C 53 -34.41 -21.36 9.75
N TYR C 54 -34.47 -20.06 10.03
CA TYR C 54 -33.80 -19.48 11.19
C TYR C 54 -34.23 -20.15 12.51
N THR C 55 -35.54 -20.27 12.73
CA THR C 55 -36.08 -20.79 13.99
C THR C 55 -35.82 -22.29 14.14
N ALA C 56 -36.06 -23.04 13.05
CA ALA C 56 -35.79 -24.48 13.00
C ALA C 56 -34.34 -24.82 13.36
N ALA C 57 -33.40 -24.14 12.71
CA ALA C 57 -31.98 -24.29 13.03
C ALA C 57 -31.70 -23.86 14.47
N LEU C 58 -32.30 -22.74 14.88
CA LEU C 58 -32.14 -22.20 16.25
C LEU C 58 -32.60 -23.18 17.33
N GLU C 59 -33.63 -23.95 17.02
CA GLU C 59 -34.14 -24.94 17.97
C GLU C 59 -33.15 -26.08 18.26
N THR C 60 -32.09 -26.17 17.45
CA THR C 60 -31.05 -27.20 17.64
C THR C 60 -29.77 -26.62 18.24
N ALA C 61 -29.75 -25.30 18.45
CA ALA C 61 -28.55 -24.61 18.92
C ALA C 61 -28.51 -24.55 20.43
N ASN C 62 -27.34 -24.78 21.01
CA ASN C 62 -27.21 -24.75 22.46
C ASN C 62 -26.55 -23.46 22.97
N ILE C 63 -26.91 -22.34 22.32
CA ILE C 63 -26.41 -21.01 22.69
C ILE C 63 -27.56 -20.00 22.78
N PRO C 64 -27.33 -18.86 23.47
CA PRO C 64 -28.35 -17.80 23.57
C PRO C 64 -28.92 -17.38 22.22
N GLU C 65 -30.19 -16.99 22.20
CA GLU C 65 -30.87 -16.55 20.98
C GLU C 65 -30.19 -15.35 20.36
N LYS C 66 -29.73 -14.41 21.20
CA LYS C 66 -29.12 -13.14 20.76
C LYS C 66 -27.77 -13.35 20.08
N ASP C 67 -26.98 -14.30 20.60
CA ASP C 67 -25.70 -14.68 20.01
C ASP C 67 -25.88 -15.44 18.70
N PHE C 68 -26.93 -16.26 18.64
CA PHE C 68 -27.28 -16.98 17.44
C PHE C 68 -27.58 -16.00 16.30
N SER C 69 -28.28 -14.90 16.65
CA SER C 69 -28.59 -13.82 15.71
C SER C 69 -27.36 -13.08 15.21
N ASN C 70 -26.43 -12.76 16.11
CA ASN C 70 -25.17 -12.13 15.73
C ASN C 70 -24.37 -12.97 14.76
N CYS C 71 -24.12 -14.22 15.15
CA CYS C 71 -23.40 -15.20 14.33
C CYS C 71 -24.11 -15.54 13.02
N PHE C 72 -25.45 -15.52 13.05
CA PHE C 72 -26.26 -15.77 11.87
C PHE C 72 -26.13 -14.63 10.86
N ARG C 73 -26.15 -13.40 11.36
CA ARG C 73 -26.00 -12.22 10.53
C ARG C 73 -24.62 -12.23 9.91
N PHE C 74 -23.60 -12.49 10.73
CA PHE C 74 -22.21 -12.58 10.28
C PHE C 74 -22.03 -13.60 9.15
N LEU C 75 -22.55 -14.82 9.36
CA LEU C 75 -22.45 -15.87 8.34
C LEU C 75 -23.18 -15.49 7.06
N LYS C 76 -24.37 -14.89 7.23
CA LYS C 76 -25.21 -14.46 6.11
C LYS C 76 -24.58 -13.29 5.35
N GLU C 77 -23.97 -12.35 6.10
CA GLU C 77 -23.30 -11.17 5.53
C GLU C 77 -22.12 -11.53 4.64
N ASN C 78 -21.38 -12.57 5.01
CA ASN C 78 -20.24 -13.04 4.22
C ASN C 78 -20.61 -14.13 3.21
N PHE C 79 -21.91 -14.40 3.12
CA PHE C 79 -22.47 -15.42 2.23
C PHE C 79 -21.96 -16.84 2.52
N PHE C 80 -21.54 -17.06 3.77
CA PHE C 80 -21.16 -18.38 4.27
C PHE C 80 -22.38 -19.32 4.44
N ILE C 81 -23.51 -18.74 4.81
CA ILE C 81 -24.81 -19.40 4.70
C ILE C 81 -25.62 -18.68 3.65
N ILE C 82 -26.47 -19.41 2.95
CA ILE C 82 -27.21 -18.85 1.82
C ILE C 82 -28.63 -19.40 1.78
N PRO C 83 -29.55 -18.68 1.10
CA PRO C 83 -30.87 -19.22 0.82
C PRO C 83 -30.80 -20.65 0.27
N GLY C 84 -31.65 -21.53 0.80
CA GLY C 84 -31.69 -22.93 0.43
C GLY C 84 -32.04 -23.17 -1.03
N GLU C 85 -32.88 -22.32 -1.60
CA GLU C 85 -33.18 -22.34 -3.03
C GLU C 85 -31.90 -22.33 -3.87
N TYR C 86 -30.94 -21.47 -3.48
CA TYR C 86 -29.66 -21.30 -4.18
C TYR C 86 -28.87 -22.59 -4.37
N ASN C 87 -29.18 -23.60 -3.57
CA ASN C 87 -28.47 -24.87 -3.65
C ASN C 87 -29.26 -25.95 -4.39
N ASN C 88 -30.43 -25.59 -4.91
CA ASN C 88 -31.24 -26.51 -5.70
C ASN C 88 -30.71 -26.66 -7.13
N SER C 89 -30.13 -27.84 -7.38
CA SER C 89 -29.69 -28.21 -8.73
C SER C 89 -29.50 -29.72 -8.83
N THR C 90 -29.30 -30.21 -10.05
CA THR C 90 -28.97 -31.62 -10.30
C THR C 90 -27.72 -32.00 -9.51
N GLU C 91 -26.81 -31.03 -9.36
CA GLU C 91 -25.55 -31.14 -8.61
C GLU C 91 -24.87 -32.51 -8.71
N ASN C 93 -25.57 -31.12 -12.36
CA ASN C 93 -25.35 -29.97 -13.23
C ASN C 93 -23.88 -29.84 -13.55
N ARG C 94 -23.55 -29.81 -14.84
CA ARG C 94 -22.15 -29.63 -15.28
C ARG C 94 -21.44 -28.41 -14.68
N TYR C 95 -22.21 -27.36 -14.37
CA TYR C 95 -21.67 -26.10 -13.83
C TYR C 95 -21.59 -26.05 -12.29
N SER C 96 -21.64 -27.21 -11.64
CA SER C 96 -21.56 -27.35 -10.17
C SER C 96 -20.53 -26.45 -9.47
N ARG C 97 -19.26 -26.58 -9.86
CA ARG C 97 -18.17 -25.85 -9.19
C ARG C 97 -18.25 -24.35 -9.40
N ASN C 98 -18.71 -23.93 -10.58
CA ASN C 98 -19.03 -22.54 -10.85
C ASN C 98 -20.14 -22.04 -9.90
N PHE C 99 -21.12 -22.90 -9.64
CA PHE C 99 -22.27 -22.55 -8.80
C PHE C 99 -21.81 -22.22 -7.37
N LEU C 100 -20.87 -22.99 -6.83
CA LEU C 100 -20.23 -22.67 -5.55
C LEU C 100 -19.55 -21.29 -5.56
N HIS C 101 -18.83 -21.01 -6.64
CA HIS C 101 -18.19 -19.73 -6.88
C HIS C 101 -19.24 -18.62 -6.77
N TYR C 102 -20.31 -18.72 -7.58
CA TYR C 102 -21.35 -17.68 -7.58
C TYR C 102 -22.04 -17.51 -6.23
N GLN C 103 -22.35 -18.63 -5.57
CA GLN C 103 -22.93 -18.60 -4.22
C GLN C 103 -22.05 -17.84 -3.24
N SER C 104 -20.73 -17.99 -3.39
CA SER C 104 -19.76 -17.37 -2.46
C SER C 104 -19.77 -15.85 -2.57
N TYR C 105 -20.37 -15.34 -3.65
CA TYR C 105 -20.50 -13.89 -3.85
C TYR C 105 -21.89 -13.36 -3.53
N GLY C 106 -22.74 -14.24 -3.01
CA GLY C 106 -24.08 -13.88 -2.58
C GLY C 106 -25.09 -13.92 -3.69
N ALA C 107 -24.72 -14.55 -4.79
CA ALA C 107 -25.57 -14.59 -5.98
C ALA C 107 -26.40 -15.86 -6.01
N ASN C 108 -27.54 -15.76 -6.68
CA ASN C 108 -28.31 -16.95 -7.06
C ASN C 108 -27.71 -17.52 -8.35
N PRO C 109 -27.06 -18.70 -8.25
CA PRO C 109 -26.27 -19.24 -9.35
C PRO C 109 -27.12 -19.54 -10.58
N VAL C 110 -28.36 -19.97 -10.34
CA VAL C 110 -29.31 -20.28 -11.41
C VAL C 110 -29.55 -19.05 -12.27
N LEU C 111 -29.75 -17.89 -11.63
CA LEU C 111 -29.96 -16.63 -12.36
C LEU C 111 -28.69 -16.15 -13.07
N VAL C 112 -27.53 -16.28 -12.41
CA VAL C 112 -26.24 -15.98 -13.03
C VAL C 112 -26.04 -16.83 -14.27
N GLN C 113 -26.28 -18.13 -14.14
CA GLN C 113 -26.15 -19.08 -15.24
C GLN C 113 -27.02 -18.70 -16.45
N ASP C 114 -28.23 -18.19 -16.18
CA ASP C 114 -29.12 -17.79 -17.26
C ASP C 114 -28.60 -16.54 -17.98
N LYS C 115 -27.97 -15.65 -17.23
CA LYS C 115 -27.31 -14.49 -17.83
C LYS C 115 -26.25 -14.98 -18.81
N LEU C 116 -25.43 -15.94 -18.37
CA LEU C 116 -24.43 -16.57 -19.23
C LEU C 116 -25.03 -17.24 -20.48
N LYS C 117 -26.09 -18.05 -20.27
CA LYS C 117 -26.84 -18.70 -21.35
C LYS C 117 -27.36 -17.70 -22.40
N ASN C 118 -27.80 -16.53 -21.92
CA ASN C 118 -28.42 -15.54 -22.79
C ASN C 118 -27.40 -14.62 -23.46
N ALA C 119 -26.13 -14.82 -23.14
CA ALA C 119 -25.06 -13.93 -23.58
C ALA C 119 -24.45 -14.30 -24.93
N LYS C 120 -23.96 -13.27 -25.61
CA LYS C 120 -23.30 -13.40 -26.91
C LYS C 120 -21.92 -12.73 -26.79
N VAL C 121 -20.85 -13.48 -27.05
CA VAL C 121 -19.50 -12.90 -26.90
C VAL C 121 -18.72 -12.94 -28.21
N VAL C 122 -18.19 -11.80 -28.63
CA VAL C 122 -17.30 -11.76 -29.79
C VAL C 122 -15.85 -12.00 -29.39
N ILE C 123 -15.24 -13.01 -30.00
CA ILE C 123 -13.83 -13.25 -29.84
C ILE C 123 -13.08 -12.68 -31.04
N LEU C 124 -12.67 -11.42 -30.90
CA LEU C 124 -11.93 -10.74 -31.96
C LEU C 124 -10.43 -11.02 -31.86
N GLY C 125 -10.00 -12.06 -32.57
CA GLY C 125 -8.62 -12.55 -32.50
C GLY C 125 -8.64 -13.91 -31.84
N CYS C 126 -8.14 -14.93 -32.54
CA CYS C 126 -8.20 -16.32 -32.08
C CYS C 126 -6.81 -16.95 -31.89
N GLY C 127 -5.87 -16.12 -31.42
CA GLY C 127 -4.54 -16.62 -31.09
C GLY C 127 -4.53 -17.21 -29.68
N GLY C 128 -3.41 -17.01 -28.99
CA GLY C 128 -3.20 -17.50 -27.65
C GLY C 128 -4.24 -17.11 -26.62
N ILE C 129 -4.58 -15.82 -26.55
CA ILE C 129 -5.58 -15.29 -25.62
C ILE C 129 -6.97 -15.77 -26.03
N GLY C 130 -7.28 -15.61 -27.33
CA GLY C 130 -8.52 -16.11 -27.91
C GLY C 130 -8.82 -17.57 -27.59
N ASN C 131 -7.81 -18.41 -27.72
CA ASN C 131 -7.95 -19.83 -27.41
C ASN C 131 -8.41 -20.06 -26.00
N HIS C 132 -7.65 -19.53 -25.05
CA HIS C 132 -7.88 -19.72 -23.63
C HIS C 132 -9.17 -19.07 -23.12
N VAL C 133 -9.43 -17.83 -23.54
CA VAL C 133 -10.68 -17.14 -23.16
C VAL C 133 -11.90 -17.93 -23.66
N SER C 134 -11.91 -18.29 -24.95
CA SER C 134 -13.10 -18.94 -25.56
C SER C 134 -13.44 -20.27 -24.89
N VAL C 135 -12.45 -21.09 -24.58
CA VAL C 135 -12.72 -22.35 -23.86
C VAL C 135 -13.27 -22.15 -22.45
N ILE C 136 -12.69 -21.24 -21.67
CA ILE C 136 -13.27 -20.89 -20.37
C ILE C 136 -14.73 -20.52 -20.55
N LEU C 137 -15.01 -19.60 -21.48
CA LEU C 137 -16.38 -19.14 -21.70
C LEU C 137 -17.34 -20.23 -22.18
N ALA C 138 -16.87 -21.09 -23.09
CA ALA C 138 -17.70 -22.18 -23.61
C ALA C 138 -18.16 -23.07 -22.46
N THR C 139 -17.18 -23.49 -21.65
CA THR C 139 -17.37 -24.45 -20.59
C THR C 139 -18.05 -23.87 -19.35
N SER C 140 -18.03 -22.54 -19.25
CA SER C 140 -18.83 -21.86 -18.24
C SER C 140 -20.24 -21.59 -18.71
N GLY C 141 -20.52 -21.96 -19.96
CA GLY C 141 -21.87 -21.91 -20.51
C GLY C 141 -22.32 -20.60 -21.14
N ILE C 142 -21.37 -19.82 -21.66
CA ILE C 142 -21.71 -18.62 -22.45
C ILE C 142 -22.46 -19.12 -23.69
N GLY C 143 -23.70 -18.65 -23.86
CA GLY C 143 -24.62 -19.20 -24.87
C GLY C 143 -24.23 -19.07 -26.33
N GLU C 144 -23.58 -17.97 -26.69
CA GLU C 144 -23.17 -17.74 -28.05
C GLU C 144 -21.78 -17.14 -28.14
N ILE C 145 -20.93 -17.78 -28.93
CA ILE C 145 -19.57 -17.30 -29.15
C ILE C 145 -19.30 -17.11 -30.64
N ILE C 146 -18.83 -15.92 -30.99
CA ILE C 146 -18.47 -15.60 -32.37
C ILE C 146 -16.96 -15.43 -32.51
N LEU C 147 -16.36 -16.27 -33.35
CA LEU C 147 -14.91 -16.34 -33.50
C LEU C 147 -14.49 -15.59 -34.76
N ILE C 148 -13.63 -14.60 -34.60
CA ILE C 148 -13.26 -13.72 -35.69
C ILE C 148 -11.73 -13.70 -35.86
N ASP C 149 -11.30 -14.39 -36.91
CA ASP C 149 -9.89 -14.45 -37.28
C ASP C 149 -9.85 -14.92 -38.74
N ASN C 150 -8.89 -14.43 -39.52
CA ASN C 150 -8.65 -14.96 -40.86
C ASN C 150 -7.29 -15.66 -40.96
N ASP C 151 -6.80 -16.15 -39.83
CA ASP C 151 -5.48 -16.77 -39.79
C ASP C 151 -5.53 -18.28 -39.79
N GLN C 152 -4.46 -18.87 -40.29
CA GLN C 152 -4.27 -20.31 -40.28
C GLN C 152 -3.28 -20.71 -39.20
N ILE C 153 -3.45 -21.93 -38.68
CA ILE C 153 -2.59 -22.46 -37.63
C ILE C 153 -1.18 -22.77 -38.13
N GLU C 154 -0.18 -22.26 -37.40
CA GLU C 154 1.22 -22.60 -37.66
C GLU C 154 1.77 -23.40 -36.49
N ASN C 155 2.74 -24.27 -36.78
CA ASN C 155 3.30 -25.19 -35.77
C ASN C 155 3.83 -24.49 -34.52
N THR C 156 4.27 -23.25 -34.69
CA THR C 156 4.77 -22.44 -33.58
C THR C 156 3.66 -21.96 -32.62
N ASN C 157 2.40 -22.08 -33.07
CA ASN C 157 1.23 -21.66 -32.28
C ASN C 157 1.01 -22.58 -31.10
N LEU C 158 1.49 -23.82 -31.24
CA LEU C 158 1.11 -24.91 -30.35
C LEU C 158 1.64 -24.72 -28.92
N THR C 159 2.61 -23.81 -28.80
CA THR C 159 3.18 -23.38 -27.52
C THR C 159 2.14 -22.92 -26.46
N ARG C 160 1.11 -22.19 -26.91
CA ARG C 160 0.08 -21.62 -26.00
C ARG C 160 -1.35 -21.72 -26.55
N GLN C 161 -1.49 -22.02 -27.84
CA GLN C 161 -2.80 -22.15 -28.46
C GLN C 161 -3.36 -23.54 -28.20
N VAL C 162 -3.81 -23.69 -26.94
CA VAL C 162 -4.14 -24.94 -26.28
C VAL C 162 -5.19 -25.79 -27.00
N LEU C 163 -5.97 -25.19 -27.88
CA LEU C 163 -7.01 -25.95 -28.57
C LEU C 163 -6.48 -26.67 -29.80
N PHE C 164 -5.27 -26.31 -30.22
CA PHE C 164 -4.69 -26.79 -31.48
C PHE C 164 -3.76 -27.98 -31.29
N SER C 165 -3.87 -28.96 -32.20
CA SER C 165 -2.98 -30.11 -32.25
C SER C 165 -2.03 -30.03 -33.46
N GLU C 166 -0.99 -30.87 -33.46
CA GLU C 166 -0.07 -30.97 -34.59
C GLU C 166 -0.77 -31.14 -35.94
N ASP C 167 -1.76 -32.00 -36.01
CA ASP C 167 -2.51 -32.24 -37.24
C ASP C 167 -3.42 -31.09 -37.67
N ASP C 168 -3.42 -30.00 -36.90
CA ASP C 168 -4.26 -28.85 -37.18
C ASP C 168 -3.55 -27.71 -37.93
N VAL C 169 -2.23 -27.82 -38.07
CA VAL C 169 -1.43 -26.80 -38.77
C VAL C 169 -2.00 -26.58 -40.18
N GLY C 170 -2.10 -25.31 -40.60
CA GLY C 170 -2.62 -24.96 -41.93
C GLY C 170 -4.11 -24.74 -41.99
N LYS C 171 -4.85 -25.27 -41.03
CA LYS C 171 -6.29 -25.07 -40.95
C LYS C 171 -6.60 -23.69 -40.39
N ASN C 172 -7.82 -23.23 -40.63
CA ASN C 172 -8.32 -21.98 -40.06
C ASN C 172 -8.48 -22.10 -38.55
N LYS C 173 -8.02 -21.08 -37.84
CA LYS C 173 -8.11 -21.07 -36.37
C LYS C 173 -9.56 -21.13 -35.91
N THR C 174 -10.42 -20.35 -36.58
CA THR C 174 -11.87 -20.32 -36.26
C THR C 174 -12.54 -21.70 -36.38
N GLU C 175 -12.19 -22.44 -37.43
CA GLU C 175 -12.75 -23.75 -37.70
C GLU C 175 -12.39 -24.72 -36.58
N VAL C 176 -11.11 -24.71 -36.23
CA VAL C 176 -10.55 -25.62 -35.23
C VAL C 176 -10.98 -25.25 -33.80
N ILE C 177 -11.06 -23.96 -33.50
CA ILE C 177 -11.55 -23.55 -32.18
C ILE C 177 -12.99 -24.02 -32.04
N LYS C 178 -13.82 -23.74 -33.05
CA LYS C 178 -15.23 -24.11 -33.03
C LYS C 178 -15.45 -25.58 -32.69
N ARG C 179 -14.75 -26.49 -33.40
CA ARG C 179 -14.88 -27.92 -33.15
C ARG C 179 -14.47 -28.33 -31.74
N GLU C 180 -13.39 -27.73 -31.24
CA GLU C 180 -12.89 -28.02 -29.90
C GLU C 180 -13.85 -27.52 -28.81
N LEU C 181 -14.52 -26.41 -29.08
CA LEU C 181 -15.51 -25.85 -28.15
C LEU C 181 -16.76 -26.71 -28.13
N LEU C 182 -17.27 -27.06 -29.32
CA LEU C 182 -18.44 -27.95 -29.46
C LEU C 182 -18.18 -29.34 -28.90
N LYS C 183 -16.94 -29.80 -29.03
CA LYS C 183 -16.46 -31.01 -28.35
C LYS C 183 -16.62 -30.94 -26.84
N ARG C 184 -16.55 -29.73 -26.27
CA ARG C 184 -16.53 -29.56 -24.83
C ARG C 184 -17.88 -29.10 -24.28
N ASN C 185 -18.63 -28.36 -25.09
CA ASN C 185 -19.97 -27.94 -24.74
C ASN C 185 -20.84 -27.84 -25.99
N SER C 186 -21.65 -28.86 -26.19
CA SER C 186 -22.53 -28.93 -27.36
C SER C 186 -23.87 -28.24 -27.11
N GLU C 187 -24.04 -27.65 -25.93
CA GLU C 187 -25.24 -26.86 -25.60
C GLU C 187 -25.20 -25.46 -26.17
N ILE C 188 -24.01 -25.00 -26.53
CA ILE C 188 -23.79 -23.61 -26.94
C ILE C 188 -23.63 -23.47 -28.46
N SER C 189 -23.93 -22.28 -28.97
CA SER C 189 -23.81 -21.98 -30.40
C SER C 189 -22.51 -21.23 -30.69
N VAL C 190 -21.80 -21.69 -31.71
CA VAL C 190 -20.55 -21.04 -32.12
C VAL C 190 -20.63 -20.63 -33.59
N SER C 191 -20.25 -19.39 -33.86
CA SER C 191 -20.25 -18.84 -35.22
C SER C 191 -18.82 -18.46 -35.62
N GLU C 192 -18.59 -18.35 -36.93
CA GLU C 192 -17.28 -18.03 -37.48
C GLU C 192 -17.36 -16.86 -38.46
N ILE C 193 -16.35 -16.00 -38.41
CA ILE C 193 -16.24 -14.92 -39.38
C ILE C 193 -14.79 -14.85 -39.82
N ALA C 194 -14.56 -15.16 -41.09
CA ALA C 194 -13.22 -15.11 -41.67
C ALA C 194 -12.80 -13.67 -41.90
N LEU C 195 -12.21 -13.06 -40.86
CA LEU C 195 -11.88 -11.66 -40.91
C LEU C 195 -10.73 -11.33 -39.97
N ASN C 196 -9.83 -10.47 -40.45
CA ASN C 196 -8.84 -9.79 -39.63
C ASN C 196 -9.06 -8.32 -39.87
N ILE C 197 -8.93 -7.52 -38.83
CA ILE C 197 -9.13 -6.08 -38.99
C ILE C 197 -7.88 -5.43 -39.57
N ASN C 198 -8.00 -4.95 -40.81
CA ASN C 198 -6.92 -4.24 -41.48
C ASN C 198 -7.28 -2.76 -41.64
N ASP C 199 -8.52 -2.49 -42.06
CA ASP C 199 -9.07 -1.14 -42.11
C ASP C 199 -9.91 -0.85 -40.85
N TYR C 200 -10.12 0.42 -40.53
CA TYR C 200 -11.07 0.82 -39.49
C TYR C 200 -12.49 0.38 -39.85
N THR C 201 -12.78 0.40 -41.16
CA THR C 201 -14.10 0.09 -41.72
C THR C 201 -14.47 -1.39 -41.57
N ASP C 202 -13.46 -2.25 -41.49
CA ASP C 202 -13.65 -3.68 -41.18
C ASP C 202 -14.47 -3.93 -39.92
N LEU C 203 -14.38 -3.01 -38.94
CA LEU C 203 -15.05 -3.18 -37.64
C LEU C 203 -16.57 -3.21 -37.74
N HIS C 204 -17.12 -2.52 -38.74
CA HIS C 204 -18.56 -2.58 -39.04
C HIS C 204 -19.06 -3.99 -39.34
N LYS C 205 -18.15 -4.84 -39.82
CA LYS C 205 -18.44 -6.27 -40.03
C LYS C 205 -18.56 -7.05 -38.72
N VAL C 206 -17.90 -6.57 -37.66
CA VAL C 206 -17.97 -7.24 -36.35
C VAL C 206 -19.35 -6.99 -35.74
N PRO C 207 -20.11 -8.08 -35.48
CA PRO C 207 -21.48 -7.95 -34.97
C PRO C 207 -21.53 -7.43 -33.54
N GLU C 208 -22.67 -6.81 -33.17
CA GLU C 208 -22.84 -6.36 -31.80
C GLU C 208 -23.03 -7.58 -30.89
N ALA C 209 -22.46 -7.50 -29.70
CA ALA C 209 -22.54 -8.59 -28.72
C ALA C 209 -22.67 -8.00 -27.31
N ASP C 210 -22.83 -8.88 -26.30
CA ASP C 210 -22.75 -8.42 -24.92
C ASP C 210 -21.39 -7.78 -24.63
N ILE C 211 -20.31 -8.41 -25.15
CA ILE C 211 -18.97 -7.87 -25.03
C ILE C 211 -18.04 -8.37 -26.17
N TRP C 212 -17.07 -7.55 -26.54
CA TRP C 212 -15.99 -7.96 -27.44
C TRP C 212 -14.74 -8.26 -26.64
N VAL C 213 -14.19 -9.46 -26.81
CA VAL C 213 -12.87 -9.81 -26.28
C VAL C 213 -11.85 -9.59 -27.39
N VAL C 214 -11.01 -8.56 -27.21
CA VAL C 214 -10.10 -8.08 -28.24
C VAL C 214 -8.68 -8.45 -27.86
N SER C 215 -8.05 -9.32 -28.65
CA SER C 215 -6.69 -9.76 -28.36
C SER C 215 -5.77 -9.74 -29.56
N ALA C 216 -6.35 -9.54 -30.74
CA ALA C 216 -5.56 -9.36 -31.95
C ALA C 216 -4.57 -8.21 -31.76
N ASP C 217 -3.31 -8.45 -32.10
CA ASP C 217 -2.25 -7.47 -31.87
C ASP C 217 -1.84 -6.73 -33.15
N HIS C 218 -2.33 -7.18 -34.30
CA HIS C 218 -2.02 -6.55 -35.59
C HIS C 218 -3.24 -5.85 -36.19
N PRO C 219 -3.09 -4.56 -36.56
CA PRO C 219 -1.83 -3.79 -36.47
C PRO C 219 -1.55 -3.20 -35.06
N PHE C 220 -0.53 -2.36 -34.98
CA PHE C 220 -0.13 -1.69 -33.74
C PHE C 220 -1.29 -0.92 -33.08
N ASN C 221 -2.08 -0.20 -33.89
CA ASN C 221 -3.17 0.63 -33.39
C ASN C 221 -4.55 -0.03 -33.49
N LEU C 222 -4.60 -1.35 -33.52
CA LEU C 222 -5.88 -2.05 -33.57
C LEU C 222 -6.81 -1.62 -32.44
N ILE C 223 -6.30 -1.63 -31.22
CA ILE C 223 -7.12 -1.31 -30.04
C ILE C 223 -7.63 0.14 -30.04
N ASN C 224 -6.87 1.04 -30.66
CA ASN C 224 -7.30 2.43 -30.87
C ASN C 224 -8.54 2.51 -31.77
N TRP C 225 -8.54 1.76 -32.86
CA TRP C 225 -9.71 1.65 -33.75
C TRP C 225 -10.91 1.04 -33.03
N VAL C 226 -10.68 -0.11 -32.39
CA VAL C 226 -11.72 -0.78 -31.62
C VAL C 226 -12.33 0.18 -30.59
N ASN C 227 -11.48 0.88 -29.86
CA ASN C 227 -11.95 1.79 -28.82
C ASN C 227 -12.86 2.87 -29.41
N LYS C 228 -12.38 3.54 -30.46
CA LYS C 228 -13.14 4.59 -31.14
C LYS C 228 -14.43 4.01 -31.67
N TYR C 229 -14.36 2.86 -32.31
CA TYR C 229 -15.56 2.24 -32.86
C TYR C 229 -16.57 1.92 -31.77
N CYS C 230 -16.11 1.25 -30.70
CA CYS C 230 -16.99 0.81 -29.62
C CYS C 230 -17.57 1.95 -28.78
N VAL C 231 -16.82 3.04 -28.68
CA VAL C 231 -17.32 4.27 -28.07
C VAL C 231 -18.51 4.80 -28.89
N ARG C 232 -18.37 4.80 -30.21
CA ARG C 232 -19.43 5.28 -31.10
C ARG C 232 -20.61 4.31 -31.18
N ALA C 233 -20.33 3.01 -31.06
CA ALA C 233 -21.37 1.98 -31.18
C ALA C 233 -22.04 1.58 -29.86
N ASN C 234 -21.61 2.17 -28.75
CA ASN C 234 -21.97 1.68 -27.40
C ASN C 234 -21.76 0.17 -27.24
N GLN C 235 -20.59 -0.32 -27.63
CA GLN C 235 -20.23 -1.74 -27.50
C GLN C 235 -19.23 -1.96 -26.36
N PRO C 236 -19.66 -2.62 -25.28
CA PRO C 236 -18.65 -3.02 -24.29
C PRO C 236 -17.57 -3.90 -24.91
N TYR C 237 -16.33 -3.72 -24.45
CA TYR C 237 -15.23 -4.60 -24.86
C TYR C 237 -14.18 -4.75 -23.75
N ILE C 238 -13.36 -5.79 -23.86
CA ILE C 238 -12.19 -5.94 -23.00
C ILE C 238 -10.95 -6.25 -23.87
N ASN C 239 -9.84 -5.61 -23.54
CA ASN C 239 -8.56 -5.87 -24.20
C ASN C 239 -7.75 -6.81 -23.30
N ALA C 240 -6.95 -7.67 -23.91
CA ALA C 240 -6.05 -8.58 -23.18
C ALA C 240 -4.94 -9.05 -24.11
N GLY C 241 -3.77 -9.27 -23.52
CA GLY C 241 -2.59 -9.67 -24.28
C GLY C 241 -1.39 -9.72 -23.37
N TYR C 242 -0.26 -9.27 -23.89
CA TYR C 242 0.98 -9.30 -23.13
C TYR C 242 2.01 -8.44 -23.83
N VAL C 243 2.94 -7.90 -23.04
CA VAL C 243 4.11 -7.22 -23.57
C VAL C 243 5.30 -8.05 -23.11
N ASN C 244 5.76 -8.94 -24.00
CA ASN C 244 6.81 -9.89 -23.67
C ASN C 244 6.49 -10.66 -22.38
N ASP C 245 7.31 -10.47 -21.34
CA ASP C 245 7.16 -11.21 -20.09
C ASP C 245 6.06 -10.67 -19.14
N ILE C 246 5.26 -9.70 -19.59
CA ILE C 246 4.19 -9.14 -18.75
C ILE C 246 2.80 -9.43 -19.35
N ALA C 247 1.97 -10.07 -18.55
CA ALA C 247 0.56 -10.35 -18.86
C ALA C 247 -0.30 -9.10 -18.69
N VAL C 248 -1.14 -8.78 -19.68
CA VAL C 248 -1.96 -7.58 -19.64
C VAL C 248 -3.43 -7.92 -19.89
N PHE C 249 -4.30 -7.40 -19.03
CA PHE C 249 -5.74 -7.45 -19.30
C PHE C 249 -6.35 -6.14 -18.85
N GLY C 250 -7.50 -5.81 -19.45
CA GLY C 250 -8.07 -4.49 -19.30
C GLY C 250 -7.61 -3.47 -20.33
N PRO C 251 -8.34 -2.35 -20.45
CA PRO C 251 -9.53 -2.03 -19.64
C PRO C 251 -10.76 -2.80 -20.08
N LEU C 252 -11.76 -2.89 -19.21
CA LEU C 252 -13.07 -3.34 -19.62
C LEU C 252 -13.87 -2.09 -19.85
N TYR C 253 -14.18 -1.81 -21.11
CA TYR C 253 -14.96 -0.63 -21.47
C TYR C 253 -16.45 -0.90 -21.35
N VAL C 254 -17.10 -0.10 -20.50
CA VAL C 254 -18.55 -0.16 -20.32
C VAL C 254 -19.11 1.24 -20.64
N PRO C 255 -19.83 1.35 -21.78
CA PRO C 255 -20.44 2.61 -22.25
C PRO C 255 -21.11 3.44 -21.14
N GLY C 256 -20.63 4.66 -20.95
CA GLY C 256 -21.20 5.62 -19.99
C GLY C 256 -20.84 5.41 -18.53
N LYS C 257 -20.09 4.33 -18.26
CA LYS C 257 -19.81 3.92 -16.88
C LYS C 257 -18.32 4.06 -16.56
N THR C 258 -17.47 3.58 -17.47
CA THR C 258 -16.02 3.60 -17.31
C THR C 258 -15.36 4.61 -18.26
N GLY C 259 -14.05 4.82 -18.08
CA GLY C 259 -13.24 5.46 -19.08
C GLY C 259 -13.00 4.58 -20.29
N CYS C 260 -12.54 5.18 -21.38
CA CYS C 260 -12.20 4.40 -22.55
C CYS C 260 -10.67 4.34 -22.61
N TYR C 261 -10.16 3.66 -23.63
CA TYR C 261 -8.72 3.40 -23.77
C TYR C 261 -7.91 4.69 -23.90
N GLU C 262 -8.58 5.74 -24.35
CA GLU C 262 -7.95 6.98 -24.76
C GLU C 262 -8.04 8.08 -23.70
N CYS C 263 -8.88 7.88 -22.68
CA CYS C 263 -9.03 8.84 -21.58
C CYS C 263 -7.71 9.31 -20.99
N GLN C 264 -6.87 8.34 -20.62
CA GLN C 264 -5.55 8.64 -20.08
C GLN C 264 -4.49 8.05 -21.00
N LYS C 265 -3.54 8.90 -21.39
CA LYS C 265 -2.48 8.54 -22.32
C LYS C 265 -1.36 7.78 -21.61
N VAL C 266 -1.56 6.49 -21.42
CA VAL C 266 -0.55 5.66 -20.75
C VAL C 266 0.17 4.69 -21.67
N VAL C 267 -0.41 4.45 -22.84
CA VAL C 267 0.20 3.53 -23.80
C VAL C 267 0.55 4.27 -25.10
N LEU C 270 3.29 2.97 -32.13
CA LEU C 270 4.60 2.32 -31.98
C LEU C 270 5.73 3.05 -32.72
N TYR C 271 5.49 3.44 -33.98
CA TYR C 271 6.56 3.94 -34.85
C TYR C 271 6.44 5.43 -35.18
N GLY C 272 7.58 6.12 -35.23
CA GLY C 272 7.63 7.54 -35.61
C GLY C 272 8.77 8.36 -35.04
N SER C 273 9.26 9.33 -35.82
CA SER C 273 10.33 10.25 -35.40
C SER C 273 10.40 11.55 -36.22
N GLU C 274 11.04 12.57 -35.64
CA GLU C 274 11.22 13.88 -36.26
C GLU C 274 12.22 13.82 -37.41
N LYS C 275 13.46 13.47 -37.08
CA LYS C 275 14.52 13.29 -38.07
C LYS C 275 14.23 12.03 -38.89
N GLU C 276 14.59 12.06 -40.17
CA GLU C 276 14.22 10.97 -41.09
C GLU C 276 15.30 9.91 -41.30
N ASN C 277 16.55 10.26 -41.01
CA ASN C 277 17.66 9.30 -41.05
C ASN C 277 17.52 8.23 -39.97
N ILE C 278 16.56 8.42 -39.06
CA ILE C 278 16.35 7.54 -37.93
C ILE C 278 14.91 6.98 -37.91
N ASP C 279 13.97 7.74 -38.45
CA ASP C 279 12.58 7.30 -38.53
C ASP C 279 12.45 5.97 -39.28
N HIS C 280 13.17 5.84 -40.40
CA HIS C 280 13.11 4.62 -41.20
C HIS C 280 13.74 3.43 -40.47
N LYS C 281 14.72 3.73 -39.62
CA LYS C 281 15.40 2.73 -38.81
C LYS C 281 14.44 2.13 -37.78
N ILE C 282 13.67 3.01 -37.13
CA ILE C 282 12.64 2.63 -36.15
C ILE C 282 11.60 1.72 -36.80
N LYS C 283 11.10 2.13 -37.97
CA LYS C 283 10.08 1.35 -38.67
C LYS C 283 10.61 -0.01 -39.13
N LEU C 284 11.90 -0.09 -39.45
CA LEU C 284 12.50 -1.38 -39.81
C LEU C 284 12.64 -2.28 -38.59
N ILE C 285 13.16 -1.73 -37.50
CA ILE C 285 13.32 -2.47 -36.25
C ILE C 285 11.95 -2.98 -35.78
N ASN C 286 10.95 -2.10 -35.80
CA ASN C 286 9.61 -2.48 -35.39
C ASN C 286 8.94 -3.48 -36.33
N SER C 287 9.27 -3.44 -37.62
CA SER C 287 8.72 -4.39 -38.60
C SER C 287 9.23 -5.80 -38.34
N ARG C 288 10.44 -5.89 -37.78
CA ARG C 288 11.01 -7.19 -37.41
C ARG C 288 10.55 -7.72 -36.04
N PHE C 289 9.77 -6.92 -35.31
CA PHE C 289 9.32 -7.30 -33.99
C PHE C 289 8.53 -8.61 -33.99
N LYS C 290 8.85 -9.47 -33.04
CA LYS C 290 8.06 -10.65 -32.78
C LYS C 290 8.06 -10.74 -31.27
N PRO C 291 6.85 -10.81 -30.65
CA PRO C 291 6.74 -10.96 -29.19
C PRO C 291 7.43 -12.21 -28.66
N ALA C 292 8.06 -12.07 -27.50
CA ALA C 292 8.68 -13.20 -26.79
C ALA C 292 7.60 -13.96 -26.04
N THR C 293 6.75 -14.67 -26.77
CA THR C 293 5.57 -15.29 -26.17
C THR C 293 5.98 -16.48 -25.31
N PHE C 294 5.28 -16.62 -24.19
CA PHE C 294 5.60 -17.60 -23.16
C PHE C 294 4.23 -18.00 -22.64
N ALA C 295 3.92 -19.29 -22.72
CA ALA C 295 2.56 -19.76 -22.45
C ALA C 295 1.98 -19.29 -21.11
N PRO C 296 2.77 -19.33 -20.02
CA PRO C 296 2.29 -18.89 -18.71
C PRO C 296 1.80 -17.45 -18.69
N VAL C 297 2.55 -16.55 -19.33
CA VAL C 297 2.17 -15.14 -19.48
C VAL C 297 0.86 -15.02 -20.27
N ASN C 298 0.82 -15.67 -21.44
CA ASN C 298 -0.40 -15.72 -22.24
C ASN C 298 -1.62 -16.18 -21.42
N ASN C 299 -1.43 -17.26 -20.66
CA ASN C 299 -2.51 -17.93 -19.94
C ASN C 299 -3.08 -17.11 -18.78
N VAL C 300 -2.19 -16.45 -18.05
CA VAL C 300 -2.57 -15.57 -16.95
C VAL C 300 -3.44 -14.40 -17.42
N ALA C 301 -3.02 -13.76 -18.52
CA ALA C 301 -3.77 -12.69 -19.16
C ALA C 301 -5.15 -13.19 -19.61
N ALA C 302 -5.15 -14.31 -20.31
CA ALA C 302 -6.38 -14.90 -20.79
C ALA C 302 -7.32 -15.29 -19.65
N ALA C 303 -6.77 -15.89 -18.60
CA ALA C 303 -7.57 -16.34 -17.46
C ALA C 303 -8.29 -15.18 -16.79
N LEU C 304 -7.54 -14.12 -16.47
CA LEU C 304 -8.12 -12.97 -15.80
C LEU C 304 -9.08 -12.19 -16.69
N CYS C 305 -8.79 -12.18 -18.00
CA CYS C 305 -9.70 -11.57 -18.98
C CYS C 305 -11.02 -12.32 -18.96
N ALA C 306 -10.94 -13.65 -18.97
CA ALA C 306 -12.12 -14.49 -19.00
C ALA C 306 -12.98 -14.28 -17.75
N ALA C 307 -12.33 -14.09 -16.59
CA ALA C 307 -13.04 -13.90 -15.33
C ALA C 307 -13.82 -12.57 -15.34
N ASP C 308 -13.22 -11.55 -15.91
CA ASP C 308 -13.88 -10.26 -16.03
C ASP C 308 -15.06 -10.30 -16.98
N VAL C 309 -14.94 -11.04 -18.07
CA VAL C 309 -16.08 -11.29 -18.97
C VAL C 309 -17.24 -11.96 -18.21
N ILE C 310 -16.93 -13.04 -17.50
CA ILE C 310 -17.94 -13.78 -16.74
C ILE C 310 -18.62 -12.92 -15.68
N LYS C 311 -17.83 -12.14 -14.95
CA LYS C 311 -18.34 -11.22 -13.94
C LYS C 311 -19.15 -10.10 -14.56
N PHE C 312 -18.69 -9.59 -15.71
CA PHE C 312 -19.43 -8.54 -16.44
C PHE C 312 -20.82 -9.01 -16.86
N ILE C 313 -20.91 -10.19 -17.46
CA ILE C 313 -22.18 -10.78 -17.85
C ILE C 313 -23.01 -11.29 -16.65
N GLY C 314 -22.36 -12.02 -15.75
CA GLY C 314 -23.03 -12.59 -14.57
C GLY C 314 -23.51 -11.59 -13.52
N LYS C 315 -22.86 -10.41 -13.48
CA LYS C 315 -23.22 -9.28 -12.60
C LYS C 315 -23.04 -9.57 -11.09
N TYR C 316 -22.42 -10.70 -10.76
CA TYR C 316 -22.35 -11.16 -9.37
C TYR C 316 -21.19 -10.54 -8.59
N SER C 317 -20.26 -9.91 -9.31
CA SER C 317 -19.07 -9.35 -8.71
C SER C 317 -18.46 -8.38 -9.73
N GLU C 318 -17.83 -7.32 -9.22
CA GLU C 318 -17.25 -6.31 -10.08
C GLU C 318 -15.96 -6.80 -10.79
N PRO C 319 -15.94 -6.72 -12.14
CA PRO C 319 -14.74 -7.05 -12.91
C PRO C 319 -13.55 -6.20 -12.44
N LEU C 320 -12.36 -6.76 -12.49
CA LEU C 320 -11.16 -6.06 -11.97
C LEU C 320 -10.68 -4.93 -12.89
N SER C 321 -10.89 -5.10 -14.20
CA SER C 321 -10.31 -4.18 -15.18
C SER C 321 -11.19 -2.97 -15.52
N LEU C 322 -12.25 -2.76 -14.74
CA LEU C 322 -13.01 -1.49 -14.80
C LEU C 322 -12.09 -0.31 -14.55
N ASN C 323 -11.99 0.60 -15.52
CA ASN C 323 -11.17 1.82 -15.41
C ASN C 323 -9.67 1.55 -15.21
N LYS C 324 -9.22 0.34 -15.53
CA LYS C 324 -7.84 -0.06 -15.30
C LYS C 324 -7.24 -0.93 -16.40
N ARG C 325 -5.99 -0.64 -16.76
CA ARG C 325 -5.20 -1.59 -17.53
C ARG C 325 -4.27 -2.29 -16.56
N ILE C 326 -4.42 -3.61 -16.40
CA ILE C 326 -3.63 -4.35 -15.41
C ILE C 326 -2.50 -5.19 -16.02
N GLY C 327 -1.30 -5.03 -15.48
CA GLY C 327 -0.15 -5.81 -15.91
C GLY C 327 0.36 -6.69 -14.78
N ILE C 328 0.63 -7.94 -15.08
CA ILE C 328 1.19 -8.89 -14.11
C ILE C 328 2.56 -9.37 -14.59
N TRP C 329 3.58 -9.07 -13.80
CA TRP C 329 4.95 -9.46 -14.12
C TRP C 329 5.15 -10.96 -13.93
N SER C 330 5.97 -11.56 -14.80
CA SER C 330 6.29 -12.98 -14.65
C SER C 330 7.68 -13.24 -14.05
N ASP C 331 8.61 -12.28 -14.18
CA ASP C 331 9.98 -12.40 -13.60
C ASP C 331 10.14 -11.65 -12.27
N GLU C 332 9.07 -11.03 -11.83
CA GLU C 332 8.99 -10.42 -10.51
C GLU C 332 7.65 -10.76 -9.92
N ILE C 333 7.53 -10.60 -8.60
CA ILE C 333 6.24 -10.67 -7.93
C ILE C 333 5.63 -9.27 -7.94
N LYS C 334 4.88 -8.96 -9.00
CA LYS C 334 4.41 -7.60 -9.21
C LYS C 334 3.17 -7.51 -10.08
N ILE C 335 2.17 -6.79 -9.58
CA ILE C 335 0.99 -6.42 -10.33
C ILE C 335 0.89 -4.89 -10.27
N HIS C 336 0.70 -4.28 -11.42
CA HIS C 336 0.62 -2.84 -11.53
C HIS C 336 -0.55 -2.50 -12.46
N SER C 337 -1.34 -1.49 -12.09
CA SER C 337 -2.41 -1.08 -12.95
C SER C 337 -2.27 0.38 -13.39
N GLN C 338 -2.63 0.65 -14.63
CA GLN C 338 -2.67 1.99 -15.18
C GLN C 338 -4.07 2.56 -15.15
N ASN C 339 -4.21 3.78 -14.63
CA ASN C 339 -5.50 4.47 -14.52
C ASN C 339 -6.10 4.73 -15.89
N MET C 340 -7.26 4.12 -16.12
CA MET C 340 -8.09 4.43 -17.31
C MET C 340 -9.49 4.92 -16.88
N GLY C 341 -9.54 5.67 -15.79
CA GLY C 341 -10.76 6.33 -15.34
C GLY C 341 -11.25 7.31 -16.39
N ARG C 342 -12.54 7.64 -16.36
CA ARG C 342 -13.13 8.57 -17.33
C ARG C 342 -12.53 9.97 -17.21
N SER C 343 -12.06 10.52 -18.33
CA SER C 343 -11.59 11.90 -18.36
C SER C 343 -12.62 12.77 -19.10
N PRO C 344 -13.04 13.90 -18.48
CA PRO C 344 -14.05 14.74 -19.14
C PRO C 344 -13.48 15.44 -20.38
N VAL C 345 -12.16 15.46 -20.51
CA VAL C 345 -11.44 16.06 -21.65
C VAL C 345 -11.00 15.00 -22.71
N CYS C 346 -11.61 13.81 -22.69
CA CYS C 346 -11.23 12.75 -23.62
C CYS C 346 -11.57 13.10 -25.07
N SER C 347 -10.65 12.73 -25.97
CA SER C 347 -10.78 13.05 -27.38
C SER C 347 -11.62 12.02 -28.15
N VAL C 348 -12.06 10.98 -27.45
CA VAL C 348 -12.92 9.96 -28.04
C VAL C 348 -14.30 9.89 -27.37
N CYS C 349 -14.33 9.76 -26.04
CA CYS C 349 -15.59 9.48 -25.35
C CYS C 349 -16.24 10.69 -24.65
N GLY C 350 -15.64 11.87 -24.84
CA GLY C 350 -16.12 13.12 -24.25
C GLY C 350 -17.60 13.41 -24.41
N ASN C 351 -18.10 13.32 -25.64
CA ASN C 351 -19.51 13.59 -25.96
C ASN C 351 -19.97 15.02 -25.67
N MET D 4 33.12 -13.43 -32.69
CA MET D 4 31.66 -13.49 -32.35
C MET D 4 30.87 -12.33 -32.96
N ASP D 5 29.77 -12.66 -33.65
CA ASP D 5 28.80 -11.68 -34.14
C ASP D 5 27.81 -11.31 -33.05
N TYR D 6 27.01 -10.28 -33.30
CA TYR D 6 25.86 -9.97 -32.45
C TYR D 6 24.65 -9.71 -33.32
N ILE D 7 23.48 -10.05 -32.80
CA ILE D 7 22.25 -9.83 -33.54
C ILE D 7 21.23 -9.19 -32.60
N LEU D 8 20.44 -8.28 -33.13
CA LEU D 8 19.34 -7.67 -32.36
C LEU D 8 18.26 -8.71 -32.17
N GLY D 9 17.72 -8.79 -30.96
CA GLY D 9 16.64 -9.76 -30.70
C GLY D 9 15.33 -9.28 -31.29
N ARG D 10 14.51 -10.22 -31.75
CA ARG D 10 13.25 -9.86 -32.41
C ARG D 10 12.18 -9.30 -31.46
N TYR D 11 12.43 -9.51 -30.16
CA TYR D 11 11.54 -9.05 -29.08
C TYR D 11 11.81 -7.60 -28.67
N VAL D 12 12.72 -6.90 -29.35
CA VAL D 12 12.89 -5.50 -29.02
C VAL D 12 12.05 -4.61 -29.93
N LYS D 13 11.30 -3.73 -29.30
CA LYS D 13 10.45 -2.77 -29.95
C LYS D 13 10.91 -1.41 -29.46
N ILE D 14 10.66 -0.38 -30.27
CA ILE D 14 11.07 0.98 -29.98
C ILE D 14 9.83 1.87 -30.10
N ALA D 15 9.80 2.96 -29.34
CA ALA D 15 8.69 3.91 -29.38
C ALA D 15 9.13 5.23 -28.79
N ARG D 16 8.96 6.29 -29.58
CA ARG D 16 9.11 7.67 -29.13
C ARG D 16 8.17 7.92 -27.93
N TYR D 17 8.72 8.53 -26.89
CA TYR D 17 8.01 8.72 -25.62
C TYR D 17 8.72 9.77 -24.77
N GLY D 18 7.94 10.67 -24.17
CA GLY D 18 8.45 11.71 -23.28
C GLY D 18 9.51 12.57 -23.95
N SER D 19 10.63 12.76 -23.26
CA SER D 19 11.75 13.58 -23.74
C SER D 19 12.70 12.80 -24.66
N GLY D 20 12.63 11.47 -24.60
CA GLY D 20 13.42 10.60 -25.48
C GLY D 20 12.55 9.51 -26.09
N GLY D 21 12.68 8.29 -25.55
CA GLY D 21 11.85 7.18 -26.01
C GLY D 21 12.08 5.86 -25.31
N LEU D 22 11.24 4.89 -25.66
CA LEU D 22 11.29 3.55 -25.09
C LEU D 22 12.12 2.57 -25.92
N VAL D 23 12.87 1.72 -25.22
CA VAL D 23 13.64 0.63 -25.83
C VAL D 23 13.30 -0.68 -25.10
N GLY D 24 12.72 -1.62 -25.83
CA GLY D 24 12.35 -2.91 -25.27
C GLY D 24 10.93 -2.95 -24.77
N GLY D 25 10.47 -4.15 -24.48
CA GLY D 25 9.11 -4.34 -24.01
C GLY D 25 9.10 -5.32 -22.86
N GLY D 26 8.12 -5.19 -22.00
CA GLY D 26 8.00 -6.06 -20.84
C GLY D 26 8.83 -5.50 -19.71
N GLY D 27 9.25 -6.37 -18.80
CA GLY D 27 9.97 -5.96 -17.59
C GLY D 27 11.29 -5.27 -17.82
N LYS D 28 11.93 -5.50 -18.96
CA LYS D 28 13.20 -4.84 -19.28
C LYS D 28 13.04 -3.48 -19.98
N GLU D 29 11.80 -3.14 -20.33
CA GLU D 29 11.48 -1.89 -21.03
C GLU D 29 12.23 -0.74 -20.39
N GLN D 30 13.00 -0.02 -21.20
CA GLN D 30 13.80 1.11 -20.71
C GLN D 30 13.29 2.44 -21.25
N TYR D 31 13.28 3.45 -20.39
CA TYR D 31 13.00 4.82 -20.82
C TYR D 31 14.28 5.65 -20.86
N VAL D 32 14.71 5.97 -22.08
CA VAL D 32 15.88 6.81 -22.30
C VAL D 32 15.39 8.25 -22.42
N GLU D 33 15.67 9.05 -21.39
CA GLU D 33 15.19 10.44 -21.30
C GLU D 33 15.86 11.39 -22.29
N ASN D 34 17.10 11.09 -22.68
CA ASN D 34 17.89 11.92 -23.58
C ASN D 34 17.69 11.52 -25.04
N LEU D 35 17.13 12.44 -25.84
CA LEU D 35 16.82 12.19 -27.25
C LEU D 35 18.03 11.83 -28.09
N VAL D 36 19.13 12.56 -27.92
CA VAL D 36 20.37 12.30 -28.65
C VAL D 36 20.85 10.86 -28.42
N LEU D 37 20.75 10.42 -27.17
CA LEU D 37 21.18 9.08 -26.78
C LEU D 37 20.23 8.02 -27.34
N TRP D 38 18.91 8.23 -27.18
CA TRP D 38 17.89 7.33 -27.71
C TRP D 38 18.06 7.09 -29.21
N GLU D 39 18.36 8.16 -29.95
CA GLU D 39 18.55 8.09 -31.39
C GLU D 39 19.85 7.36 -31.75
N ASN D 40 20.88 7.56 -30.94
CA ASN D 40 22.13 6.81 -31.10
C ASN D 40 21.96 5.31 -30.87
N ILE D 41 21.11 4.95 -29.90
CA ILE D 41 20.78 3.55 -29.63
C ILE D 41 20.11 2.92 -30.85
N ILE D 42 19.14 3.63 -31.44
CA ILE D 42 18.50 3.20 -32.69
C ILE D 42 19.51 2.96 -33.83
N LYS D 43 20.40 3.93 -34.05
CA LYS D 43 21.44 3.82 -35.07
C LYS D 43 22.29 2.58 -34.84
N THR D 44 22.59 2.32 -33.57
CA THR D 44 23.36 1.15 -33.17
C THR D 44 22.59 -0.16 -33.41
N ALA D 45 21.38 -0.28 -32.85
CA ALA D 45 20.55 -1.47 -33.04
C ALA D 45 20.39 -1.84 -34.52
N TYR D 46 20.14 -0.85 -35.36
CA TYR D 46 20.00 -1.01 -36.81
C TYR D 46 21.15 -1.75 -37.51
N CYS D 47 22.37 -1.60 -36.98
CA CYS D 47 23.56 -2.31 -37.47
C CYS D 47 23.53 -3.81 -37.16
N PHE D 48 22.70 -4.21 -36.21
CA PHE D 48 22.64 -5.59 -35.74
C PHE D 48 21.37 -6.34 -36.13
N ILE D 49 20.54 -5.76 -36.99
CA ILE D 49 19.35 -6.47 -37.48
C ILE D 49 19.77 -7.76 -38.20
N THR D 50 20.84 -7.64 -38.99
CA THR D 50 21.56 -8.79 -39.51
C THR D 50 22.83 -8.92 -38.66
N PRO D 51 23.22 -10.15 -38.29
CA PRO D 51 24.39 -10.32 -37.41
C PRO D 51 25.63 -9.59 -37.91
N SER D 52 26.34 -8.96 -36.96
CA SER D 52 27.54 -8.20 -37.23
C SER D 52 28.45 -8.19 -36.00
N SER D 53 29.76 -8.18 -36.23
CA SER D 53 30.75 -8.03 -35.17
C SER D 53 30.74 -6.59 -34.68
N TYR D 54 31.39 -6.34 -33.54
CA TYR D 54 31.43 -5.02 -32.92
C TYR D 54 32.05 -3.96 -33.82
N THR D 55 33.17 -4.31 -34.45
CA THR D 55 33.96 -3.34 -35.22
C THR D 55 33.33 -3.05 -36.59
N ALA D 56 32.78 -4.08 -37.23
CA ALA D 56 32.11 -3.92 -38.52
C ALA D 56 30.84 -3.08 -38.39
N ALA D 57 30.20 -3.12 -37.24
CA ALA D 57 29.00 -2.34 -36.98
C ALA D 57 29.37 -0.90 -36.64
N LEU D 58 30.46 -0.74 -35.89
CA LEU D 58 31.00 0.57 -35.53
C LEU D 58 31.22 1.41 -36.80
N GLU D 59 31.93 0.83 -37.76
CA GLU D 59 32.13 1.43 -39.08
C GLU D 59 30.81 1.77 -39.79
N THR D 60 29.92 0.78 -39.89
CA THR D 60 28.64 0.90 -40.60
C THR D 60 27.71 1.94 -39.97
N ALA D 61 27.90 2.19 -38.67
CA ALA D 61 27.17 3.24 -37.97
C ALA D 61 27.90 4.56 -38.17
N ASN D 62 27.14 5.64 -38.28
CA ASN D 62 27.73 6.97 -38.38
C ASN D 62 27.74 7.65 -37.01
N ILE D 63 28.67 7.24 -36.14
CA ILE D 63 28.76 7.79 -34.78
C ILE D 63 30.15 7.66 -34.14
N PRO D 64 30.51 8.59 -33.23
CA PRO D 64 31.74 8.49 -32.42
C PRO D 64 31.88 7.16 -31.65
N GLU D 65 33.06 6.57 -31.73
CA GLU D 65 33.35 5.26 -31.14
C GLU D 65 32.98 5.18 -29.66
N LYS D 66 33.36 6.18 -28.88
CA LYS D 66 32.97 6.28 -27.46
C LYS D 66 31.46 6.12 -27.28
N ASP D 67 30.68 6.80 -28.12
CA ASP D 67 29.21 6.76 -28.06
C ASP D 67 28.60 5.44 -28.52
N PHE D 68 29.18 4.84 -29.56
CA PHE D 68 28.79 3.53 -30.07
C PHE D 68 29.02 2.49 -29.01
N SER D 69 30.16 2.60 -28.33
CA SER D 69 30.50 1.72 -27.22
C SER D 69 29.40 1.77 -26.16
N ASN D 70 29.06 2.97 -25.69
CA ASN D 70 27.99 3.16 -24.72
C ASN D 70 26.64 2.55 -25.14
N CYS D 71 26.23 2.87 -26.37
CA CYS D 71 24.98 2.32 -26.93
C CYS D 71 25.07 0.80 -27.09
N PHE D 72 26.23 0.31 -27.51
CA PHE D 72 26.46 -1.13 -27.64
C PHE D 72 26.35 -1.84 -26.30
N ARG D 73 26.99 -1.28 -25.28
CA ARG D 73 26.94 -1.82 -23.92
C ARG D 73 25.53 -1.77 -23.33
N PHE D 74 24.78 -0.72 -23.64
CA PHE D 74 23.40 -0.60 -23.20
C PHE D 74 22.55 -1.74 -23.77
N LEU D 75 22.67 -1.96 -25.07
CA LEU D 75 21.89 -2.98 -25.74
C LEU D 75 22.33 -4.39 -25.34
N LYS D 76 23.64 -4.58 -25.16
CA LYS D 76 24.18 -5.88 -24.74
C LYS D 76 23.78 -6.27 -23.31
N GLU D 77 23.82 -5.29 -22.40
CA GLU D 77 23.51 -5.52 -21.00
C GLU D 77 22.07 -5.95 -20.75
N ASN D 78 21.15 -5.34 -21.48
CA ASN D 78 19.73 -5.65 -21.36
C ASN D 78 19.33 -6.81 -22.25
N PHE D 79 20.32 -7.40 -22.92
CA PHE D 79 20.11 -8.54 -23.83
C PHE D 79 19.22 -8.17 -25.02
N PHE D 80 19.22 -6.88 -25.38
CA PHE D 80 18.56 -6.41 -26.59
C PHE D 80 19.35 -6.81 -27.83
N ILE D 81 20.68 -6.84 -27.72
CA ILE D 81 21.51 -7.55 -28.68
C ILE D 81 22.17 -8.77 -28.02
N ILE D 82 22.28 -9.84 -28.80
CA ILE D 82 22.73 -11.12 -28.25
C ILE D 82 23.80 -11.73 -29.15
N PRO D 83 24.66 -12.61 -28.58
CA PRO D 83 25.57 -13.38 -29.44
C PRO D 83 24.83 -14.02 -30.60
N GLY D 84 25.42 -13.92 -31.79
CA GLY D 84 24.75 -14.39 -33.00
C GLY D 84 24.49 -15.89 -32.98
N GLU D 85 25.34 -16.64 -32.27
CA GLU D 85 25.19 -18.09 -32.16
C GLU D 85 23.93 -18.50 -31.40
N TYR D 86 23.34 -17.55 -30.67
CA TYR D 86 22.07 -17.82 -29.98
C TYR D 86 20.89 -17.71 -30.92
N ASN D 87 21.16 -17.51 -32.22
CA ASN D 87 20.14 -17.35 -33.26
C ASN D 87 19.99 -18.58 -34.14
N ASN D 88 18.78 -18.77 -34.65
CA ASN D 88 18.45 -19.90 -35.53
C ASN D 88 17.37 -19.49 -36.53
N ASN D 93 11.35 -24.31 -36.53
CA ASN D 93 11.47 -24.59 -35.11
C ASN D 93 10.15 -24.33 -34.38
N ARG D 94 9.60 -25.38 -33.78
CA ARG D 94 8.32 -25.29 -33.07
C ARG D 94 8.40 -24.43 -31.80
N TYR D 95 9.59 -24.39 -31.19
CA TYR D 95 9.84 -23.63 -29.96
C TYR D 95 10.44 -22.23 -30.21
N SER D 96 10.23 -21.70 -31.41
CA SER D 96 10.85 -20.43 -31.83
C SER D 96 10.47 -19.25 -30.95
N ARG D 97 9.18 -19.16 -30.61
CA ARG D 97 8.68 -18.06 -29.78
C ARG D 97 9.16 -18.21 -28.33
N ASN D 98 9.38 -19.45 -27.90
CA ASN D 98 10.01 -19.74 -26.61
C ASN D 98 11.51 -19.35 -26.58
N PHE D 99 12.17 -19.58 -27.71
CA PHE D 99 13.57 -19.16 -27.90
C PHE D 99 13.75 -17.65 -27.70
N LEU D 100 12.78 -16.87 -28.19
CA LEU D 100 12.77 -15.42 -28.01
C LEU D 100 12.68 -15.04 -26.54
N HIS D 101 11.85 -15.79 -25.81
CA HIS D 101 11.76 -15.66 -24.35
C HIS D 101 13.11 -15.94 -23.66
N TYR D 102 13.73 -17.10 -23.92
CA TYR D 102 15.05 -17.43 -23.34
C TYR D 102 16.13 -16.41 -23.69
N GLN D 103 16.20 -16.04 -24.98
CA GLN D 103 17.12 -14.98 -25.44
C GLN D 103 16.93 -13.68 -24.66
N SER D 104 15.68 -13.27 -24.50
CA SER D 104 15.37 -12.02 -23.80
C SER D 104 15.90 -12.00 -22.35
N TYR D 105 16.22 -13.18 -21.83
CA TYR D 105 16.82 -13.30 -20.49
C TYR D 105 18.33 -13.46 -20.49
N GLY D 106 18.92 -13.50 -21.68
CA GLY D 106 20.36 -13.61 -21.85
C GLY D 106 20.89 -15.02 -21.82
N ALA D 107 20.05 -15.97 -22.25
CA ALA D 107 20.38 -17.39 -22.22
C ALA D 107 20.62 -17.88 -23.62
N ASN D 108 21.38 -18.95 -23.77
CA ASN D 108 21.41 -19.69 -25.02
C ASN D 108 20.15 -20.58 -25.12
N PRO D 109 19.23 -20.24 -26.05
CA PRO D 109 17.99 -21.00 -26.20
C PRO D 109 18.20 -22.49 -26.54
N VAL D 110 19.21 -22.80 -27.35
CA VAL D 110 19.60 -24.19 -27.64
C VAL D 110 19.92 -24.98 -26.35
N LEU D 111 20.67 -24.34 -25.46
CA LEU D 111 21.04 -24.96 -24.20
C LEU D 111 19.84 -25.14 -23.27
N VAL D 112 18.97 -24.13 -23.20
CA VAL D 112 17.77 -24.20 -22.38
C VAL D 112 16.86 -25.31 -22.90
N GLN D 113 16.73 -25.39 -24.22
CA GLN D 113 15.88 -26.39 -24.85
C GLN D 113 16.39 -27.83 -24.62
N ASP D 114 17.71 -28.01 -24.64
CA ASP D 114 18.30 -29.32 -24.41
C ASP D 114 18.07 -29.75 -22.97
N LYS D 115 18.14 -28.79 -22.06
CA LYS D 115 17.91 -29.03 -20.64
C LYS D 115 16.48 -29.46 -20.40
N LEU D 116 15.55 -28.88 -21.16
CA LEU D 116 14.14 -29.26 -21.09
C LEU D 116 13.93 -30.64 -21.73
N LYS D 117 14.59 -30.90 -22.85
CA LYS D 117 14.41 -32.16 -23.58
C LYS D 117 14.88 -33.35 -22.77
N ASN D 118 15.78 -33.10 -21.82
CA ASN D 118 16.42 -34.13 -21.02
C ASN D 118 15.88 -34.19 -19.60
N ALA D 119 14.82 -33.43 -19.34
CA ALA D 119 14.19 -33.42 -18.02
C ALA D 119 13.04 -34.42 -17.93
N LYS D 120 12.69 -34.76 -16.71
CA LYS D 120 11.56 -35.65 -16.45
C LYS D 120 10.70 -34.97 -15.38
N VAL D 121 9.42 -34.76 -15.67
CA VAL D 121 8.52 -34.11 -14.71
C VAL D 121 7.40 -35.04 -14.26
N VAL D 122 7.17 -35.05 -12.95
CA VAL D 122 6.04 -35.79 -12.37
C VAL D 122 4.86 -34.83 -12.15
N ILE D 123 3.72 -35.20 -12.75
CA ILE D 123 2.45 -34.51 -12.54
C ILE D 123 1.65 -35.31 -11.51
N LEU D 124 1.78 -34.91 -10.25
CA LEU D 124 1.10 -35.57 -9.14
C LEU D 124 -0.27 -34.95 -8.89
N GLY D 125 -1.29 -35.48 -9.56
CA GLY D 125 -2.63 -34.89 -9.56
C GLY D 125 -2.94 -34.38 -10.95
N CYS D 126 -3.88 -35.03 -11.64
CA CYS D 126 -4.19 -34.67 -13.02
C CYS D 126 -5.57 -34.02 -13.13
N GLY D 127 -5.92 -33.24 -12.11
CA GLY D 127 -7.15 -32.45 -12.11
C GLY D 127 -6.95 -31.19 -12.92
N GLY D 128 -7.55 -30.09 -12.46
CA GLY D 128 -7.47 -28.81 -13.17
C GLY D 128 -6.06 -28.25 -13.35
N ILE D 129 -5.28 -28.23 -12.26
CA ILE D 129 -3.90 -27.76 -12.30
C ILE D 129 -3.03 -28.65 -13.18
N GLY D 130 -3.01 -29.95 -12.88
CA GLY D 130 -2.28 -30.94 -13.67
C GLY D 130 -2.60 -30.89 -15.15
N ASN D 131 -3.87 -30.62 -15.47
CA ASN D 131 -4.27 -30.44 -16.86
C ASN D 131 -3.52 -29.29 -17.51
N HIS D 132 -3.45 -28.17 -16.81
CA HIS D 132 -2.87 -26.95 -17.37
C HIS D 132 -1.34 -26.95 -17.35
N VAL D 133 -0.74 -27.38 -16.25
CA VAL D 133 0.70 -27.52 -16.17
C VAL D 133 1.23 -28.48 -17.27
N SER D 134 0.61 -29.66 -17.39
CA SER D 134 1.11 -30.67 -18.33
C SER D 134 1.10 -30.21 -19.79
N VAL D 135 0.04 -29.54 -20.23
CA VAL D 135 0.04 -29.03 -21.62
C VAL D 135 1.12 -28.02 -21.87
N ILE D 136 1.34 -27.13 -20.91
CA ILE D 136 2.39 -26.13 -21.06
C ILE D 136 3.74 -26.82 -21.15
N LEU D 137 4.02 -27.69 -20.18
CA LEU D 137 5.29 -28.41 -20.11
C LEU D 137 5.53 -29.25 -21.36
N ALA D 138 4.50 -29.96 -21.83
CA ALA D 138 4.59 -30.77 -23.04
C ALA D 138 4.90 -29.94 -24.28
N THR D 139 4.18 -28.82 -24.44
CA THR D 139 4.35 -27.97 -25.60
C THR D 139 5.64 -27.12 -25.53
N SER D 140 6.20 -26.99 -24.33
CA SER D 140 7.52 -26.36 -24.14
C SER D 140 8.69 -27.34 -24.31
N GLY D 141 8.36 -28.60 -24.65
CA GLY D 141 9.35 -29.61 -25.00
C GLY D 141 10.02 -30.38 -23.87
N ILE D 142 9.42 -30.37 -22.68
CA ILE D 142 9.84 -31.25 -21.57
C ILE D 142 9.81 -32.71 -22.05
N GLY D 143 10.98 -33.36 -22.08
CA GLY D 143 11.17 -34.65 -22.75
C GLY D 143 10.30 -35.79 -22.26
N GLU D 144 10.20 -35.92 -20.94
CA GLU D 144 9.44 -37.00 -20.30
C GLU D 144 8.44 -36.46 -19.29
N ILE D 145 7.20 -36.94 -19.38
CA ILE D 145 6.16 -36.58 -18.39
C ILE D 145 5.44 -37.81 -17.82
N ILE D 146 5.30 -37.83 -16.49
CA ILE D 146 4.62 -38.92 -15.79
C ILE D 146 3.36 -38.43 -15.10
N LEU D 147 2.23 -38.83 -15.66
CA LEU D 147 0.91 -38.49 -15.13
C LEU D 147 0.50 -39.46 -14.03
N ILE D 148 0.28 -38.95 -12.82
CA ILE D 148 -0.10 -39.78 -11.68
C ILE D 148 -1.47 -39.40 -11.10
N ASP D 149 -2.46 -40.24 -11.36
CA ASP D 149 -3.84 -40.01 -10.91
C ASP D 149 -4.66 -41.26 -11.15
N ASN D 150 -5.56 -41.57 -10.23
CA ASN D 150 -6.44 -42.72 -10.40
C ASN D 150 -7.92 -42.35 -10.55
N ASP D 151 -8.22 -41.08 -10.79
CA ASP D 151 -9.60 -40.63 -10.96
C ASP D 151 -10.09 -40.75 -12.41
N GLN D 152 -11.42 -40.76 -12.57
CA GLN D 152 -12.06 -40.79 -13.88
C GLN D 152 -12.64 -39.42 -14.20
N ILE D 153 -12.84 -39.16 -15.48
CA ILE D 153 -13.39 -37.88 -15.93
C ILE D 153 -14.89 -37.81 -15.67
N GLU D 154 -15.31 -36.73 -15.03
CA GLU D 154 -16.71 -36.50 -14.78
C GLU D 154 -17.17 -35.24 -15.50
N ASN D 155 -18.48 -35.13 -15.73
CA ASN D 155 -19.07 -34.00 -16.45
C ASN D 155 -18.73 -32.67 -15.81
N THR D 156 -18.50 -32.70 -14.50
CA THR D 156 -18.22 -31.51 -13.70
C THR D 156 -16.78 -30.98 -13.90
N ASN D 157 -15.92 -31.82 -14.49
CA ASN D 157 -14.51 -31.48 -14.72
C ASN D 157 -14.31 -30.42 -15.79
N LEU D 158 -15.26 -30.36 -16.71
CA LEU D 158 -15.07 -29.68 -17.99
C LEU D 158 -14.95 -28.16 -17.92
N THR D 159 -15.24 -27.57 -16.76
CA THR D 159 -15.12 -26.11 -16.59
C THR D 159 -13.67 -25.60 -16.53
N ARG D 160 -12.75 -26.48 -16.15
CA ARG D 160 -11.34 -26.12 -15.91
C ARG D 160 -10.37 -27.06 -16.64
N GLN D 161 -10.71 -28.35 -16.66
CA GLN D 161 -9.84 -29.42 -17.17
C GLN D 161 -9.90 -29.46 -18.71
N VAL D 162 -9.22 -28.48 -19.28
CA VAL D 162 -9.29 -28.09 -20.70
C VAL D 162 -8.97 -29.21 -21.72
N LEU D 163 -8.30 -30.27 -21.28
CA LEU D 163 -7.92 -31.36 -22.19
C LEU D 163 -9.07 -32.32 -22.46
N PHE D 164 -10.07 -32.27 -21.60
CA PHE D 164 -11.18 -33.22 -21.62
C PHE D 164 -12.34 -32.73 -22.46
N SER D 165 -13.01 -33.68 -23.10
CA SER D 165 -14.22 -33.43 -23.89
C SER D 165 -15.35 -34.21 -23.27
N GLU D 166 -16.58 -33.87 -23.66
CA GLU D 166 -17.79 -34.55 -23.22
C GLU D 166 -17.71 -36.05 -23.45
N ASP D 167 -17.14 -36.41 -24.59
CA ASP D 167 -17.01 -37.80 -24.98
C ASP D 167 -16.00 -38.59 -24.14
N ASP D 168 -15.20 -37.87 -23.33
CA ASP D 168 -14.18 -38.49 -22.46
C ASP D 168 -14.69 -38.91 -21.10
N VAL D 169 -15.88 -38.43 -20.71
CA VAL D 169 -16.44 -38.69 -19.39
C VAL D 169 -16.57 -40.19 -19.13
N GLY D 170 -15.93 -40.64 -18.04
CA GLY D 170 -15.92 -42.05 -17.67
C GLY D 170 -14.55 -42.69 -17.83
N LYS D 171 -13.75 -42.13 -18.73
CA LYS D 171 -12.39 -42.62 -19.00
C LYS D 171 -11.40 -42.20 -17.91
N ASN D 172 -10.20 -42.78 -17.92
CA ASN D 172 -9.14 -42.40 -17.00
C ASN D 172 -8.64 -41.00 -17.33
N LYS D 173 -8.33 -40.21 -16.31
CA LYS D 173 -7.82 -38.85 -16.54
C LYS D 173 -6.48 -38.89 -17.26
N THR D 174 -5.53 -39.69 -16.74
CA THR D 174 -4.19 -39.85 -17.32
C THR D 174 -4.21 -40.37 -18.75
N GLU D 175 -5.22 -41.17 -19.09
CA GLU D 175 -5.32 -41.72 -20.43
C GLU D 175 -5.61 -40.60 -21.42
N VAL D 176 -6.61 -39.78 -21.10
CA VAL D 176 -7.02 -38.71 -22.00
C VAL D 176 -5.97 -37.61 -22.03
N ILE D 177 -5.37 -37.33 -20.88
CA ILE D 177 -4.26 -36.38 -20.86
C ILE D 177 -3.16 -36.82 -21.83
N LYS D 178 -2.69 -38.05 -21.66
CA LYS D 178 -1.63 -38.61 -22.52
C LYS D 178 -1.91 -38.42 -24.00
N ARG D 179 -3.10 -38.80 -24.47
CA ARG D 179 -3.33 -38.75 -25.90
C ARG D 179 -3.51 -37.32 -26.42
N GLU D 180 -4.01 -36.44 -25.54
CA GLU D 180 -4.14 -35.04 -25.89
C GLU D 180 -2.79 -34.33 -25.93
N LEU D 181 -1.89 -34.68 -25.01
CA LEU D 181 -0.53 -34.16 -25.04
C LEU D 181 0.20 -34.59 -26.31
N LEU D 182 0.07 -35.87 -26.64
CA LEU D 182 0.73 -36.48 -27.80
C LEU D 182 0.26 -35.92 -29.14
N LYS D 183 -1.03 -35.60 -29.25
CA LYS D 183 -1.56 -34.88 -30.40
C LYS D 183 -0.91 -33.50 -30.56
N ARG D 184 -0.50 -32.91 -29.44
CA ARG D 184 0.01 -31.54 -29.40
C ARG D 184 1.51 -31.49 -29.55
N ASN D 185 2.19 -32.45 -28.92
CA ASN D 185 3.63 -32.62 -29.05
C ASN D 185 3.99 -34.11 -29.08
N SER D 186 4.27 -34.63 -30.27
CA SER D 186 4.55 -36.06 -30.44
C SER D 186 6.01 -36.42 -30.15
N GLU D 187 6.82 -35.42 -29.81
CA GLU D 187 8.25 -35.61 -29.61
C GLU D 187 8.59 -35.96 -28.17
N ILE D 188 7.56 -36.07 -27.33
CA ILE D 188 7.79 -36.36 -25.91
C ILE D 188 7.25 -37.73 -25.51
N SER D 189 7.80 -38.28 -24.43
CA SER D 189 7.31 -39.55 -23.92
C SER D 189 6.48 -39.35 -22.67
N VAL D 190 5.26 -39.85 -22.70
CA VAL D 190 4.35 -39.69 -21.58
C VAL D 190 4.06 -41.05 -20.95
N SER D 191 4.20 -41.12 -19.64
CA SER D 191 3.81 -42.30 -18.87
C SER D 191 2.59 -42.03 -17.98
N GLU D 192 1.89 -43.10 -17.61
CA GLU D 192 0.75 -43.02 -16.69
C GLU D 192 0.93 -43.98 -15.51
N ILE D 193 0.72 -43.48 -14.30
CA ILE D 193 0.63 -44.31 -13.12
C ILE D 193 -0.75 -44.14 -12.48
N ALA D 194 -1.54 -45.21 -12.51
CA ALA D 194 -2.90 -45.22 -11.99
C ALA D 194 -2.88 -45.24 -10.46
N LEU D 195 -2.56 -44.10 -9.87
CA LEU D 195 -2.34 -44.00 -8.44
C LEU D 195 -2.87 -42.70 -7.84
N ASN D 196 -3.71 -42.86 -6.82
CA ASN D 196 -4.10 -41.78 -5.92
C ASN D 196 -3.41 -42.06 -4.59
N ILE D 197 -2.82 -41.03 -3.99
CA ILE D 197 -2.11 -41.21 -2.71
C ILE D 197 -3.08 -41.19 -1.52
N ASN D 198 -3.25 -42.37 -0.94
CA ASN D 198 -4.12 -42.53 0.22
C ASN D 198 -3.27 -42.84 1.44
N ASP D 199 -2.09 -43.40 1.19
CA ASP D 199 -1.10 -43.71 2.23
C ASP D 199 0.25 -43.09 1.89
N TYR D 200 0.99 -42.70 2.92
CA TYR D 200 2.34 -42.16 2.76
C TYR D 200 3.24 -43.05 1.91
N THR D 201 3.13 -44.37 2.12
CA THR D 201 3.95 -45.35 1.42
C THR D 201 3.69 -45.38 -0.09
N ASP D 202 2.54 -44.85 -0.50
CA ASP D 202 2.17 -44.77 -1.90
C ASP D 202 3.16 -43.92 -2.68
N LEU D 203 3.77 -42.96 -1.99
CA LEU D 203 4.74 -42.04 -2.62
C LEU D 203 5.94 -42.75 -3.22
N HIS D 204 6.36 -43.86 -2.59
CA HIS D 204 7.48 -44.65 -3.10
C HIS D 204 7.23 -45.24 -4.47
N LYS D 205 5.99 -45.13 -4.95
CA LYS D 205 5.64 -45.61 -6.30
C LYS D 205 5.83 -44.50 -7.33
N VAL D 206 6.03 -43.28 -6.84
CA VAL D 206 6.24 -42.12 -7.70
C VAL D 206 7.72 -42.04 -8.07
N PRO D 207 8.03 -42.16 -9.38
CA PRO D 207 9.40 -42.20 -9.87
C PRO D 207 10.21 -40.94 -9.55
N GLU D 208 11.53 -41.09 -9.53
CA GLU D 208 12.43 -39.96 -9.33
C GLU D 208 12.31 -39.07 -10.55
N ALA D 209 12.41 -37.76 -10.36
CA ALA D 209 12.30 -36.80 -11.47
C ALA D 209 12.99 -35.50 -11.14
N ASP D 210 13.30 -34.72 -12.18
CA ASP D 210 13.88 -33.39 -11.98
C ASP D 210 13.05 -32.60 -10.98
N ILE D 211 11.73 -32.79 -11.02
CA ILE D 211 10.79 -32.07 -10.16
C ILE D 211 9.39 -32.74 -10.14
N TRP D 212 8.70 -32.60 -9.01
CA TRP D 212 7.32 -33.05 -8.89
C TRP D 212 6.41 -31.84 -8.89
N VAL D 213 5.36 -31.89 -9.69
CA VAL D 213 4.33 -30.86 -9.64
C VAL D 213 3.15 -31.42 -8.82
N VAL D 214 2.94 -30.87 -7.64
CA VAL D 214 1.96 -31.42 -6.71
C VAL D 214 0.68 -30.58 -6.64
N SER D 215 -0.42 -31.10 -7.19
CA SER D 215 -1.68 -30.37 -7.16
C SER D 215 -2.90 -31.19 -6.71
N ALA D 216 -2.67 -32.43 -6.29
CA ALA D 216 -3.75 -33.24 -5.71
C ALA D 216 -4.05 -32.75 -4.28
N ASP D 217 -5.33 -32.56 -3.98
CA ASP D 217 -5.74 -31.98 -2.70
C ASP D 217 -6.30 -32.98 -1.69
N HIS D 218 -6.23 -34.28 -2.03
CA HIS D 218 -6.62 -35.33 -1.11
C HIS D 218 -5.42 -36.21 -0.79
N PRO D 219 -5.20 -36.51 0.51
CA PRO D 219 -5.98 -36.03 1.64
C PRO D 219 -5.67 -34.56 1.98
N PHE D 220 -6.34 -34.04 3.00
CA PHE D 220 -6.10 -32.69 3.52
C PHE D 220 -4.61 -32.39 3.74
N ASN D 221 -3.85 -33.44 4.05
CA ASN D 221 -2.45 -33.33 4.44
C ASN D 221 -1.49 -33.89 3.41
N LEU D 222 -1.88 -33.88 2.14
CA LEU D 222 -1.03 -34.46 1.09
C LEU D 222 0.31 -33.75 0.93
N ILE D 223 0.31 -32.41 1.03
CA ILE D 223 1.53 -31.64 0.80
C ILE D 223 2.56 -31.94 1.90
N ASN D 224 2.07 -32.11 3.12
CA ASN D 224 2.90 -32.47 4.25
C ASN D 224 3.58 -33.82 4.02
N TRP D 225 2.81 -34.80 3.57
CA TRP D 225 3.36 -36.10 3.21
C TRP D 225 4.42 -36.00 2.13
N VAL D 226 4.12 -35.22 1.07
CA VAL D 226 5.04 -35.01 -0.05
C VAL D 226 6.29 -34.33 0.45
N ASN D 227 6.11 -33.31 1.27
CA ASN D 227 7.22 -32.53 1.78
C ASN D 227 8.24 -33.39 2.54
N LYS D 228 7.75 -34.08 3.58
CA LYS D 228 8.56 -35.05 4.31
C LYS D 228 9.21 -36.04 3.34
N TYR D 229 8.40 -36.73 2.54
CA TYR D 229 8.94 -37.69 1.57
C TYR D 229 10.05 -37.08 0.70
N CYS D 230 9.84 -35.85 0.25
CA CYS D 230 10.73 -35.21 -0.72
C CYS D 230 12.02 -34.66 -0.10
N VAL D 231 11.94 -34.21 1.15
CA VAL D 231 13.15 -33.87 1.91
C VAL D 231 14.08 -35.09 1.97
N ARG D 232 13.54 -36.23 2.43
CA ARG D 232 14.31 -37.46 2.58
C ARG D 232 14.88 -37.93 1.25
N ALA D 233 14.03 -37.97 0.22
CA ALA D 233 14.42 -38.47 -1.11
C ALA D 233 15.33 -37.52 -1.88
N ASN D 234 15.54 -36.32 -1.33
CA ASN D 234 16.27 -35.25 -2.03
C ASN D 234 15.62 -34.94 -3.39
N GLN D 235 14.30 -34.88 -3.39
CA GLN D 235 13.51 -34.67 -4.59
C GLN D 235 12.88 -33.26 -4.57
N PRO D 236 13.26 -32.41 -5.54
CA PRO D 236 12.64 -31.09 -5.67
C PRO D 236 11.15 -31.17 -6.04
N TYR D 237 10.35 -30.28 -5.48
CA TYR D 237 8.93 -30.19 -5.83
C TYR D 237 8.34 -28.76 -5.75
N ILE D 238 7.20 -28.58 -6.41
CA ILE D 238 6.42 -27.33 -6.34
C ILE D 238 4.94 -27.65 -6.05
N ASN D 239 4.36 -26.91 -5.11
CA ASN D 239 2.93 -26.97 -4.83
C ASN D 239 2.16 -25.92 -5.65
N ALA D 240 0.99 -26.30 -6.14
CA ALA D 240 0.09 -25.37 -6.83
C ALA D 240 -1.38 -25.76 -6.61
N GLY D 241 -2.21 -24.75 -6.41
CA GLY D 241 -3.62 -24.99 -6.21
C GLY D 241 -4.33 -23.67 -6.08
N TYR D 242 -5.31 -23.65 -5.20
CA TYR D 242 -6.12 -22.47 -4.97
C TYR D 242 -6.85 -22.65 -3.63
N VAL D 243 -7.24 -21.52 -3.04
CA VAL D 243 -8.09 -21.49 -1.87
C VAL D 243 -9.32 -20.71 -2.30
N ASN D 244 -10.31 -21.45 -2.82
CA ASN D 244 -11.49 -20.83 -3.44
C ASN D 244 -11.06 -19.83 -4.52
N ASP D 245 -11.33 -18.54 -4.31
CA ASP D 245 -11.08 -17.52 -5.31
C ASP D 245 -9.63 -17.00 -5.39
N ILE D 246 -8.73 -17.58 -4.61
CA ILE D 246 -7.33 -17.18 -4.61
C ILE D 246 -6.49 -18.27 -5.25
N ALA D 247 -5.72 -17.90 -6.29
CA ALA D 247 -4.79 -18.83 -6.92
C ALA D 247 -3.51 -18.92 -6.09
N VAL D 248 -2.98 -20.14 -5.90
CA VAL D 248 -1.78 -20.36 -5.07
C VAL D 248 -0.73 -21.17 -5.83
N PHE D 249 0.51 -20.70 -5.80
CA PHE D 249 1.61 -21.51 -6.30
C PHE D 249 2.86 -21.33 -5.44
N GLY D 250 3.71 -22.36 -5.44
CA GLY D 250 4.84 -22.40 -4.51
C GLY D 250 4.47 -23.07 -3.20
N PRO D 251 5.48 -23.41 -2.38
CA PRO D 251 6.90 -23.13 -2.62
C PRO D 251 7.50 -24.05 -3.65
N LEU D 252 8.64 -23.63 -4.21
CA LEU D 252 9.48 -24.53 -4.96
C LEU D 252 10.59 -24.98 -3.99
N TYR D 253 10.51 -26.25 -3.59
CA TYR D 253 11.48 -26.83 -2.66
C TYR D 253 12.66 -27.39 -3.43
N VAL D 254 13.84 -26.90 -3.08
CA VAL D 254 15.09 -27.39 -3.65
C VAL D 254 15.88 -27.92 -2.46
N PRO D 255 16.25 -29.22 -2.50
CA PRO D 255 17.01 -29.85 -1.41
C PRO D 255 18.34 -29.14 -1.15
N GLY D 256 18.50 -28.63 0.06
CA GLY D 256 19.75 -28.04 0.51
C GLY D 256 19.92 -26.56 0.20
N LYS D 257 18.94 -25.97 -0.49
CA LYS D 257 19.04 -24.57 -0.94
C LYS D 257 17.90 -23.68 -0.45
N THR D 258 16.67 -24.17 -0.57
CA THR D 258 15.50 -23.44 -0.12
C THR D 258 15.02 -23.96 1.23
N GLY D 259 13.93 -23.39 1.74
CA GLY D 259 13.22 -23.93 2.89
C GLY D 259 12.18 -24.94 2.45
N CYS D 260 11.71 -25.76 3.40
CA CYS D 260 10.68 -26.75 3.10
C CYS D 260 9.34 -26.22 3.58
N TYR D 261 8.26 -26.94 3.28
CA TYR D 261 6.89 -26.48 3.59
C TYR D 261 6.68 -26.23 5.09
N GLU D 262 7.38 -27.03 5.90
CA GLU D 262 7.26 -27.01 7.35
C GLU D 262 8.08 -25.92 8.09
N CYS D 263 9.11 -25.37 7.44
CA CYS D 263 10.00 -24.36 8.07
C CYS D 263 9.28 -23.23 8.79
N GLN D 264 8.35 -22.60 8.10
CA GLN D 264 7.50 -21.58 8.70
C GLN D 264 6.08 -22.13 8.64
N LYS D 265 5.40 -22.09 9.79
CA LYS D 265 4.03 -22.58 9.87
C LYS D 265 3.06 -21.50 9.36
N VAL D 266 2.87 -21.48 8.05
CA VAL D 266 2.09 -20.43 7.38
C VAL D 266 0.58 -20.71 7.38
N VAL D 267 0.19 -21.95 7.09
CA VAL D 267 -1.23 -22.33 7.05
C VAL D 267 -1.74 -22.83 8.40
N ALA D 268 -3.04 -22.65 8.64
CA ALA D 268 -3.69 -23.19 9.83
C ALA D 268 -4.35 -24.53 9.52
N ASP D 269 -4.13 -25.51 10.39
CA ASP D 269 -4.67 -26.86 10.16
C ASP D 269 -6.19 -26.97 10.32
N LEU D 270 -6.79 -27.71 9.39
CA LEU D 270 -8.24 -27.92 9.37
C LEU D 270 -8.74 -28.84 10.49
N TYR D 271 -7.82 -29.57 11.13
CA TYR D 271 -8.21 -30.53 12.17
C TYR D 271 -7.40 -30.38 13.46
N LYS D 275 -10.51 -32.46 20.73
CA LYS D 275 -10.66 -32.27 22.17
C LYS D 275 -12.12 -32.02 22.59
N GLU D 276 -12.55 -30.76 22.54
CA GLU D 276 -13.87 -30.36 23.03
C GLU D 276 -15.05 -30.82 22.15
N ASN D 277 -16.26 -30.36 22.50
CA ASN D 277 -17.46 -30.59 21.68
C ASN D 277 -17.42 -29.74 20.41
N ILE D 278 -16.65 -28.66 20.44
CA ILE D 278 -16.45 -27.81 19.28
C ILE D 278 -15.61 -28.54 18.21
N ASP D 279 -14.77 -29.47 18.65
CA ASP D 279 -13.81 -30.13 17.77
C ASP D 279 -14.43 -31.11 16.77
N HIS D 280 -15.61 -31.65 17.08
CA HIS D 280 -16.25 -32.59 16.16
C HIS D 280 -17.16 -31.85 15.18
N LYS D 281 -17.69 -30.71 15.62
CA LYS D 281 -18.52 -29.85 14.80
C LYS D 281 -17.69 -29.21 13.70
N ILE D 282 -16.52 -28.69 14.09
CA ILE D 282 -15.49 -28.22 13.16
C ILE D 282 -15.17 -29.32 12.14
N LYS D 283 -14.98 -30.54 12.64
CA LYS D 283 -14.58 -31.66 11.80
C LYS D 283 -15.62 -31.97 10.73
N LEU D 284 -16.88 -32.00 11.17
CA LEU D 284 -18.00 -32.29 10.29
C LEU D 284 -18.20 -31.23 9.21
N ILE D 285 -18.02 -29.96 9.58
CA ILE D 285 -18.05 -28.86 8.64
C ILE D 285 -16.93 -28.98 7.59
N ASN D 286 -15.71 -29.19 8.05
CA ASN D 286 -14.56 -29.28 7.16
C ASN D 286 -14.60 -30.52 6.27
N SER D 287 -15.21 -31.60 6.78
CA SER D 287 -15.29 -32.87 6.04
C SER D 287 -16.20 -32.75 4.82
N ARG D 288 -17.13 -31.79 4.88
CA ARG D 288 -18.05 -31.55 3.79
C ARG D 288 -17.59 -30.44 2.85
N PHE D 289 -16.39 -29.91 3.09
CA PHE D 289 -15.85 -28.82 2.27
C PHE D 289 -15.68 -29.23 0.81
N LYS D 290 -16.11 -28.34 -0.07
CA LYS D 290 -15.93 -28.52 -1.49
C LYS D 290 -15.49 -27.18 -2.07
N PRO D 291 -14.30 -27.14 -2.71
CA PRO D 291 -13.71 -25.89 -3.19
C PRO D 291 -14.60 -25.20 -4.21
N ALA D 292 -14.75 -23.88 -4.08
CA ALA D 292 -15.44 -23.09 -5.09
C ALA D 292 -14.50 -22.89 -6.29
N THR D 293 -14.32 -23.98 -7.06
CA THR D 293 -13.39 -23.97 -8.20
C THR D 293 -13.91 -23.04 -9.31
N PHE D 294 -12.99 -22.24 -9.84
CA PHE D 294 -13.28 -21.27 -10.90
C PHE D 294 -12.10 -21.37 -11.85
N ALA D 295 -12.36 -21.68 -13.12
CA ALA D 295 -11.30 -21.90 -14.11
C ALA D 295 -10.24 -20.78 -14.18
N PRO D 296 -10.65 -19.50 -14.26
CA PRO D 296 -9.62 -18.46 -14.32
C PRO D 296 -8.61 -18.52 -13.18
N VAL D 297 -9.09 -18.82 -11.98
CA VAL D 297 -8.24 -18.98 -10.79
C VAL D 297 -7.28 -20.18 -10.93
N ASN D 298 -7.85 -21.35 -11.19
CA ASN D 298 -7.07 -22.54 -11.51
C ASN D 298 -5.97 -22.26 -12.54
N ASN D 299 -6.35 -21.64 -13.65
CA ASN D 299 -5.45 -21.39 -14.79
C ASN D 299 -4.27 -20.49 -14.44
N VAL D 300 -4.52 -19.45 -13.63
CA VAL D 300 -3.47 -18.57 -13.14
C VAL D 300 -2.45 -19.36 -12.30
N ALA D 301 -2.95 -20.15 -11.35
CA ALA D 301 -2.09 -20.94 -10.50
C ALA D 301 -1.24 -21.89 -11.33
N ALA D 302 -1.89 -22.58 -12.26
CA ALA D 302 -1.21 -23.54 -13.12
C ALA D 302 -0.16 -22.90 -14.01
N ALA D 303 -0.49 -21.74 -14.59
CA ALA D 303 0.42 -21.03 -15.49
C ALA D 303 1.70 -20.62 -14.79
N LEU D 304 1.58 -20.00 -13.62
CA LEU D 304 2.76 -19.53 -12.89
C LEU D 304 3.58 -20.67 -12.28
N CYS D 305 2.91 -21.76 -11.94
CA CYS D 305 3.59 -22.97 -11.55
C CYS D 305 4.37 -23.55 -12.75
N ALA D 306 3.75 -23.65 -13.92
CA ALA D 306 4.46 -24.10 -15.12
C ALA D 306 5.68 -23.24 -15.46
N ALA D 307 5.55 -21.92 -15.31
CA ALA D 307 6.67 -21.00 -15.56
C ALA D 307 7.86 -21.29 -14.64
N ASP D 308 7.58 -21.55 -13.36
CA ASP D 308 8.63 -21.82 -12.40
C ASP D 308 9.31 -23.16 -12.62
N VAL D 309 8.57 -24.13 -13.13
CA VAL D 309 9.15 -25.41 -13.50
C VAL D 309 10.10 -25.25 -14.69
N ILE D 310 9.67 -24.48 -15.69
CA ILE D 310 10.49 -24.26 -16.88
C ILE D 310 11.77 -23.51 -16.51
N LYS D 311 11.67 -22.59 -15.56
CA LYS D 311 12.81 -21.80 -15.10
C LYS D 311 13.74 -22.62 -14.22
N PHE D 312 13.16 -23.43 -13.33
CA PHE D 312 13.94 -24.36 -12.51
C PHE D 312 14.76 -25.33 -13.36
N ILE D 313 14.14 -25.89 -14.39
CA ILE D 313 14.80 -26.86 -15.27
C ILE D 313 15.69 -26.19 -16.33
N GLY D 314 15.29 -25.00 -16.77
CA GLY D 314 16.01 -24.30 -17.82
C GLY D 314 17.18 -23.49 -17.30
N LYS D 315 17.08 -23.03 -16.06
CA LYS D 315 18.17 -22.34 -15.35
C LYS D 315 18.47 -20.94 -15.88
N TYR D 316 17.58 -20.39 -16.69
CA TYR D 316 17.82 -19.11 -17.35
C TYR D 316 17.31 -17.91 -16.55
N SER D 317 16.50 -18.18 -15.52
CA SER D 317 15.97 -17.13 -14.67
C SER D 317 15.54 -17.74 -13.34
N GLU D 318 15.40 -16.91 -12.30
CA GLU D 318 15.10 -17.46 -10.98
C GLU D 318 13.60 -17.65 -10.81
N PRO D 319 13.17 -18.87 -10.45
CA PRO D 319 11.77 -19.14 -10.16
C PRO D 319 11.29 -18.23 -9.05
N LEU D 320 10.07 -17.71 -9.21
CA LEU D 320 9.45 -16.80 -8.24
C LEU D 320 9.20 -17.43 -6.88
N SER D 321 8.86 -18.73 -6.86
CA SER D 321 8.39 -19.37 -5.63
C SER D 321 9.46 -20.08 -4.79
N LEU D 322 10.73 -19.79 -5.05
CA LEU D 322 11.79 -20.18 -4.11
C LEU D 322 11.51 -19.49 -2.78
N ASN D 323 11.46 -20.28 -1.70
CA ASN D 323 11.19 -19.78 -0.34
C ASN D 323 9.88 -18.98 -0.18
N LYS D 324 8.95 -19.14 -1.12
CA LYS D 324 7.71 -18.35 -1.16
C LYS D 324 6.49 -19.15 -1.58
N ARG D 325 5.41 -18.98 -0.83
CA ARG D 325 4.12 -19.49 -1.23
C ARG D 325 3.32 -18.30 -1.70
N ILE D 326 3.03 -18.23 -3.00
CA ILE D 326 2.41 -17.03 -3.57
C ILE D 326 0.93 -17.18 -3.89
N GLY D 327 0.12 -16.26 -3.35
CA GLY D 327 -1.31 -16.19 -3.61
C GLY D 327 -1.64 -15.01 -4.52
N ILE D 328 -2.51 -15.25 -5.50
CA ILE D 328 -3.02 -14.19 -6.38
C ILE D 328 -4.54 -14.11 -6.27
N TRP D 329 -5.03 -12.98 -5.76
CA TRP D 329 -6.47 -12.74 -5.60
C TRP D 329 -7.18 -12.59 -6.95
N SER D 330 -8.44 -12.96 -6.99
CA SER D 330 -9.25 -12.82 -8.20
C SER D 330 -10.34 -11.76 -8.04
N ASP D 331 -10.71 -11.43 -6.80
CA ASP D 331 -11.76 -10.43 -6.56
C ASP D 331 -11.17 -9.07 -6.17
N GLU D 332 -9.85 -9.01 -6.13
CA GLU D 332 -9.14 -7.75 -6.01
C GLU D 332 -7.80 -7.86 -6.69
N ILE D 333 -7.17 -6.72 -6.93
CA ILE D 333 -5.86 -6.69 -7.53
C ILE D 333 -4.87 -6.83 -6.38
N LYS D 334 -4.34 -8.05 -6.22
CA LYS D 334 -3.49 -8.36 -5.07
C LYS D 334 -2.65 -9.60 -5.31
N ILE D 335 -1.37 -9.45 -5.01
CA ILE D 335 -0.44 -10.54 -5.01
C ILE D 335 0.30 -10.49 -3.66
N HIS D 336 0.29 -11.62 -2.95
CA HIS D 336 0.95 -11.72 -1.66
C HIS D 336 1.68 -13.04 -1.51
N SER D 337 2.94 -12.94 -1.07
CA SER D 337 3.74 -14.11 -0.75
C SER D 337 3.95 -14.31 0.76
N GLN D 338 3.80 -15.56 1.21
CA GLN D 338 4.19 -15.95 2.54
C GLN D 338 5.64 -16.43 2.49
N ASN D 339 6.43 -16.03 3.49
CA ASN D 339 7.82 -16.46 3.63
C ASN D 339 7.92 -17.94 4.00
N MET D 340 8.70 -18.67 3.21
CA MET D 340 8.95 -20.10 3.42
C MET D 340 10.47 -20.34 3.46
N GLY D 341 11.20 -19.36 3.99
CA GLY D 341 12.65 -19.43 4.09
C GLY D 341 13.10 -20.51 5.07
N ARG D 342 14.25 -21.10 4.81
CA ARG D 342 14.77 -22.21 5.61
C ARG D 342 14.88 -21.86 7.10
N SER D 343 14.23 -22.67 7.92
CA SER D 343 14.35 -22.55 9.38
C SER D 343 15.41 -23.51 9.92
N PRO D 344 16.37 -22.98 10.69
CA PRO D 344 17.40 -23.78 11.34
C PRO D 344 16.82 -24.78 12.35
N VAL D 345 15.66 -24.43 12.94
CA VAL D 345 15.00 -25.24 13.96
C VAL D 345 13.86 -26.14 13.40
N CYS D 346 13.77 -26.25 12.07
CA CYS D 346 12.71 -27.03 11.44
C CYS D 346 12.83 -28.53 11.77
N SER D 347 11.70 -29.18 12.04
CA SER D 347 11.65 -30.59 12.39
C SER D 347 12.04 -31.47 11.20
N VAL D 348 11.41 -31.21 10.05
CA VAL D 348 11.53 -32.05 8.87
C VAL D 348 12.91 -32.01 8.22
N CYS D 349 13.41 -30.80 7.94
CA CYS D 349 14.66 -30.65 7.19
C CYS D 349 15.81 -30.09 8.04
N GLY D 350 15.47 -29.62 9.24
CA GLY D 350 16.42 -29.00 10.16
C GLY D 350 17.66 -29.82 10.45
N MET E 1 -5.54 19.06 29.87
CA MET E 1 -4.25 19.63 30.37
C MET E 1 -4.16 19.75 31.89
N ARG E 2 -5.27 19.52 32.61
CA ARG E 2 -5.31 19.71 34.06
C ARG E 2 -5.67 18.45 34.85
N THR E 3 -6.50 17.59 34.26
CA THR E 3 -7.07 16.41 34.95
C THR E 3 -6.05 15.29 35.14
N GLY E 4 -5.22 15.40 36.18
CA GLY E 4 -4.08 14.50 36.37
C GLY E 4 -2.92 14.86 35.46
N ASN E 5 -1.98 13.93 35.33
CA ASN E 5 -0.81 14.11 34.48
C ASN E 5 -1.09 13.73 33.02
N ALA E 6 -0.06 13.80 32.17
CA ALA E 6 -0.18 13.38 30.78
C ALA E 6 0.02 11.87 30.62
C XSN E 7 0.24 9.62 28.16
N XSN E 7 -0.68 11.30 29.65
O XSN E 7 0.77 10.57 27.57
CA XSN E 7 -0.61 9.88 29.38
CB XSN E 7 -2.01 9.32 29.20
CG XSN E 7 -2.90 9.59 30.40
OD1 XSN E 7 -2.78 8.85 31.40
OD2 XSN E 7 -3.67 10.57 30.35
N1 XSN E 7 0.41 8.35 27.76
N MET F 1 4.32 32.17 6.03
CA MET F 1 3.18 31.46 5.37
C MET F 1 2.82 32.03 3.99
N ARG F 2 3.36 33.20 3.66
CA ARG F 2 2.98 33.89 2.42
C ARG F 2 4.01 33.80 1.28
N THR F 3 5.28 33.62 1.64
CA THR F 3 6.38 33.54 0.67
C THR F 3 6.33 32.21 -0.11
N GLY F 4 5.67 32.23 -1.27
CA GLY F 4 5.50 31.04 -2.10
C GLY F 4 4.54 30.00 -1.53
N ASN F 5 4.42 28.88 -2.24
CA ASN F 5 3.60 27.78 -1.77
C ASN F 5 4.36 27.03 -0.70
N ALA F 6 3.70 26.07 -0.05
CA ALA F 6 4.35 25.22 0.94
C ALA F 6 5.36 24.34 0.24
C XSN F 7 7.31 21.72 0.99
N XSN F 7 6.41 23.98 0.97
O XSN F 7 6.45 21.49 1.84
CA XSN F 7 7.46 23.13 0.44
CB XSN F 7 8.82 23.73 0.79
CG XSN F 7 8.93 25.19 0.40
OD1 XSN F 7 8.77 25.51 -0.80
OD2 XSN F 7 9.15 26.04 1.30
N1 XSN F 7 8.10 20.76 0.50
N MET G 1 4.72 -2.27 -19.94
CA MET G 1 3.29 -1.89 -20.13
C MET G 1 3.12 -0.60 -20.92
N ARG G 2 4.21 0.06 -21.28
CA ARG G 2 4.13 1.32 -22.00
C ARG G 2 4.39 1.13 -23.49
N ASN G 5 1.42 -1.18 -27.50
CA ASN G 5 0.26 -1.81 -26.85
C ASN G 5 0.46 -3.31 -26.63
N ALA G 6 -0.60 -3.98 -26.17
CA ALA G 6 -0.58 -5.41 -25.85
C ALA G 6 -0.43 -6.29 -27.11
C XSN G 7 -0.07 -9.50 -28.00
N XSN G 7 0.46 -7.27 -27.02
O XSN G 7 -0.82 -9.66 -27.04
CA XSN G 7 0.73 -8.20 -28.12
CB XSN G 7 2.24 -8.48 -28.24
CG XSN G 7 3.06 -7.21 -28.49
OD1 XSN G 7 3.95 -6.90 -27.67
OD2 XSN G 7 2.80 -6.51 -29.50
N1 XSN G 7 0.07 -10.40 -28.96
N MET H 1 -5.55 -17.75 2.02
CA MET H 1 -4.23 -18.46 1.98
C MET H 1 -3.88 -19.20 3.27
N ARG H 2 -4.72 -19.07 4.30
CA ARG H 2 -4.37 -19.62 5.62
C ARG H 2 -5.22 -20.82 6.06
N THR H 3 -6.49 -20.85 5.64
CA THR H 3 -7.42 -21.90 6.09
C THR H 3 -7.09 -23.25 5.42
N GLY H 4 -6.18 -23.99 6.02
CA GLY H 4 -5.78 -25.30 5.50
C GLY H 4 -4.79 -25.14 4.37
N ASN H 5 -4.40 -26.27 3.78
CA ASN H 5 -3.52 -26.27 2.63
C ASN H 5 -4.20 -25.73 1.37
N ALA H 6 -3.54 -25.84 0.22
CA ALA H 6 -4.15 -25.46 -1.05
C ALA H 6 -5.11 -26.56 -1.52
C XSN H 7 -6.73 -27.30 -4.33
N XSN H 7 -6.14 -26.16 -2.26
O XSN H 7 -5.74 -26.74 -4.77
CA XSN H 7 -7.07 -27.13 -2.85
CB XSN H 7 -8.51 -26.66 -2.65
CG XSN H 7 -8.87 -26.51 -1.18
OD1 XSN H 7 -9.26 -25.40 -0.76
OD2 XSN H 7 -8.73 -27.51 -0.43
N1 XSN H 7 -7.50 -28.08 -5.08
ZN ZN I . 9.98 23.23 41.97
S SO4 J . 1.97 4.22 24.75
O1 SO4 J . 0.61 4.39 25.28
O2 SO4 J . 2.91 4.94 25.59
O3 SO4 J . 2.32 2.80 24.73
O4 SO4 J . 2.00 4.74 23.38
ZN ZN K . -11.41 29.28 -5.93
S SO4 L . -7.86 -3.91 31.24
O1 SO4 L . -9.29 -4.21 31.22
O2 SO4 L . -7.57 -3.00 32.34
O3 SO4 L . -7.12 -5.15 31.44
O4 SO4 L . -7.45 -3.31 29.97
S SO4 M . 10.95 16.06 1.37
O1 SO4 M . 9.86 16.98 1.68
O2 SO4 M . 12.19 16.82 1.19
O3 SO4 M . 11.13 15.13 2.48
O4 SO4 M . 10.64 15.33 0.14
ZN ZN N . -12.41 8.28 -23.18
S SO4 O . -0.77 -15.06 -30.23
O1 SO4 O . -2.00 -14.58 -30.85
O2 SO4 O . -0.53 -14.32 -28.99
O3 SO4 O . -0.88 -16.49 -29.95
O4 SO4 O . 0.36 -14.83 -31.13
S SO4 P . -24.48 -29.78 22.09
O1 SO4 P . -24.87 -29.04 20.88
O2 SO4 P . -25.68 -30.04 22.89
O3 SO4 P . -23.86 -31.05 21.73
O4 SO4 P . -23.54 -28.98 22.86
ZN ZN Q . 12.02 -27.32 6.76
S SO4 R . -9.50 -30.03 -9.44
O1 SO4 R . -10.88 -30.28 -9.00
O2 SO4 R . -8.80 -29.29 -8.38
O3 SO4 R . -8.82 -31.29 -9.65
O4 SO4 R . -9.53 -29.24 -10.66
S SO4 S . -8.49 -44.70 -5.21
O1 SO4 S . -8.62 -45.93 -4.44
O2 SO4 S . -8.27 -43.59 -4.30
O3 SO4 S . -7.38 -44.85 -6.14
O4 SO4 S . -9.72 -44.45 -5.98
#